data_2FGH
#
_entry.id   2FGH
#
_cell.length_a   167.344
_cell.length_b   167.344
_cell.length_c   149.883
_cell.angle_alpha   90.00
_cell.angle_beta   90.00
_cell.angle_gamma   90.00
#
_symmetry.space_group_name_H-M   'P 4 21 2'
#
loop_
_entity.id
_entity.type
_entity.pdbx_description
1 polymer gelsolin
2 non-polymer "ADENOSINE-5'-TRIPHOSPHATE"
3 water water
#
_entity_poly.entity_id   1
_entity_poly.type   'polypeptide(L)'
_entity_poly.pdbx_seq_one_letter_code
;MVVEHPEFLKAGKEPGLQIWRVEKFDLVPVPPNLYGDFFTGDAYVILKTVQLRNGILQYDLHYWLGNECSQDESGAAAIF
TVQLDDYLNGRAVQHREVQGFESATFLGYFKSGLKYKKGGVASGFKHVVPNEVVVQRLLQVKGRRVVRATEVPVSWESFN
NGDCFILDLGNNIYQWCGSKSNRFERLKATQVSKGIRDNERSGRAQVSVFEEGAEPEAMLQVLGPKPTLPEATEDTVKED
AANRKLAKLYKVSNGAGPMVVSLVADENPFAQGALRSEDCFILDHGKDGKIFVWKGKQANMEERKAALKTASDFISKMDY
PKQTQVSVLPEGGETPLFRQFFKNWRDPDQTEGLGLAYLSSHIAHVERVPFDAATLHTSTAMAAQHGMDDDGTGQKQIWR
VEGSNKVPVDPATYGQFYGGDSYIILYNYRHGSRQGQIIYNWQGAQSTQDEVAASAILTAQLDEELGGTPVQSRVVQGKE
PAHLMSLFGGKPMIVYKGGTSREGGQTAPASTRLFQVRASSSGATRAVEIIPKAGALNSNDAFVLKTPSAAYLWVGAGAS
EAEKTGAQELLRVLRAQPVQVAEGSEPDSFWEALGGKATYRTSPRLKDKKMDAHPPRLFACSNKIGRFVIEEVPGEFMQE
DLATDDVMLLDTWDQVFVWVGKDSQDEEKTEALTSAKRYIDTDPAHRDRRTPITVVKQGFEPPSFVGWFLGWDDSYWSVD
PLDRALAELAA
;
_entity_poly.pdbx_strand_id   A,B
#
loop_
_chem_comp.id
_chem_comp.type
_chem_comp.name
_chem_comp.formula
ATP non-polymer ADENOSINE-5'-TRIPHOSPHATE 'C10 H16 N5 O13 P3'
#
# COMPACT_ATOMS: atom_id res chain seq x y z
N VAL A 3 25.21 9.63 -35.63
CA VAL A 3 24.37 10.29 -34.58
C VAL A 3 25.13 10.32 -33.24
N GLU A 4 25.60 9.14 -32.83
CA GLU A 4 26.41 8.92 -31.59
C GLU A 4 25.65 9.01 -30.23
N HIS A 5 24.63 9.87 -30.20
CA HIS A 5 23.53 9.92 -29.21
C HIS A 5 23.29 11.34 -28.73
N PRO A 6 22.15 11.94 -29.07
CA PRO A 6 21.95 13.38 -28.86
C PRO A 6 22.23 13.90 -27.45
N GLU A 7 22.02 13.05 -26.44
CA GLU A 7 22.30 13.42 -25.05
C GLU A 7 23.80 13.41 -24.74
N PHE A 8 24.57 12.57 -25.44
CA PHE A 8 26.04 12.67 -25.39
C PHE A 8 26.56 14.09 -25.69
N LEU A 9 25.93 14.80 -26.64
CA LEU A 9 26.35 16.17 -26.98
C LEU A 9 25.94 17.19 -25.92
N LYS A 10 24.89 16.87 -25.15
CA LYS A 10 24.48 17.68 -24.01
C LYS A 10 25.37 17.41 -22.78
N ALA A 11 26.19 16.36 -22.86
CA ALA A 11 26.84 15.78 -21.69
C ALA A 11 28.23 16.33 -21.41
N GLY A 12 28.41 16.78 -20.18
CA GLY A 12 29.74 17.07 -19.64
C GLY A 12 30.33 18.35 -20.18
N LYS A 13 29.47 19.27 -20.57
CA LYS A 13 29.91 20.51 -21.18
C LYS A 13 30.32 21.53 -20.13
N GLU A 14 29.49 21.73 -19.12
CA GLU A 14 29.82 22.60 -17.98
C GLU A 14 29.76 21.87 -16.62
N PRO A 15 30.37 22.44 -15.58
CA PRO A 15 30.29 21.85 -14.25
C PRO A 15 28.84 21.78 -13.81
N GLY A 16 28.50 20.71 -13.10
CA GLY A 16 27.14 20.40 -12.75
C GLY A 16 26.88 18.91 -12.68
N LEU A 17 25.61 18.56 -12.53
CA LEU A 17 25.18 17.20 -12.34
C LEU A 17 24.11 16.94 -13.35
N GLN A 18 24.20 15.81 -14.03
CA GLN A 18 23.21 15.43 -15.05
C GLN A 18 22.73 14.03 -14.76
N ILE A 19 21.42 13.85 -14.80
CA ILE A 19 20.83 12.53 -14.58
C ILE A 19 19.87 12.17 -15.71
N TRP A 20 20.18 11.08 -16.39
CA TRP A 20 19.25 10.47 -17.34
C TRP A 20 18.77 9.18 -16.75
N ARG A 21 17.51 8.90 -16.99
CA ARG A 21 16.95 7.59 -16.66
C ARG A 21 16.96 6.74 -17.92
N VAL A 22 17.32 5.47 -17.80
CA VAL A 22 17.30 4.57 -18.95
C VAL A 22 15.87 4.11 -19.25
N GLU A 23 15.42 4.37 -20.48
CA GLU A 23 14.06 4.12 -20.92
C GLU A 23 14.10 3.42 -22.29
N LYS A 24 14.00 2.09 -22.29
CA LYS A 24 13.91 1.31 -23.53
C LYS A 24 15.13 1.59 -24.41
N PHE A 25 16.30 1.42 -23.83
CA PHE A 25 17.58 1.68 -24.51
C PHE A 25 17.73 3.10 -25.08
N ASP A 26 17.29 4.08 -24.28
CA ASP A 26 17.47 5.49 -24.57
C ASP A 26 17.75 6.27 -23.28
N LEU A 27 18.42 7.42 -23.40
CA LEU A 27 18.67 8.29 -22.27
C LEU A 27 17.63 9.40 -22.25
N VAL A 28 16.81 9.41 -21.22
CA VAL A 28 15.79 10.42 -21.04
C VAL A 28 16.11 11.21 -19.77
N PRO A 29 16.24 12.54 -19.90
CA PRO A 29 16.66 13.37 -18.76
C PRO A 29 15.61 13.37 -17.69
N VAL A 30 16.00 13.06 -16.47
CA VAL A 30 15.18 13.32 -15.30
C VAL A 30 15.06 14.85 -15.18
N PRO A 31 13.88 15.36 -14.85
CA PRO A 31 13.75 16.81 -14.61
C PRO A 31 14.61 17.24 -13.42
N PRO A 32 15.27 18.37 -13.47
CA PRO A 32 16.20 18.74 -12.40
C PRO A 32 15.58 18.84 -10.99
N ASN A 33 14.33 19.23 -10.90
CA ASN A 33 13.68 19.35 -9.58
C ASN A 33 13.45 18.02 -8.87
N LEU A 34 13.55 16.91 -9.62
CA LEU A 34 13.33 15.57 -9.06
C LEU A 34 14.61 14.77 -8.94
N TYR A 35 15.75 15.42 -9.16
CA TYR A 35 17.05 14.79 -8.91
C TYR A 35 17.06 14.20 -7.50
N GLY A 36 17.54 12.96 -7.38
CA GLY A 36 17.45 12.22 -6.12
C GLY A 36 16.28 11.24 -6.09
N ASP A 37 15.25 11.48 -6.90
CA ASP A 37 14.19 10.50 -7.13
C ASP A 37 14.71 9.41 -8.06
N PHE A 38 14.47 8.15 -7.70
CA PHE A 38 14.89 7.01 -8.51
C PHE A 38 13.87 5.89 -8.41
N PHE A 39 13.33 5.45 -9.55
CA PHE A 39 12.46 4.26 -9.59
C PHE A 39 13.24 2.98 -9.31
N THR A 40 12.63 2.13 -8.50
CA THR A 40 13.25 0.89 -8.01
C THR A 40 13.36 -0.16 -9.10
N GLY A 41 12.55 -0.06 -10.14
CA GLY A 41 12.62 -0.98 -11.25
C GLY A 41 13.18 -0.34 -12.49
N ASP A 42 14.10 0.61 -12.30
CA ASP A 42 14.76 1.30 -13.40
C ASP A 42 16.24 1.40 -13.17
N ALA A 43 16.94 1.77 -14.23
CA ALA A 43 18.36 2.05 -14.14
C ALA A 43 18.61 3.45 -14.67
N TYR A 44 19.68 4.07 -14.17
CA TYR A 44 19.97 5.47 -14.51
C TYR A 44 21.43 5.65 -14.83
N VAL A 45 21.73 6.74 -15.52
CA VAL A 45 23.10 7.18 -15.70
C VAL A 45 23.25 8.58 -15.13
N ILE A 46 24.33 8.77 -14.39
CA ILE A 46 24.55 10.01 -13.65
C ILE A 46 25.93 10.51 -13.95
N LEU A 47 26.01 11.71 -14.52
CA LEU A 47 27.28 12.33 -14.78
C LEU A 47 27.47 13.61 -13.95
N LYS A 48 28.54 13.62 -13.17
CA LYS A 48 28.90 14.74 -12.33
C LYS A 48 30.17 15.32 -12.90
N THR A 49 30.10 16.58 -13.33
CA THR A 49 31.24 17.27 -13.89
C THR A 49 31.79 18.28 -12.88
N VAL A 50 33.06 18.11 -12.53
CA VAL A 50 33.75 19.02 -11.62
C VAL A 50 34.77 19.88 -12.37
N GLN A 51 34.77 21.17 -12.09
CA GLN A 51 35.82 22.03 -12.61
C GLN A 51 37.07 21.86 -11.77
N LEU A 52 38.10 21.32 -12.40
CA LEU A 52 39.43 21.30 -11.80
C LEU A 52 39.97 22.73 -11.68
N ARG A 53 40.94 22.91 -10.80
CA ARG A 53 41.47 24.24 -10.52
C ARG A 53 42.25 24.85 -11.69
N ASN A 54 42.86 24.02 -12.51
CA ASN A 54 43.49 24.48 -13.74
C ASN A 54 42.50 24.78 -14.90
N GLY A 55 41.20 24.64 -14.65
CA GLY A 55 40.17 24.89 -15.65
C GLY A 55 39.66 23.67 -16.42
N ILE A 56 40.56 22.68 -16.62
CA ILE A 56 40.25 21.39 -17.26
C ILE A 56 39.06 20.73 -16.53
N LEU A 57 38.25 19.93 -17.22
CA LEU A 57 37.04 19.31 -16.62
C LEU A 57 37.28 17.88 -16.10
N GLN A 58 36.51 17.50 -15.09
CA GLN A 58 36.59 16.18 -14.47
C GLN A 58 35.23 15.51 -14.49
N TYR A 59 35.22 14.20 -14.73
CA TYR A 59 33.98 13.44 -14.86
C TYR A 59 33.90 12.24 -13.93
N ASP A 60 32.83 12.17 -13.14
CA ASP A 60 32.48 10.92 -12.45
C ASP A 60 31.17 10.38 -13.05
N LEU A 61 31.26 9.19 -13.64
CA LEU A 61 30.12 8.49 -14.26
C LEU A 61 29.59 7.38 -13.36
N HIS A 62 28.30 7.45 -13.01
CA HIS A 62 27.63 6.36 -12.23
C HIS A 62 26.52 5.87 -13.04
N TYR A 63 26.39 4.57 -13.01
CA TYR A 63 25.13 4.03 -13.33
C TYR A 63 24.56 3.40 -12.07
N TRP A 64 23.27 3.65 -11.89
CA TRP A 64 22.54 3.25 -10.70
C TRP A 64 21.48 2.22 -11.09
N LEU A 65 21.48 1.10 -10.37
CA LEU A 65 20.56 -0.03 -10.60
C LEU A 65 19.57 -0.21 -9.45
N GLY A 66 18.29 -0.03 -9.76
CA GLY A 66 17.23 -0.35 -8.80
C GLY A 66 17.17 -1.84 -8.46
N ASN A 67 16.64 -2.15 -7.28
CA ASN A 67 16.56 -3.54 -6.79
C ASN A 67 15.62 -4.39 -7.64
N GLU A 68 14.55 -3.78 -8.12
CA GLU A 68 13.57 -4.43 -9.00
C GLU A 68 13.93 -4.23 -10.49
N CYS A 69 15.22 -4.10 -10.77
CA CYS A 69 15.70 -3.79 -12.12
C CYS A 69 15.68 -5.00 -13.06
N SER A 70 15.33 -4.76 -14.33
CA SER A 70 15.51 -5.77 -15.38
C SER A 70 17.01 -6.11 -15.60
N GLN A 71 17.25 -7.28 -16.18
CA GLN A 71 18.59 -7.67 -16.64
C GLN A 71 18.97 -6.86 -17.89
N ASP A 72 17.93 -6.47 -18.66
CA ASP A 72 18.08 -5.67 -19.88
C ASP A 72 18.31 -4.17 -19.62
N GLU A 73 17.49 -3.55 -18.77
CA GLU A 73 17.62 -2.11 -18.47
C GLU A 73 18.98 -1.78 -17.82
N SER A 74 19.51 -2.71 -17.02
CA SER A 74 20.80 -2.53 -16.36
C SER A 74 22.00 -2.81 -17.27
N GLY A 75 21.77 -3.66 -18.27
CA GLY A 75 22.77 -3.88 -19.32
C GLY A 75 22.91 -2.62 -20.15
N ALA A 76 21.78 -2.00 -20.48
CA ALA A 76 21.79 -0.75 -21.25
C ALA A 76 22.48 0.38 -20.47
N ALA A 77 22.31 0.39 -19.16
CA ALA A 77 22.90 1.42 -18.32
C ALA A 77 24.41 1.31 -18.43
N ALA A 78 24.91 0.07 -18.33
CA ALA A 78 26.33 -0.22 -18.44
C ALA A 78 26.87 0.11 -19.84
N ILE A 79 26.07 -0.23 -20.85
CA ILE A 79 26.46 -0.02 -22.24
C ILE A 79 26.63 1.47 -22.48
N PHE A 80 25.68 2.25 -21.98
CA PHE A 80 25.73 3.70 -22.11
C PHE A 80 26.87 4.29 -21.31
N THR A 81 27.11 3.74 -20.14
CA THR A 81 28.17 4.24 -19.28
C THR A 81 29.50 4.17 -20.02
N VAL A 82 29.83 2.96 -20.48
CA VAL A 82 31.02 2.66 -21.28
C VAL A 82 31.11 3.53 -22.54
N GLN A 83 29.99 3.65 -23.23
CA GLN A 83 29.95 4.43 -24.47
C GLN A 83 30.06 5.94 -24.21
N LEU A 84 29.58 6.38 -23.05
CA LEU A 84 29.63 7.79 -22.69
C LEU A 84 31.04 8.11 -22.25
N ASP A 85 31.67 7.17 -21.55
CA ASP A 85 33.07 7.31 -21.15
C ASP A 85 33.94 7.38 -22.39
N ASP A 86 33.66 6.55 -23.37
CA ASP A 86 34.38 6.58 -24.64
C ASP A 86 34.27 7.94 -25.34
N TYR A 87 33.05 8.50 -25.37
CA TYR A 87 32.79 9.81 -25.99
C TYR A 87 33.48 10.94 -25.20
N LEU A 88 33.68 10.72 -23.90
CA LEU A 88 34.41 11.66 -23.04
C LEU A 88 35.90 11.32 -22.99
N ASN A 89 36.37 10.69 -24.06
CA ASN A 89 37.78 10.47 -24.33
C ASN A 89 38.46 9.58 -23.28
N GLY A 90 37.67 8.76 -22.60
CA GLY A 90 38.17 7.73 -21.68
C GLY A 90 38.79 8.21 -20.37
N ARG A 91 38.48 9.44 -19.97
CA ARG A 91 39.11 10.06 -18.79
C ARG A 91 38.17 10.12 -17.57
N ALA A 92 36.93 9.71 -17.75
CA ALA A 92 35.97 9.60 -16.65
C ALA A 92 36.32 8.46 -15.73
N VAL A 93 36.03 8.67 -14.45
CA VAL A 93 36.02 7.63 -13.43
C VAL A 93 34.60 7.05 -13.47
N GLN A 94 34.48 5.73 -13.41
CA GLN A 94 33.17 5.05 -13.60
C GLN A 94 32.73 4.35 -12.31
N HIS A 95 31.41 4.28 -12.06
CA HIS A 95 30.83 3.70 -10.82
C HIS A 95 29.61 2.90 -11.06
N ARG A 96 29.62 1.68 -10.52
CA ARG A 96 28.44 0.87 -10.49
C ARG A 96 27.82 1.06 -9.12
N GLU A 97 26.60 1.61 -9.11
CA GLU A 97 25.92 1.94 -7.88
C GLU A 97 24.66 1.09 -7.81
N VAL A 98 24.36 0.55 -6.63
CA VAL A 98 23.18 -0.29 -6.46
C VAL A 98 22.29 0.25 -5.35
N GLN A 99 20.99 0.31 -5.61
CA GLN A 99 20.00 0.78 -4.63
C GLN A 99 20.36 0.31 -3.24
N GLY A 100 20.42 1.25 -2.30
CA GLY A 100 20.71 0.96 -0.91
C GLY A 100 22.16 0.83 -0.52
N PHE A 101 23.06 0.81 -1.51
CA PHE A 101 24.46 0.45 -1.26
C PHE A 101 25.44 1.29 -2.07
N GLU A 102 25.01 2.52 -2.37
CA GLU A 102 25.75 3.34 -3.31
C GLU A 102 26.92 4.07 -2.62
N SER A 103 27.93 4.43 -3.40
CA SER A 103 29.16 5.03 -2.88
C SER A 103 28.96 6.37 -2.16
N ALA A 104 29.98 6.76 -1.41
CA ALA A 104 29.99 8.04 -0.68
C ALA A 104 29.96 9.24 -1.64
N THR A 105 30.64 9.12 -2.77
CA THR A 105 30.61 10.14 -3.79
C THR A 105 29.18 10.37 -4.26
N PHE A 106 28.57 9.31 -4.79
CA PHE A 106 27.21 9.36 -5.33
C PHE A 106 26.23 10.03 -4.32
N LEU A 107 26.26 9.57 -3.07
CA LEU A 107 25.33 10.02 -2.04
C LEU A 107 25.51 11.51 -1.72
N GLY A 108 26.76 11.95 -1.83
CA GLY A 108 27.13 13.35 -1.69
C GLY A 108 26.48 14.32 -2.65
N TYR A 109 26.10 13.84 -3.83
CA TYR A 109 25.32 14.64 -4.77
C TYR A 109 23.93 14.97 -4.29
N PHE A 110 23.40 14.22 -3.33
CA PHE A 110 22.00 14.37 -2.91
C PHE A 110 21.86 14.63 -1.38
N LYS A 111 21.94 15.90 -0.99
CA LYS A 111 21.99 16.21 0.43
C LYS A 111 20.60 16.16 1.08
N SER A 112 19.56 16.60 0.36
CA SER A 112 18.17 16.39 0.81
C SER A 112 17.79 14.91 0.92
N GLY A 113 18.64 14.05 0.35
CA GLY A 113 18.44 12.60 0.40
C GLY A 113 17.95 12.05 -0.93
N LEU A 114 17.83 10.72 -0.97
CA LEU A 114 17.29 9.99 -2.12
C LEU A 114 15.85 9.53 -1.84
N LYS A 115 15.02 9.53 -2.87
CA LYS A 115 13.73 8.84 -2.84
C LYS A 115 13.75 7.60 -3.71
N TYR A 116 13.60 6.44 -3.11
CA TYR A 116 13.39 5.21 -3.89
C TYR A 116 11.89 5.03 -4.15
N LYS A 117 11.47 5.07 -5.40
CA LYS A 117 10.05 5.03 -5.76
C LYS A 117 9.60 3.64 -6.27
N LYS A 118 8.32 3.31 -6.05
CA LYS A 118 7.77 2.03 -6.50
C LYS A 118 7.50 2.11 -7.99
N GLY A 119 7.94 1.09 -8.70
CA GLY A 119 7.64 0.98 -10.11
C GLY A 119 8.77 1.38 -11.00
N GLY A 120 8.40 1.77 -12.22
CA GLY A 120 9.37 2.12 -13.26
C GLY A 120 8.75 2.13 -14.66
N VAL A 121 9.59 1.91 -15.65
CA VAL A 121 9.19 2.05 -17.06
C VAL A 121 8.23 0.95 -17.47
N ALA A 122 8.55 -0.27 -17.03
CA ALA A 122 7.77 -1.44 -17.37
C ALA A 122 6.37 -1.39 -16.75
N SER A 123 6.24 -0.67 -15.63
CA SER A 123 4.96 -0.50 -14.91
C SER A 123 4.23 0.77 -15.34
N GLY A 124 4.82 1.52 -16.27
CA GLY A 124 4.18 2.68 -16.85
C GLY A 124 4.44 4.01 -16.15
N PHE A 125 5.23 4.02 -15.08
CA PHE A 125 5.45 5.24 -14.31
C PHE A 125 6.61 6.07 -14.84
N LYS A 126 6.46 7.39 -14.79
CA LYS A 126 7.47 8.34 -15.26
C LYS A 126 7.67 9.49 -14.24
N HIS A 127 8.75 10.27 -14.38
CA HIS A 127 8.94 11.50 -13.56
C HIS A 127 8.31 12.62 -14.26
N VAL A 128 7.00 12.61 -14.43
CA VAL A 128 6.36 13.79 -14.98
C VAL A 128 5.04 13.85 -14.28
N VAL A 129 4.33 14.96 -14.31
CA VAL A 129 3.12 15.00 -13.52
C VAL A 129 2.22 16.19 -13.83
N PRO A 130 1.17 15.92 -14.59
CA PRO A 130 0.02 16.82 -14.78
C PRO A 130 -0.37 17.73 -13.61
N ASN A 131 -0.16 19.03 -13.78
CA ASN A 131 -0.79 20.01 -12.88
C ASN A 131 -2.18 19.46 -12.56
N GLU A 132 -2.49 19.33 -11.27
CA GLU A 132 -3.75 18.73 -10.80
C GLU A 132 -3.53 17.29 -10.30
N VAL A 133 -2.28 16.86 -10.14
CA VAL A 133 -2.02 15.43 -9.88
C VAL A 133 -2.52 14.99 -8.52
N VAL A 134 -3.14 13.82 -8.54
CA VAL A 134 -3.65 13.16 -7.36
C VAL A 134 -2.54 12.28 -6.88
N VAL A 135 -2.25 12.33 -5.59
CA VAL A 135 -1.21 11.47 -5.02
C VAL A 135 -1.62 10.92 -3.65
N GLN A 136 -1.25 9.66 -3.43
CA GLN A 136 -1.51 8.95 -2.20
C GLN A 136 -0.41 7.94 -2.04
N ARG A 137 0.61 8.30 -1.28
CA ARG A 137 1.71 7.39 -1.05
C ARG A 137 2.27 7.51 0.34
N LEU A 138 3.09 6.53 0.72
CA LEU A 138 3.77 6.50 2.01
C LEU A 138 5.26 6.37 1.79
N LEU A 139 6.01 7.23 2.48
CA LEU A 139 7.47 7.18 2.47
C LEU A 139 8.00 6.84 3.86
N GLN A 140 8.86 5.84 3.94
CA GLN A 140 9.55 5.50 5.18
C GLN A 140 10.92 6.15 5.12
N VAL A 141 11.24 6.95 6.13
CA VAL A 141 12.51 7.67 6.15
C VAL A 141 13.51 7.05 7.10
N LYS A 142 14.69 6.77 6.57
CA LYS A 142 15.71 5.98 7.25
C LYS A 142 17.07 6.59 7.00
N GLY A 143 17.88 6.73 8.05
CA GLY A 143 19.26 7.17 7.88
C GLY A 143 19.57 8.45 8.63
N ARG A 144 20.79 8.51 9.15
CA ARG A 144 21.25 9.66 9.93
C ARG A 144 22.12 10.55 9.07
N ARG A 145 23.11 9.92 8.46
CA ARG A 145 24.14 10.62 7.70
C ARG A 145 23.69 10.73 6.24
N VAL A 146 23.19 9.63 5.70
CA VAL A 146 22.67 9.58 4.33
C VAL A 146 21.18 9.22 4.43
N VAL A 147 20.29 10.14 4.11
CA VAL A 147 18.86 9.87 4.33
C VAL A 147 18.21 9.33 3.06
N ARG A 148 17.42 8.28 3.24
CA ARG A 148 16.76 7.56 2.18
C ARG A 148 15.29 7.42 2.54
N ALA A 149 14.43 8.09 1.78
CA ALA A 149 12.98 7.91 1.88
C ALA A 149 12.55 6.86 0.87
N THR A 150 12.10 5.70 1.33
CA THR A 150 11.58 4.65 0.43
C THR A 150 10.05 4.63 0.38
N GLU A 151 9.48 4.67 -0.82
CA GLU A 151 8.05 4.44 -0.99
C GLU A 151 7.67 3.02 -0.56
N VAL A 152 6.72 2.95 0.36
CA VAL A 152 6.25 1.70 0.93
C VAL A 152 4.73 1.63 0.84
N PRO A 153 4.17 0.42 1.01
CA PRO A 153 2.71 0.24 0.97
C PRO A 153 2.03 1.18 1.93
N VAL A 154 0.89 1.73 1.51
CA VAL A 154 0.13 2.63 2.33
C VAL A 154 -0.65 1.83 3.37
N SER A 155 -0.03 1.65 4.53
CA SER A 155 -0.54 0.71 5.53
C SER A 155 0.22 0.82 6.85
N TRP A 156 -0.47 0.57 7.96
CA TRP A 156 0.16 0.50 9.29
C TRP A 156 1.19 -0.62 9.39
N GLU A 157 1.07 -1.60 8.51
CA GLU A 157 2.06 -2.68 8.43
C GLU A 157 3.45 -2.22 7.95
N SER A 158 3.53 -1.11 7.22
CA SER A 158 4.82 -0.51 6.83
C SER A 158 5.50 0.22 8.00
N PHE A 159 4.70 0.58 8.99
CA PHE A 159 5.13 1.45 10.09
C PHE A 159 5.88 0.71 11.18
N ASN A 160 6.60 1.47 11.98
CA ASN A 160 7.17 1.00 13.24
C ASN A 160 7.28 2.18 14.19
N ASN A 161 7.64 1.93 15.44
CA ASN A 161 7.67 3.02 16.42
C ASN A 161 9.00 3.77 16.49
N GLY A 162 9.94 3.39 15.62
CA GLY A 162 11.27 3.98 15.63
C GLY A 162 11.51 5.03 14.55
N ASP A 163 10.98 4.80 13.36
CA ASP A 163 11.29 5.64 12.21
C ASP A 163 10.30 6.77 12.05
N CYS A 164 10.61 7.67 11.11
CA CYS A 164 9.66 8.67 10.64
C CYS A 164 9.09 8.22 9.29
N PHE A 165 7.84 8.63 9.07
CA PHE A 165 7.08 8.30 7.86
C PHE A 165 6.40 9.55 7.36
N ILE A 166 6.19 9.61 6.05
CA ILE A 166 5.53 10.75 5.43
C ILE A 166 4.38 10.20 4.61
N LEU A 167 3.18 10.57 4.99
CA LEU A 167 2.02 10.15 4.24
C LEU A 167 1.73 11.30 3.33
N ASP A 168 2.15 11.14 2.09
CA ASP A 168 1.98 12.17 1.08
C ASP A 168 0.60 12.06 0.42
N LEU A 169 -0.26 13.03 0.72
CA LEU A 169 -1.61 13.08 0.17
C LEU A 169 -1.80 14.16 -0.90
N GLY A 170 -0.70 14.72 -1.41
CA GLY A 170 -0.73 15.71 -2.47
C GLY A 170 -0.70 17.16 -1.99
N ASN A 171 -1.86 17.73 -1.72
CA ASN A 171 -1.96 19.09 -1.18
C ASN A 171 -1.58 19.13 0.30
N ASN A 172 -1.58 17.97 0.93
CA ASN A 172 -1.26 17.86 2.34
C ASN A 172 -0.26 16.77 2.54
N ILE A 173 0.82 17.09 3.23
CA ILE A 173 1.88 16.15 3.50
C ILE A 173 1.91 15.93 5.00
N TYR A 174 1.78 14.67 5.41
CA TYR A 174 1.68 14.32 6.84
C TYR A 174 2.90 13.56 7.33
N GLN A 175 3.80 14.28 8.00
CA GLN A 175 4.98 13.67 8.59
C GLN A 175 4.66 13.10 9.97
N TRP A 176 4.83 11.81 10.11
CA TRP A 176 4.59 11.09 11.35
C TRP A 176 5.92 10.62 11.89
N CYS A 177 6.11 10.73 13.19
CA CYS A 177 7.37 10.28 13.79
C CYS A 177 7.10 9.38 14.99
N GLY A 178 7.69 8.19 14.97
CA GLY A 178 7.48 7.20 16.00
C GLY A 178 7.84 7.70 17.38
N SER A 179 7.34 7.01 18.40
CA SER A 179 7.54 7.40 19.79
C SER A 179 9.00 7.22 20.23
N LYS A 180 9.67 6.19 19.71
CA LYS A 180 11.10 5.97 19.93
C LYS A 180 11.98 6.67 18.87
N SER A 181 11.44 7.63 18.15
CA SER A 181 12.23 8.32 17.12
C SER A 181 13.03 9.43 17.75
N ASN A 182 14.32 9.50 17.43
CA ASN A 182 15.18 10.53 17.99
C ASN A 182 14.99 11.87 17.22
N ARG A 183 15.29 12.98 17.86
CA ARG A 183 14.99 14.31 17.31
C ARG A 183 15.85 14.76 16.09
N PHE A 184 17.04 14.19 15.96
CA PHE A 184 17.88 14.40 14.79
C PHE A 184 17.27 13.76 13.55
N GLU A 185 16.76 12.54 13.69
CA GLU A 185 16.08 11.86 12.60
C GLU A 185 14.84 12.60 12.15
N ARG A 186 14.13 13.24 13.08
CA ARG A 186 12.94 14.03 12.76
C ARG A 186 13.31 15.25 11.93
N LEU A 187 14.40 15.90 12.31
CA LEU A 187 14.89 17.06 11.59
C LEU A 187 15.13 16.69 10.14
N LYS A 188 15.71 15.52 9.93
CA LYS A 188 15.96 14.97 8.59
C LYS A 188 14.64 14.69 7.84
N ALA A 189 13.71 14.00 8.50
CA ALA A 189 12.45 13.66 7.87
C ALA A 189 11.75 14.95 7.42
N THR A 190 11.96 15.99 8.20
CA THR A 190 11.45 17.32 7.91
C THR A 190 12.03 17.91 6.64
N GLN A 191 13.34 17.77 6.46
CA GLN A 191 14.01 18.23 5.23
C GLN A 191 13.39 17.56 4.01
N VAL A 192 13.03 16.28 4.15
CA VAL A 192 12.43 15.49 3.06
C VAL A 192 11.01 15.97 2.74
N SER A 193 10.26 16.24 3.80
CA SER A 193 8.90 16.76 3.70
C SER A 193 8.90 18.12 3.01
N LYS A 194 9.80 19.00 3.46
CA LYS A 194 10.02 20.31 2.85
C LYS A 194 10.36 20.14 1.38
N GLY A 195 11.22 19.17 1.11
CA GLY A 195 11.72 18.88 -0.23
C GLY A 195 10.59 18.55 -1.20
N ILE A 196 9.66 17.71 -0.75
CA ILE A 196 8.50 17.34 -1.55
C ILE A 196 7.62 18.56 -1.80
N ARG A 197 7.46 19.37 -0.78
CA ARG A 197 6.66 20.59 -0.91
C ARG A 197 7.27 21.56 -1.92
N ASP A 198 8.57 21.80 -1.82
CA ASP A 198 9.21 22.81 -2.67
C ASP A 198 9.43 22.34 -4.12
N ASN A 199 9.86 21.09 -4.28
CA ASN A 199 10.36 20.57 -5.56
C ASN A 199 9.34 19.83 -6.43
N GLU A 200 8.58 18.94 -5.81
CA GLU A 200 7.30 18.52 -6.40
C GLU A 200 6.39 19.62 -5.88
N ARG A 201 5.14 19.70 -6.31
CA ARG A 201 4.20 20.69 -5.71
C ARG A 201 4.44 22.21 -5.86
N SER A 202 5.67 22.66 -6.13
CA SER A 202 5.98 24.10 -6.27
C SER A 202 5.56 24.96 -5.07
N GLY A 203 5.95 24.51 -3.88
CA GLY A 203 5.59 25.18 -2.64
C GLY A 203 4.09 25.30 -2.36
N ARG A 204 3.27 24.58 -3.11
CA ARG A 204 1.80 24.69 -3.05
C ARG A 204 1.20 23.56 -2.21
N ALA A 205 1.69 23.40 -1.00
CA ALA A 205 1.28 22.29 -0.16
C ALA A 205 1.62 22.56 1.29
N GLN A 206 0.82 21.97 2.17
CA GLN A 206 0.85 22.22 3.59
C GLN A 206 1.49 21.01 4.27
N VAL A 207 2.73 21.18 4.74
CA VAL A 207 3.33 20.15 5.57
C VAL A 207 2.87 20.36 7.00
N SER A 208 2.14 19.38 7.52
CA SER A 208 1.87 19.30 8.95
C SER A 208 2.57 18.08 9.50
N VAL A 209 3.02 18.18 10.75
CA VAL A 209 3.85 17.14 11.36
C VAL A 209 3.34 16.70 12.74
N PHE A 210 3.42 15.40 12.97
CA PHE A 210 2.74 14.74 14.07
C PHE A 210 3.64 13.72 14.73
N GLU A 211 3.20 13.25 15.88
CA GLU A 211 3.93 12.26 16.64
C GLU A 211 3.02 11.09 16.90
N GLU A 212 3.60 9.88 17.01
CA GLU A 212 2.82 8.67 17.26
C GLU A 212 1.86 8.95 18.44
N GLY A 213 0.63 8.47 18.31
CA GLY A 213 -0.40 8.80 19.28
C GLY A 213 -1.34 9.92 18.86
N ALA A 214 -0.82 10.96 18.19
CA ALA A 214 -1.63 12.11 17.79
C ALA A 214 -2.02 12.08 16.32
N GLU A 215 -2.27 10.88 15.79
CA GLU A 215 -2.49 10.75 14.35
C GLU A 215 -3.80 11.48 13.96
N PRO A 216 -3.72 12.31 12.92
CA PRO A 216 -4.86 13.13 12.51
C PRO A 216 -5.88 12.41 11.64
N GLU A 217 -7.02 13.08 11.43
CA GLU A 217 -8.19 12.54 10.72
C GLU A 217 -7.82 11.97 9.36
N ALA A 218 -7.14 12.78 8.55
CA ALA A 218 -6.72 12.39 7.21
C ALA A 218 -5.93 11.08 7.24
N MET A 219 -5.03 10.96 8.21
CA MET A 219 -4.16 9.80 8.33
C MET A 219 -4.93 8.52 8.69
N LEU A 220 -5.78 8.62 9.70
CA LEU A 220 -6.58 7.49 10.20
C LEU A 220 -7.66 7.11 9.20
N GLN A 221 -8.00 8.06 8.34
CA GLN A 221 -9.00 7.82 7.33
C GLN A 221 -8.46 6.87 6.28
N VAL A 222 -7.25 7.14 5.78
CA VAL A 222 -6.70 6.28 4.72
C VAL A 222 -6.02 5.02 5.28
N LEU A 223 -5.65 5.05 6.55
CA LEU A 223 -4.89 3.95 7.15
C LEU A 223 -5.72 3.03 8.03
N GLY A 224 -6.87 3.50 8.48
CA GLY A 224 -7.68 2.80 9.45
C GLY A 224 -7.24 3.11 10.85
N PRO A 225 -7.92 2.53 11.83
CA PRO A 225 -7.48 2.65 13.22
C PRO A 225 -6.06 2.13 13.39
N LYS A 226 -5.26 2.85 14.17
CA LYS A 226 -3.86 2.51 14.40
C LYS A 226 -3.74 1.36 15.38
N PRO A 227 -3.04 0.28 15.01
CA PRO A 227 -2.82 -0.82 15.93
C PRO A 227 -1.53 -0.64 16.75
N THR A 228 -1.16 -1.69 17.49
CA THR A 228 0.12 -1.72 18.18
C THR A 228 1.19 -1.88 17.13
N LEU A 229 2.24 -1.09 17.24
CA LEU A 229 3.29 -1.07 16.22
C LEU A 229 4.56 -1.71 16.73
N PRO A 230 5.31 -2.37 15.84
CA PRO A 230 6.55 -3.01 16.25
C PRO A 230 7.69 -2.05 16.48
N GLU A 231 8.78 -2.58 17.01
CA GLU A 231 10.03 -1.85 17.12
C GLU A 231 10.62 -1.72 15.72
N ALA A 232 11.39 -0.66 15.50
CA ALA A 232 12.10 -0.49 14.23
C ALA A 232 13.17 -1.56 14.07
N THR A 233 13.66 -1.74 12.85
CA THR A 233 14.68 -2.75 12.56
C THR A 233 16.05 -2.13 12.39
N GLU A 234 17.03 -2.72 13.07
CA GLU A 234 18.41 -2.28 13.00
C GLU A 234 19.21 -3.16 12.03
N ASN A 243 37.82 -5.91 11.19
CA ASN A 243 38.95 -6.11 10.30
C ASN A 243 38.60 -5.82 8.84
N ARG A 244 38.23 -4.58 8.56
CA ARG A 244 38.10 -4.12 7.18
C ARG A 244 39.20 -3.08 6.95
N LYS A 245 40.41 -3.58 6.78
CA LYS A 245 41.61 -2.76 6.53
C LYS A 245 42.55 -3.44 5.54
N LEU A 246 42.32 -4.73 5.32
CA LEU A 246 43.18 -5.56 4.48
C LEU A 246 42.56 -5.78 3.11
N ALA A 247 43.35 -5.47 2.08
CA ALA A 247 42.99 -5.66 0.68
C ALA A 247 44.12 -6.35 -0.05
N LYS A 248 43.81 -6.78 -1.27
CA LYS A 248 44.79 -7.45 -2.15
C LYS A 248 44.70 -6.87 -3.55
N LEU A 249 45.82 -6.89 -4.28
CA LEU A 249 45.87 -6.41 -5.64
C LEU A 249 46.11 -7.58 -6.62
N TYR A 250 45.51 -7.48 -7.81
CA TYR A 250 45.43 -8.56 -8.79
C TYR A 250 45.63 -8.03 -10.19
N LYS A 251 46.29 -8.81 -11.04
CA LYS A 251 46.39 -8.53 -12.46
C LYS A 251 45.20 -9.20 -13.14
N VAL A 252 44.88 -8.79 -14.36
CA VAL A 252 43.74 -9.38 -15.09
C VAL A 252 43.83 -9.22 -16.63
N SER A 253 43.88 -10.36 -17.33
CA SER A 253 43.98 -10.42 -18.81
C SER A 253 42.87 -11.25 -19.50
N ASN A 254 41.80 -10.58 -19.96
CA ASN A 254 40.66 -11.24 -20.62
C ASN A 254 39.89 -10.42 -21.69
N GLY A 255 39.00 -11.11 -22.41
CA GLY A 255 38.08 -10.47 -23.37
C GLY A 255 36.74 -10.12 -22.73
N ALA A 256 36.19 -11.08 -21.99
CA ALA A 256 34.97 -10.93 -21.15
C ALA A 256 34.52 -12.29 -20.54
N GLY A 257 34.88 -13.39 -21.22
CA GLY A 257 34.66 -14.76 -20.73
C GLY A 257 35.84 -15.43 -20.05
N PRO A 258 36.93 -15.70 -20.78
CA PRO A 258 38.07 -16.44 -20.22
C PRO A 258 38.93 -15.55 -19.33
N MET A 259 38.47 -15.37 -18.08
CA MET A 259 39.07 -14.40 -17.17
C MET A 259 40.32 -14.97 -16.47
N VAL A 260 41.46 -14.32 -16.70
CA VAL A 260 42.72 -14.71 -16.05
C VAL A 260 43.03 -13.74 -14.90
N VAL A 261 43.07 -14.27 -13.68
CA VAL A 261 43.26 -13.44 -12.49
C VAL A 261 44.47 -13.89 -11.69
N SER A 262 45.54 -13.10 -11.73
CA SER A 262 46.81 -13.45 -11.06
C SER A 262 47.17 -12.47 -9.94
N LEU A 263 47.33 -12.99 -8.72
CA LEU A 263 47.68 -12.18 -7.57
C LEU A 263 49.02 -11.48 -7.80
N VAL A 264 49.06 -10.18 -7.57
CA VAL A 264 50.28 -9.37 -7.67
C VAL A 264 50.81 -8.91 -6.30
N ALA A 265 49.92 -8.59 -5.37
CA ALA A 265 50.32 -8.17 -4.03
C ALA A 265 49.37 -8.74 -2.98
N ASP A 266 49.93 -9.37 -1.97
CA ASP A 266 49.12 -10.11 -0.99
C ASP A 266 48.58 -9.21 0.11
N GLU A 267 49.31 -8.14 0.40
CA GLU A 267 48.94 -7.24 1.48
C GLU A 267 49.21 -5.78 1.13
N ASN A 268 48.28 -4.92 1.53
CA ASN A 268 48.45 -3.47 1.49
C ASN A 268 49.15 -3.01 2.77
N PRO A 269 49.95 -1.93 2.73
CA PRO A 269 50.09 -1.03 1.57
C PRO A 269 50.81 -1.64 0.37
N PHE A 270 50.33 -1.27 -0.82
CA PHE A 270 50.83 -1.77 -2.08
C PHE A 270 51.94 -0.88 -2.64
N ALA A 271 52.77 -1.47 -3.48
CA ALA A 271 53.76 -0.70 -4.24
C ALA A 271 53.05 -0.04 -5.41
N GLN A 272 53.30 1.25 -5.60
CA GLN A 272 52.74 1.97 -6.73
C GLN A 272 53.27 1.40 -8.06
N GLY A 273 54.51 0.92 -8.04
CA GLY A 273 55.16 0.33 -9.20
C GLY A 273 54.54 -0.96 -9.67
N ALA A 274 53.80 -1.64 -8.81
CA ALA A 274 53.04 -2.84 -9.19
C ALA A 274 51.98 -2.54 -10.27
N LEU A 275 51.48 -1.31 -10.28
CA LEU A 275 50.60 -0.84 -11.35
C LEU A 275 51.41 -0.53 -12.61
N ARG A 276 51.17 -1.28 -13.69
CA ARG A 276 51.95 -1.16 -14.92
C ARG A 276 51.03 -0.92 -16.11
N SER A 277 51.45 0.00 -16.97
CA SER A 277 50.58 0.58 -18.03
C SER A 277 50.05 -0.41 -19.07
N GLU A 278 50.71 -1.56 -19.17
CA GLU A 278 50.36 -2.56 -20.19
C GLU A 278 49.11 -3.33 -19.76
N ASP A 279 48.96 -3.48 -18.45
CA ASP A 279 47.96 -4.36 -17.86
C ASP A 279 46.77 -3.64 -17.21
N CYS A 280 45.85 -4.43 -16.67
CA CYS A 280 44.76 -3.95 -15.80
C CYS A 280 44.76 -4.71 -14.49
N PHE A 281 44.47 -4.00 -13.41
CA PHE A 281 44.42 -4.62 -12.11
C PHE A 281 43.06 -4.43 -11.43
N ILE A 282 42.70 -5.37 -10.55
CA ILE A 282 41.61 -5.20 -9.60
C ILE A 282 42.19 -5.06 -8.20
N LEU A 283 41.80 -3.98 -7.52
CA LEU A 283 42.17 -3.77 -6.12
C LEU A 283 40.99 -4.29 -5.30
N ASP A 284 41.15 -5.50 -4.76
CA ASP A 284 40.08 -6.19 -4.04
C ASP A 284 40.01 -5.76 -2.57
N HIS A 285 39.07 -4.86 -2.27
CA HIS A 285 38.73 -4.45 -0.90
C HIS A 285 37.33 -4.95 -0.60
N GLY A 286 36.99 -6.14 -1.11
CA GLY A 286 35.65 -6.67 -1.03
C GLY A 286 35.18 -6.99 0.38
N LYS A 287 36.13 -7.16 1.31
CA LYS A 287 35.80 -7.27 2.73
C LYS A 287 34.95 -6.06 3.17
N ASP A 288 35.34 -4.87 2.72
CA ASP A 288 34.67 -3.61 3.08
C ASP A 288 33.64 -3.12 2.06
N GLY A 289 33.25 -3.96 1.12
CA GLY A 289 32.14 -3.69 0.24
C GLY A 289 32.49 -2.98 -1.04
N LYS A 290 33.75 -3.03 -1.42
CA LYS A 290 34.27 -2.21 -2.52
C LYS A 290 35.35 -2.95 -3.33
N ILE A 291 35.30 -2.81 -4.66
CA ILE A 291 36.44 -3.16 -5.51
C ILE A 291 36.69 -2.07 -6.54
N PHE A 292 37.93 -2.02 -7.02
CA PHE A 292 38.35 -1.05 -8.03
C PHE A 292 38.97 -1.75 -9.23
N VAL A 293 38.70 -1.26 -10.43
CA VAL A 293 39.44 -1.70 -11.61
C VAL A 293 40.30 -0.56 -12.16
N TRP A 294 41.61 -0.76 -12.13
CA TRP A 294 42.58 0.20 -12.66
C TRP A 294 42.97 -0.13 -14.11
N LYS A 295 42.74 0.81 -15.01
CA LYS A 295 42.99 0.62 -16.46
C LYS A 295 44.29 1.29 -16.93
N GLY A 296 45.35 0.49 -17.09
CA GLY A 296 46.60 0.94 -17.68
C GLY A 296 46.37 1.72 -18.96
N LYS A 297 47.21 2.73 -19.23
CA LYS A 297 46.90 3.67 -20.31
C LYS A 297 47.22 3.12 -21.72
N GLN A 298 47.93 1.99 -21.79
CA GLN A 298 48.11 1.27 -23.04
C GLN A 298 47.18 0.04 -23.09
N ALA A 299 47.18 -0.75 -22.02
CA ALA A 299 46.13 -1.74 -21.70
C ALA A 299 45.74 -2.67 -22.84
N ASN A 300 44.85 -2.18 -23.72
CA ASN A 300 44.21 -2.98 -24.78
C ASN A 300 42.73 -2.54 -24.83
N MET A 301 42.35 -1.85 -25.89
CA MET A 301 41.02 -1.24 -26.00
C MET A 301 39.84 -2.16 -25.63
N GLU A 302 39.96 -3.45 -25.92
CA GLU A 302 38.85 -4.40 -25.69
C GLU A 302 38.71 -4.80 -24.22
N GLU A 303 39.82 -4.89 -23.47
CA GLU A 303 39.76 -5.18 -22.02
C GLU A 303 39.61 -3.93 -21.12
N ARG A 304 39.96 -2.76 -21.67
CA ARG A 304 39.63 -1.46 -21.06
C ARG A 304 38.11 -1.26 -21.09
N LYS A 305 37.54 -1.45 -22.28
CA LYS A 305 36.08 -1.27 -22.54
C LYS A 305 35.19 -2.30 -21.82
N ALA A 306 35.76 -3.45 -21.44
CA ALA A 306 35.03 -4.49 -20.69
C ALA A 306 35.42 -4.56 -19.20
N ALA A 307 35.80 -3.42 -18.63
CA ALA A 307 36.28 -3.37 -17.26
C ALA A 307 35.14 -3.57 -16.27
N LEU A 308 33.95 -3.06 -16.60
CA LEU A 308 32.75 -3.33 -15.78
C LEU A 308 32.44 -4.84 -15.75
N LYS A 309 32.38 -5.46 -16.93
CA LYS A 309 32.08 -6.90 -17.06
C LYS A 309 33.14 -7.73 -16.35
N THR A 310 34.38 -7.25 -16.36
CA THR A 310 35.48 -7.89 -15.64
C THR A 310 35.26 -7.81 -14.15
N ALA A 311 34.76 -6.67 -13.70
CA ALA A 311 34.49 -6.43 -12.29
C ALA A 311 33.39 -7.35 -11.82
N SER A 312 32.38 -7.50 -12.68
CA SER A 312 31.25 -8.43 -12.48
C SER A 312 31.78 -9.84 -12.26
N ASP A 313 32.54 -10.33 -13.24
CA ASP A 313 33.09 -11.69 -13.21
C ASP A 313 33.97 -11.93 -11.99
N PHE A 314 34.62 -10.89 -11.49
CA PHE A 314 35.44 -11.01 -10.29
C PHE A 314 34.57 -11.21 -9.04
N ILE A 315 33.47 -10.49 -8.96
CA ILE A 315 32.57 -10.53 -7.82
C ILE A 315 31.87 -11.90 -7.74
N SER A 316 31.47 -12.43 -8.90
CA SER A 316 30.92 -13.78 -9.02
C SER A 316 31.94 -14.82 -8.57
N LYS A 317 33.14 -14.75 -9.16
CA LYS A 317 34.21 -15.70 -8.88
C LYS A 317 34.66 -15.70 -7.42
N MET A 318 34.39 -14.62 -6.69
CA MET A 318 34.86 -14.46 -5.31
C MET A 318 33.74 -14.58 -4.29
N ASP A 319 32.52 -14.75 -4.79
CA ASP A 319 31.31 -14.83 -3.96
C ASP A 319 31.14 -13.62 -3.00
N TYR A 320 31.35 -12.43 -3.56
CA TYR A 320 31.00 -11.19 -2.92
C TYR A 320 29.58 -10.86 -3.33
N PRO A 321 28.87 -10.09 -2.50
CA PRO A 321 27.50 -9.66 -2.82
C PRO A 321 27.36 -8.92 -4.15
N LYS A 322 26.19 -9.03 -4.77
CA LYS A 322 25.92 -8.33 -6.03
C LYS A 322 26.12 -6.82 -5.88
N GLN A 323 25.75 -6.30 -4.72
CA GLN A 323 25.64 -4.85 -4.45
C GLN A 323 26.96 -4.23 -4.00
N THR A 324 27.99 -5.06 -3.89
CA THR A 324 29.38 -4.62 -3.89
C THR A 324 29.60 -3.47 -4.88
N GLN A 325 30.20 -2.40 -4.36
CA GLN A 325 30.50 -1.18 -5.12
C GLN A 325 31.63 -1.44 -6.10
N VAL A 326 31.62 -0.71 -7.21
CA VAL A 326 32.64 -0.86 -8.23
C VAL A 326 33.07 0.52 -8.78
N SER A 327 34.38 0.74 -8.86
CA SER A 327 34.94 1.90 -9.57
C SER A 327 35.95 1.45 -10.61
N VAL A 328 35.91 2.02 -11.80
CA VAL A 328 37.00 1.86 -12.76
C VAL A 328 37.66 3.20 -13.01
N LEU A 329 38.94 3.28 -12.64
CA LEU A 329 39.76 4.47 -12.79
C LEU A 329 40.78 4.22 -13.89
N PRO A 330 41.03 5.21 -14.75
CA PRO A 330 42.13 5.14 -15.72
C PRO A 330 43.43 5.66 -15.13
N GLU A 331 44.55 5.06 -15.53
CA GLU A 331 45.88 5.55 -15.14
C GLU A 331 45.90 7.06 -15.27
N GLY A 332 46.41 7.72 -14.22
CA GLY A 332 46.46 9.18 -14.14
C GLY A 332 45.20 9.91 -13.68
N GLY A 333 44.08 9.20 -13.63
CA GLY A 333 42.78 9.75 -13.24
C GLY A 333 42.30 9.16 -11.93
N GLU A 334 43.25 8.68 -11.12
CA GLU A 334 42.97 7.97 -9.86
C GLU A 334 42.33 8.87 -8.81
N THR A 335 41.56 8.27 -7.92
CA THR A 335 40.91 9.00 -6.83
C THR A 335 41.69 8.82 -5.52
N PRO A 336 41.44 9.68 -4.54
CA PRO A 336 41.99 9.47 -3.19
C PRO A 336 41.62 8.12 -2.59
N LEU A 337 40.37 7.71 -2.68
CA LEU A 337 39.96 6.41 -2.14
C LEU A 337 40.90 5.33 -2.68
N PHE A 338 41.14 5.35 -3.99
CA PHE A 338 42.00 4.36 -4.62
C PHE A 338 43.44 4.51 -4.20
N ARG A 339 43.93 5.74 -4.26
CA ARG A 339 45.33 6.07 -4.01
C ARG A 339 45.75 5.77 -2.58
N GLN A 340 44.78 5.71 -1.67
CA GLN A 340 45.04 5.49 -0.24
C GLN A 340 45.73 4.14 0.06
N PHE A 341 45.44 3.14 -0.78
CA PHE A 341 45.95 1.78 -0.56
C PHE A 341 47.43 1.58 -0.86
N PHE A 342 48.11 2.62 -1.34
CA PHE A 342 49.48 2.51 -1.81
C PHE A 342 50.46 3.22 -0.89
N LYS A 343 51.75 2.94 -1.08
CA LYS A 343 52.81 3.23 -0.10
C LYS A 343 53.17 4.70 -0.06
N ASN A 344 53.69 5.20 -1.16
CA ASN A 344 53.98 6.61 -1.27
C ASN A 344 53.65 7.02 -2.65
N TRP A 345 52.39 7.39 -2.82
CA TRP A 345 51.94 7.78 -4.14
C TRP A 345 52.67 9.06 -4.53
N ARG A 346 53.17 9.07 -5.76
CA ARG A 346 53.76 10.24 -6.39
C ARG A 346 53.35 10.25 -7.84
N ASP A 347 53.38 11.43 -8.46
CA ASP A 347 53.33 11.51 -9.92
C ASP A 347 54.12 12.71 -10.44
N PRO A 348 55.34 12.45 -10.94
CA PRO A 348 56.18 13.43 -11.63
C PRO A 348 55.54 14.60 -12.38
N ASP A 349 54.49 14.40 -13.16
CA ASP A 349 53.86 15.53 -13.90
C ASP A 349 53.30 16.60 -12.94
N GLN A 350 52.90 16.19 -11.74
CA GLN A 350 52.25 17.09 -10.79
C GLN A 350 53.20 17.73 -9.73
N THR A 351 54.46 17.92 -10.10
CA THR A 351 55.38 18.77 -9.31
C THR A 351 54.86 20.19 -9.45
N GLU A 352 54.71 20.58 -10.71
CA GLU A 352 54.16 21.87 -11.05
C GLU A 352 52.75 21.69 -11.55
N GLY A 353 51.97 22.75 -11.37
CA GLY A 353 50.64 22.82 -11.88
C GLY A 353 49.70 23.33 -10.82
N LEU A 354 48.49 23.67 -11.22
CA LEU A 354 47.45 24.07 -10.28
C LEU A 354 46.63 22.84 -9.89
N GLY A 355 46.62 22.53 -8.60
CA GLY A 355 45.94 21.36 -8.10
C GLY A 355 46.48 20.05 -8.66
N LEU A 356 45.64 19.01 -8.58
CA LEU A 356 45.95 17.69 -9.11
C LEU A 356 44.95 17.30 -10.19
N ALA A 357 45.01 16.06 -10.66
CA ALA A 357 44.17 15.58 -11.77
C ALA A 357 42.77 15.20 -11.30
N TYR A 358 42.61 15.04 -9.99
CA TYR A 358 41.30 14.77 -9.41
C TYR A 358 41.02 15.72 -8.26
N LEU A 359 39.79 16.17 -8.17
CA LEU A 359 39.33 17.02 -7.10
C LEU A 359 38.00 16.50 -6.57
N SER A 360 38.06 15.83 -5.43
CA SER A 360 36.90 15.27 -4.74
C SER A 360 35.77 16.26 -4.70
N SER A 361 34.59 15.82 -5.12
CA SER A 361 33.43 16.69 -5.31
C SER A 361 33.04 17.51 -4.08
N HIS A 362 33.10 16.91 -2.91
CA HIS A 362 32.71 17.59 -1.67
C HIS A 362 33.62 18.76 -1.21
N ILE A 363 34.81 18.88 -1.77
CA ILE A 363 35.66 20.08 -1.54
C ILE A 363 35.94 20.87 -2.83
N ALA A 364 35.16 20.63 -3.87
CA ALA A 364 35.36 21.26 -5.17
C ALA A 364 35.00 22.75 -5.18
N HIS A 365 34.08 23.13 -4.32
CA HIS A 365 33.59 24.50 -4.17
C HIS A 365 34.43 25.33 -3.18
N VAL A 366 35.41 24.71 -2.52
CA VAL A 366 36.20 25.38 -1.47
C VAL A 366 37.23 26.32 -2.06
N GLU A 367 37.10 27.58 -1.69
CA GLU A 367 38.04 28.62 -2.06
C GLU A 367 39.32 28.43 -1.27
N ARG A 368 40.43 28.31 -1.98
CA ARG A 368 41.74 28.19 -1.34
C ARG A 368 42.23 29.55 -0.91
N VAL A 369 42.57 29.69 0.36
CA VAL A 369 43.09 30.94 0.84
C VAL A 369 44.49 30.65 1.38
N PRO A 370 45.52 31.20 0.71
CA PRO A 370 46.90 31.03 1.19
C PRO A 370 47.11 31.81 2.46
N PHE A 371 48.11 31.39 3.21
CA PHE A 371 48.33 31.94 4.53
C PHE A 371 48.90 33.34 4.48
N ASP A 372 48.37 34.17 5.35
CA ASP A 372 48.76 35.56 5.46
C ASP A 372 48.54 36.01 6.91
N ALA A 373 49.63 36.06 7.68
CA ALA A 373 49.57 36.40 9.11
C ALA A 373 48.75 37.66 9.35
N ALA A 374 49.00 38.67 8.52
CA ALA A 374 48.28 39.94 8.58
C ALA A 374 46.77 39.75 8.65
N THR A 375 46.23 38.97 7.73
CA THR A 375 44.77 38.81 7.60
C THR A 375 44.18 37.53 8.18
N LEU A 376 44.95 36.77 8.96
CA LEU A 376 44.47 35.50 9.51
C LEU A 376 43.29 35.63 10.49
N HIS A 377 43.35 36.62 11.37
CA HIS A 377 42.25 36.91 12.31
C HIS A 377 40.93 37.13 11.56
N THR A 378 41.03 37.41 10.26
CA THR A 378 39.90 37.80 9.41
C THR A 378 39.15 36.62 8.76
N SER A 379 39.70 35.41 8.86
CA SER A 379 39.32 34.30 7.98
C SER A 379 39.41 32.93 8.65
N THR A 380 38.28 32.31 8.94
CA THR A 380 38.27 30.96 9.49
C THR A 380 38.68 29.93 8.44
N ALA A 381 38.38 30.21 7.17
CA ALA A 381 38.81 29.36 6.07
C ALA A 381 40.34 29.16 6.06
N MET A 382 41.07 30.24 6.28
CA MET A 382 42.53 30.20 6.30
C MET A 382 43.00 29.38 7.48
N ALA A 383 42.44 29.68 8.63
CA ALA A 383 42.73 28.95 9.86
C ALA A 383 42.62 27.45 9.67
N ALA A 384 41.53 27.03 9.03
CA ALA A 384 41.26 25.61 8.76
C ALA A 384 42.26 25.00 7.80
N GLN A 385 42.58 25.73 6.76
CA GLN A 385 43.32 25.17 5.64
C GLN A 385 44.81 25.04 5.94
N HIS A 386 45.26 25.80 6.93
CA HIS A 386 46.67 25.77 7.36
C HIS A 386 46.87 25.30 8.82
N GLY A 387 45.76 24.96 9.48
CA GLY A 387 45.76 24.43 10.84
C GLY A 387 46.18 25.40 11.92
N MET A 388 45.80 26.66 11.75
CA MET A 388 46.23 27.76 12.61
C MET A 388 45.03 28.42 13.23
N ASP A 389 44.83 28.24 14.53
CA ASP A 389 43.71 28.90 15.19
C ASP A 389 43.97 30.38 15.43
N ASP A 390 45.25 30.76 15.46
CA ASP A 390 45.66 32.16 15.44
C ASP A 390 47.16 32.33 15.14
N ASP A 391 47.69 33.55 15.22
CA ASP A 391 49.10 33.82 14.84
C ASP A 391 50.15 33.12 15.71
N GLY A 392 49.77 32.81 16.97
CA GLY A 392 50.60 32.05 17.88
C GLY A 392 51.29 32.88 18.94
N THR A 393 50.79 34.07 19.18
CA THR A 393 51.48 35.03 20.03
C THR A 393 50.76 35.23 21.36
N GLY A 394 49.77 34.39 21.62
CA GLY A 394 49.02 34.45 22.86
C GLY A 394 49.83 33.94 24.04
N GLN A 395 49.29 34.16 25.23
CA GLN A 395 49.95 33.75 26.48
C GLN A 395 49.92 32.26 26.60
N LYS A 396 50.98 31.69 27.14
CA LYS A 396 51.03 30.25 27.32
C LYS A 396 51.83 29.80 28.53
N GLN A 397 51.34 28.75 29.18
CA GLN A 397 52.08 28.03 30.21
C GLN A 397 52.57 26.72 29.62
N ILE A 398 53.84 26.41 29.79
CA ILE A 398 54.34 25.09 29.46
C ILE A 398 54.72 24.37 30.75
N TRP A 399 54.41 23.08 30.79
CA TRP A 399 54.71 22.22 31.92
C TRP A 399 55.36 20.94 31.45
N ARG A 400 56.18 20.38 32.31
CA ARG A 400 56.75 19.05 32.09
C ARG A 400 56.09 18.13 33.10
N VAL A 401 55.86 16.88 32.72
CA VAL A 401 55.29 15.91 33.62
C VAL A 401 56.43 15.13 34.26
N GLU A 402 56.51 15.24 35.58
CA GLU A 402 57.39 14.41 36.39
C GLU A 402 56.50 13.71 37.39
N GLY A 403 56.45 12.38 37.32
CA GLY A 403 55.65 11.59 38.25
C GLY A 403 54.15 11.75 37.99
N SER A 404 53.44 12.29 38.97
CA SER A 404 52.02 12.62 38.82
C SER A 404 51.79 14.13 38.91
N ASN A 405 52.79 14.92 38.56
CA ASN A 405 52.73 16.38 38.68
C ASN A 405 53.03 17.10 37.38
N LYS A 406 52.46 18.30 37.24
CA LYS A 406 52.86 19.27 36.22
C LYS A 406 53.90 20.21 36.84
N VAL A 407 55.01 20.42 36.15
CA VAL A 407 56.14 21.18 36.70
C VAL A 407 56.51 22.30 35.75
N PRO A 408 56.37 23.56 36.15
CA PRO A 408 56.62 24.68 35.24
C PRO A 408 57.96 24.55 34.56
N VAL A 409 57.96 24.61 33.23
CA VAL A 409 59.19 24.65 32.46
C VAL A 409 59.76 26.05 32.60
N ASP A 410 61.09 26.10 32.69
CA ASP A 410 61.87 27.33 32.74
C ASP A 410 61.62 28.19 31.49
N PRO A 411 61.05 29.38 31.64
CA PRO A 411 60.70 30.25 30.50
C PRO A 411 61.81 30.51 29.48
N ALA A 412 63.07 30.38 29.90
CA ALA A 412 64.21 30.55 29.01
C ALA A 412 64.24 29.48 27.93
N THR A 413 63.85 28.26 28.28
CA THR A 413 63.86 27.11 27.36
C THR A 413 62.59 26.91 26.55
N TYR A 414 61.58 27.75 26.75
CA TYR A 414 60.33 27.65 25.96
C TYR A 414 60.61 27.48 24.48
N GLY A 415 60.12 26.39 23.90
CA GLY A 415 60.39 26.05 22.51
C GLY A 415 61.32 24.86 22.40
N GLN A 416 61.92 24.48 23.52
CA GLN A 416 62.78 23.30 23.57
C GLN A 416 62.05 22.16 24.28
N PHE A 417 61.92 21.05 23.58
CA PHE A 417 61.21 19.90 24.09
C PHE A 417 62.12 18.70 24.01
N TYR A 418 62.16 17.94 25.09
CA TYR A 418 63.04 16.78 25.20
C TYR A 418 62.24 15.49 25.07
N GLY A 419 62.76 14.58 24.25
CA GLY A 419 62.06 13.35 23.89
C GLY A 419 61.91 12.31 24.99
N GLY A 420 62.56 12.52 26.14
CA GLY A 420 62.38 11.68 27.33
C GLY A 420 61.28 12.20 28.25
N ASP A 421 60.75 13.37 27.91
CA ASP A 421 59.65 13.95 28.65
C ASP A 421 58.36 13.93 27.85
N SER A 422 57.28 14.17 28.59
CA SER A 422 56.01 14.55 28.04
C SER A 422 55.61 15.87 28.70
N TYR A 423 55.04 16.77 27.91
CA TYR A 423 54.70 18.10 28.37
C TYR A 423 53.22 18.38 28.19
N ILE A 424 52.73 19.38 28.91
CA ILE A 424 51.46 19.97 28.55
C ILE A 424 51.59 21.50 28.42
N ILE A 425 50.99 22.04 27.37
CA ILE A 425 50.96 23.48 27.09
C ILE A 425 49.54 24.00 27.21
N LEU A 426 49.36 25.10 27.91
CA LEU A 426 48.08 25.78 27.92
C LEU A 426 48.19 27.08 27.13
N TYR A 427 47.45 27.17 26.05
CA TYR A 427 47.51 28.31 25.14
C TYR A 427 46.18 29.03 25.08
N ASN A 428 46.20 30.35 25.16
CA ASN A 428 45.02 31.17 24.92
C ASN A 428 45.07 31.70 23.49
N TYR A 429 44.00 31.48 22.73
CA TYR A 429 43.96 31.90 21.34
C TYR A 429 42.93 33.01 21.08
N ARG A 430 43.30 33.94 20.20
CA ARG A 430 42.45 35.04 19.75
C ARG A 430 42.43 35.06 18.22
N HIS A 431 41.22 35.06 17.66
CA HIS A 431 40.98 35.13 16.22
C HIS A 431 39.92 36.20 15.97
N GLY A 432 40.04 37.33 16.67
CA GLY A 432 39.01 38.38 16.74
C GLY A 432 37.61 37.84 16.98
N SER A 433 37.02 37.33 15.90
CA SER A 433 35.77 36.51 15.90
C SER A 433 35.61 35.56 17.12
N ARG A 434 36.68 34.85 17.46
CA ARG A 434 36.63 33.77 18.43
C ARG A 434 37.77 33.83 19.42
N GLN A 435 37.46 33.58 20.68
CA GLN A 435 38.46 33.34 21.70
C GLN A 435 38.26 31.96 22.32
N GLY A 436 39.33 31.43 22.88
CA GLY A 436 39.29 30.13 23.48
C GLY A 436 40.65 29.68 23.99
N GLN A 437 40.73 28.41 24.34
CA GLN A 437 41.98 27.86 24.88
C GLN A 437 42.29 26.53 24.22
N ILE A 438 43.57 26.28 23.98
CA ILE A 438 44.01 24.97 23.53
C ILE A 438 44.98 24.41 24.54
N ILE A 439 44.85 23.13 24.81
CA ILE A 439 45.79 22.41 25.64
C ILE A 439 46.47 21.39 24.74
N TYR A 440 47.76 21.56 24.54
CA TYR A 440 48.56 20.59 23.80
C TYR A 440 49.21 19.66 24.79
N ASN A 441 49.11 18.36 24.54
CA ASN A 441 49.82 17.31 25.28
C ASN A 441 50.87 16.69 24.35
N TRP A 442 52.10 17.18 24.44
CA TRP A 442 53.22 16.66 23.66
C TRP A 442 53.84 15.45 24.36
N GLN A 443 53.96 14.35 23.63
CA GLN A 443 54.36 13.08 24.23
C GLN A 443 55.63 12.60 23.57
N GLY A 444 56.74 12.70 24.31
CA GLY A 444 58.04 12.28 23.82
C GLY A 444 58.06 10.83 23.38
N ALA A 445 58.77 10.57 22.29
CA ALA A 445 58.91 9.22 21.73
C ALA A 445 59.68 8.31 22.67
N GLN A 446 60.49 8.91 23.54
CA GLN A 446 61.29 8.19 24.53
C GLN A 446 60.79 8.35 25.97
N SER A 447 59.66 9.04 26.16
CA SER A 447 59.10 9.22 27.49
C SER A 447 58.64 7.87 28.02
N THR A 448 58.78 7.68 29.33
CA THR A 448 58.34 6.42 29.96
C THR A 448 56.82 6.36 29.86
N GLN A 449 56.29 5.13 29.81
CA GLN A 449 54.85 4.90 29.63
C GLN A 449 54.00 5.52 30.74
N ASP A 450 54.46 5.39 31.97
CA ASP A 450 53.74 5.96 33.12
C ASP A 450 53.63 7.48 33.01
N GLU A 451 54.69 8.11 32.50
CA GLU A 451 54.72 9.56 32.38
C GLU A 451 53.86 10.07 31.20
N VAL A 452 53.91 9.35 30.10
CA VAL A 452 53.07 9.61 28.93
C VAL A 452 51.60 9.60 29.35
N ALA A 453 51.20 8.47 29.94
CA ALA A 453 49.85 8.26 30.41
C ALA A 453 49.44 9.30 31.43
N ALA A 454 50.38 9.63 32.31
CA ALA A 454 50.14 10.61 33.35
C ALA A 454 49.78 11.91 32.68
N SER A 455 50.60 12.30 31.70
CA SER A 455 50.44 13.56 31.00
C SER A 455 49.03 13.66 30.37
N ALA A 456 48.54 12.53 29.87
CA ALA A 456 47.21 12.45 29.26
C ALA A 456 46.08 12.70 30.28
N ILE A 457 46.17 12.03 31.43
CA ILE A 457 45.20 12.21 32.52
C ILE A 457 45.27 13.63 33.04
N LEU A 458 46.47 14.18 33.16
CA LEU A 458 46.65 15.53 33.69
C LEU A 458 46.12 16.59 32.72
N THR A 459 46.27 16.32 31.43
CA THR A 459 45.73 17.14 30.36
C THR A 459 44.21 17.15 30.47
N ALA A 460 43.65 15.95 30.54
CA ALA A 460 42.20 15.75 30.70
C ALA A 460 41.67 16.45 31.96
N GLN A 461 42.46 16.44 33.02
CA GLN A 461 42.07 17.07 34.27
C GLN A 461 42.11 18.58 34.15
N LEU A 462 43.13 19.11 33.47
CA LEU A 462 43.24 20.56 33.28
C LEU A 462 42.05 21.09 32.46
N ASP A 463 41.63 20.29 31.49
CA ASP A 463 40.44 20.58 30.70
C ASP A 463 39.26 20.75 31.65
N GLU A 464 39.05 19.75 32.51
CA GLU A 464 37.92 19.71 33.45
C GLU A 464 37.94 20.90 34.43
N GLU A 465 39.11 21.17 35.01
CA GLU A 465 39.26 22.29 35.96
C GLU A 465 39.08 23.65 35.28
N LEU A 466 39.23 23.67 33.96
CA LEU A 466 39.15 24.90 33.18
C LEU A 466 37.77 25.07 32.53
N GLY A 467 36.81 24.22 32.90
CA GLY A 467 35.42 24.41 32.55
C GLY A 467 34.87 23.47 31.49
N GLY A 468 35.72 22.64 30.91
CA GLY A 468 35.34 21.74 29.82
C GLY A 468 35.53 22.32 28.43
N THR A 469 35.71 23.64 28.37
CA THR A 469 35.74 24.39 27.10
C THR A 469 36.97 24.22 26.19
N PRO A 470 38.16 24.09 26.75
CA PRO A 470 39.37 24.13 25.92
C PRO A 470 39.48 22.99 24.93
N VAL A 471 40.04 23.32 23.78
CA VAL A 471 40.44 22.32 22.83
C VAL A 471 41.51 21.51 23.52
N GLN A 472 41.58 20.24 23.16
CA GLN A 472 42.45 19.27 23.81
C GLN A 472 43.14 18.48 22.71
N SER A 473 44.44 18.65 22.57
CA SER A 473 45.17 18.12 21.43
C SER A 473 46.35 17.23 21.85
N ARG A 474 46.31 15.95 21.48
CA ARG A 474 47.44 15.06 21.73
C ARG A 474 48.34 15.10 20.55
N VAL A 475 49.61 15.41 20.78
CA VAL A 475 50.60 15.30 19.72
C VAL A 475 51.75 14.39 20.18
N VAL A 476 52.37 13.74 19.21
CA VAL A 476 53.48 12.84 19.45
C VAL A 476 54.71 13.38 18.74
N GLN A 477 55.86 13.30 19.42
CA GLN A 477 57.14 13.76 18.88
C GLN A 477 57.34 13.40 17.41
N GLY A 478 57.75 14.39 16.61
CA GLY A 478 57.97 14.22 15.19
C GLY A 478 56.82 14.64 14.28
N LYS A 479 55.58 14.49 14.75
CA LYS A 479 54.39 14.86 13.98
C LYS A 479 53.70 15.99 14.68
N GLU A 480 54.41 17.10 14.77
CA GLU A 480 53.92 18.31 15.44
C GLU A 480 52.94 19.03 14.51
N PRO A 481 51.78 19.47 15.02
CA PRO A 481 50.86 20.25 14.18
C PRO A 481 51.37 21.67 13.93
N ALA A 482 50.83 22.34 12.92
CA ALA A 482 51.28 23.68 12.49
C ALA A 482 51.24 24.72 13.60
N HIS A 483 50.17 24.68 14.36
CA HIS A 483 49.88 25.71 15.34
C HIS A 483 50.82 25.66 16.54
N LEU A 484 51.17 24.45 16.96
CA LEU A 484 52.08 24.27 18.09
C LEU A 484 53.50 24.73 17.75
N MET A 485 53.92 24.52 16.49
CA MET A 485 55.24 24.96 16.04
C MET A 485 55.35 26.48 16.09
N SER A 486 54.25 27.17 15.90
CA SER A 486 54.28 28.61 15.76
C SER A 486 53.97 29.37 17.05
N LEU A 487 54.07 28.70 18.19
CA LEU A 487 53.77 29.34 19.47
C LEU A 487 54.97 30.08 20.05
N PHE A 488 56.09 30.08 19.33
CA PHE A 488 57.36 30.48 19.92
C PHE A 488 57.98 31.73 19.29
N GLY A 489 57.14 32.70 18.94
CA GLY A 489 57.57 33.87 18.18
C GLY A 489 58.07 33.41 16.83
N GLY A 490 59.21 33.95 16.38
CA GLY A 490 59.86 33.49 15.15
C GLY A 490 60.91 32.42 15.39
N LYS A 491 61.13 32.06 16.65
CA LYS A 491 62.06 30.99 17.02
C LYS A 491 61.48 29.65 16.56
N PRO A 492 62.33 28.70 16.23
CA PRO A 492 61.88 27.35 15.90
C PRO A 492 61.55 26.53 17.14
N MET A 493 60.71 25.51 16.95
CA MET A 493 60.43 24.54 17.97
C MET A 493 61.53 23.50 17.92
N ILE A 494 62.31 23.41 19.00
CA ILE A 494 63.44 22.49 19.07
C ILE A 494 62.99 21.21 19.77
N VAL A 495 63.24 20.07 19.14
CA VAL A 495 62.89 18.78 19.69
C VAL A 495 64.14 17.93 19.71
N TYR A 496 64.64 17.63 20.90
CA TYR A 496 65.80 16.73 21.07
C TYR A 496 65.33 15.29 21.18
N LYS A 497 66.04 14.38 20.53
CA LYS A 497 65.69 12.97 20.57
C LYS A 497 66.10 12.36 21.92
N GLY A 498 67.11 12.97 22.54
CA GLY A 498 67.68 12.49 23.78
C GLY A 498 66.80 12.50 25.02
N GLY A 499 67.45 12.63 26.17
CA GLY A 499 66.83 12.47 27.48
C GLY A 499 65.94 13.61 27.93
N THR A 500 66.18 14.12 29.13
CA THR A 500 65.22 14.99 29.81
C THR A 500 65.76 16.39 30.11
N SER A 501 64.93 17.23 30.73
CA SER A 501 65.32 18.57 31.13
C SER A 501 64.91 18.88 32.56
N ARG A 502 64.83 17.84 33.38
CA ARG A 502 64.47 18.00 34.78
C ARG A 502 65.74 18.18 35.60
N GLU A 503 65.56 18.37 36.91
CA GLU A 503 66.63 18.37 37.92
C GLU A 503 68.02 18.00 37.36
N GLY A 504 68.57 16.88 37.86
CA GLY A 504 69.75 16.25 37.28
C GLY A 504 69.26 15.05 36.53
N GLY A 505 68.47 15.33 35.51
CA GLY A 505 68.22 14.40 34.46
C GLY A 505 69.50 14.35 33.66
N GLN A 506 70.16 15.50 33.56
CA GLN A 506 71.50 15.64 32.97
C GLN A 506 71.68 14.70 31.76
N THR A 507 72.84 14.03 31.66
CA THR A 507 73.26 13.25 30.49
C THR A 507 73.48 14.21 29.35
N ALA A 508 74.74 14.30 28.92
CA ALA A 508 75.10 15.28 27.93
C ALA A 508 74.91 14.70 26.53
N PRO A 509 75.11 15.52 25.50
CA PRO A 509 75.23 15.10 24.11
C PRO A 509 75.65 13.68 23.70
N ALA A 510 75.25 13.40 22.47
CA ALA A 510 75.89 12.43 21.61
C ALA A 510 76.91 13.27 20.84
N SER A 511 78.06 12.69 20.53
CA SER A 511 79.13 13.45 19.85
C SER A 511 78.63 14.04 18.52
N THR A 512 77.98 13.20 17.73
CA THR A 512 77.42 13.59 16.42
C THR A 512 75.89 13.57 16.44
N ARG A 513 75.29 14.71 16.10
CA ARG A 513 73.83 14.88 16.09
C ARG A 513 73.35 15.53 14.79
N LEU A 514 72.23 15.03 14.26
CA LEU A 514 71.60 15.64 13.09
C LEU A 514 70.27 16.27 13.48
N PHE A 515 69.95 17.39 12.85
CA PHE A 515 68.64 18.02 13.00
C PHE A 515 68.03 18.30 11.64
N GLN A 516 66.81 17.83 11.43
CA GLN A 516 65.99 18.23 10.30
C GLN A 516 65.20 19.46 10.71
N VAL A 517 65.15 20.46 9.84
CA VAL A 517 64.44 21.71 10.12
C VAL A 517 63.39 21.95 9.05
N ARG A 518 62.17 21.54 9.34
CA ARG A 518 61.06 21.62 8.40
C ARG A 518 60.19 22.83 8.73
N ALA A 519 59.65 23.46 7.69
CA ALA A 519 58.79 24.62 7.88
C ALA A 519 57.35 24.29 7.58
N SER A 520 56.45 25.17 8.02
CA SER A 520 55.03 25.02 7.76
C SER A 520 54.51 26.17 6.88
N SER A 521 53.25 26.07 6.46
CA SER A 521 52.53 27.15 5.75
C SER A 521 52.69 28.52 6.41
N SER A 522 52.60 28.54 7.73
CA SER A 522 52.64 29.76 8.52
C SER A 522 54.00 30.47 8.52
N GLY A 523 55.04 29.75 8.10
CA GLY A 523 56.39 30.27 8.11
C GLY A 523 57.14 29.82 9.36
N ALA A 524 56.45 29.12 10.24
CA ALA A 524 57.06 28.58 11.46
C ALA A 524 57.89 27.33 11.14
N THR A 525 58.89 27.06 11.98
CA THR A 525 59.72 25.88 11.81
C THR A 525 59.79 25.03 13.07
N ARG A 526 60.05 23.75 12.86
CA ARG A 526 60.44 22.85 13.93
C ARG A 526 61.80 22.27 13.56
N ALA A 527 62.68 22.11 14.53
CA ALA A 527 63.91 21.37 14.35
C ALA A 527 63.80 20.09 15.16
N VAL A 528 63.82 18.96 14.45
CA VAL A 528 63.69 17.64 15.07
C VAL A 528 65.02 16.94 15.00
N GLU A 529 65.46 16.36 16.11
CA GLU A 529 66.67 15.56 16.12
C GLU A 529 66.36 14.16 15.58
N ILE A 530 67.15 13.75 14.62
CA ILE A 530 66.99 12.46 13.98
C ILE A 530 68.32 11.72 13.96
N ILE A 531 68.28 10.46 13.54
CA ILE A 531 69.50 9.65 13.45
C ILE A 531 70.38 10.27 12.36
N PRO A 532 71.68 10.49 12.64
CA PRO A 532 72.55 11.16 11.68
C PRO A 532 73.02 10.24 10.54
N LYS A 533 72.20 10.16 9.51
CA LYS A 533 72.48 9.34 8.32
C LYS A 533 72.29 10.16 7.05
N ALA A 534 72.88 9.70 5.97
CA ALA A 534 72.78 10.41 4.69
C ALA A 534 71.40 10.20 4.08
N GLY A 535 70.89 8.99 4.20
CA GLY A 535 69.56 8.64 3.70
C GLY A 535 68.43 9.10 4.59
N ALA A 536 68.66 10.20 5.32
CA ALA A 536 67.63 10.91 6.07
C ALA A 536 67.66 12.40 5.70
N LEU A 537 68.55 12.76 4.77
CA LEU A 537 68.61 14.11 4.25
C LEU A 537 67.44 14.32 3.32
N ASN A 538 67.00 15.57 3.24
CA ASN A 538 65.77 15.92 2.54
C ASN A 538 65.96 17.24 1.82
N SER A 539 65.72 17.23 0.52
CA SER A 539 66.01 18.37 -0.33
C SER A 539 65.18 19.64 -0.01
N ASN A 540 64.10 19.49 0.74
CA ASN A 540 63.17 20.59 1.02
C ASN A 540 63.41 21.31 2.33
N ASP A 541 64.35 20.82 3.12
CA ASP A 541 64.57 21.36 4.46
C ASP A 541 65.98 21.86 4.67
N ALA A 542 66.16 22.63 5.72
CA ALA A 542 67.48 22.94 6.25
C ALA A 542 67.85 21.87 7.25
N PHE A 543 69.11 21.49 7.27
CA PHE A 543 69.62 20.56 8.27
C PHE A 543 70.76 21.19 9.05
N VAL A 544 70.99 20.67 10.24
CA VAL A 544 72.08 21.12 11.09
C VAL A 544 72.77 19.89 11.64
N LEU A 545 74.06 19.76 11.31
CA LEU A 545 74.86 18.63 11.74
C LEU A 545 75.94 19.09 12.72
N LYS A 546 75.71 18.88 14.01
CA LYS A 546 76.71 19.21 15.03
C LYS A 546 77.70 18.05 15.18
N THR A 547 78.97 18.38 15.04
CA THR A 547 80.07 17.41 15.08
C THR A 547 81.20 17.99 15.93
N PRO A 548 81.93 17.14 16.68
CA PRO A 548 82.96 17.64 17.61
C PRO A 548 83.86 18.68 16.94
N SER A 549 84.26 18.41 15.71
CA SER A 549 85.00 19.36 14.86
C SER A 549 84.28 20.71 14.74
N ALA A 550 83.33 20.82 13.81
CA ALA A 550 82.54 22.05 13.60
C ALA A 550 81.07 21.72 13.28
N ALA A 551 80.29 22.74 12.92
CA ALA A 551 78.85 22.58 12.69
C ALA A 551 78.44 23.05 11.29
N TYR A 552 77.68 22.20 10.60
CA TYR A 552 77.24 22.43 9.22
C TYR A 552 75.79 22.88 9.13
N LEU A 553 75.54 23.90 8.31
CA LEU A 553 74.19 24.35 8.02
C LEU A 553 73.87 24.01 6.57
N TRP A 554 73.52 22.75 6.36
CA TRP A 554 73.12 22.25 5.04
C TRP A 554 71.74 22.82 4.68
N VAL A 555 71.67 23.59 3.61
CA VAL A 555 70.40 24.17 3.13
C VAL A 555 70.12 23.64 1.71
N GLY A 556 69.08 22.82 1.61
CA GLY A 556 68.75 22.11 0.38
C GLY A 556 68.23 22.98 -0.73
N ALA A 557 68.21 22.41 -1.93
CA ALA A 557 67.80 23.11 -3.14
C ALA A 557 66.38 23.64 -3.04
N GLY A 558 65.47 22.76 -2.64
CA GLY A 558 64.07 23.10 -2.49
C GLY A 558 63.73 23.97 -1.29
N ALA A 559 64.69 24.16 -0.39
CA ALA A 559 64.47 24.93 0.84
C ALA A 559 64.28 26.42 0.59
N SER A 560 63.82 27.12 1.62
CA SER A 560 63.52 28.54 1.54
C SER A 560 64.13 29.32 2.70
N GLU A 561 63.87 30.63 2.75
CA GLU A 561 64.42 31.50 3.79
C GLU A 561 64.01 31.03 5.19
N ALA A 562 62.81 30.47 5.30
CA ALA A 562 62.19 30.15 6.59
C ALA A 562 62.95 29.09 7.38
N GLU A 563 63.37 28.05 6.69
CA GLU A 563 64.12 26.97 7.32
C GLU A 563 65.58 27.33 7.45
N LYS A 564 66.12 28.17 6.56
CA LYS A 564 67.49 28.72 6.68
C LYS A 564 67.60 29.43 8.03
N THR A 565 66.71 30.40 8.21
CA THR A 565 66.67 31.22 9.41
C THR A 565 66.35 30.40 10.65
N GLY A 566 65.47 29.42 10.51
CA GLY A 566 65.09 28.56 11.62
C GLY A 566 66.24 27.67 12.05
N ALA A 567 67.02 27.21 11.08
CA ALA A 567 68.15 26.34 11.34
C ALA A 567 69.30 27.06 12.04
N GLN A 568 69.49 28.34 11.76
CA GLN A 568 70.58 29.10 12.38
C GLN A 568 70.18 29.65 13.74
N GLU A 569 68.87 29.71 14.01
CA GLU A 569 68.37 30.08 15.33
C GLU A 569 68.47 28.89 16.28
N LEU A 570 68.50 27.69 15.71
CA LEU A 570 68.78 26.46 16.47
C LEU A 570 70.24 26.43 16.86
N LEU A 571 71.10 26.88 15.96
CA LEU A 571 72.55 26.84 16.16
C LEU A 571 72.98 27.75 17.30
N ARG A 572 72.36 28.92 17.41
CA ARG A 572 72.59 29.80 18.54
C ARG A 572 72.30 29.11 19.87
N VAL A 573 71.20 28.35 19.91
CA VAL A 573 70.83 27.60 21.10
C VAL A 573 71.84 26.48 21.37
N LEU A 574 72.37 25.88 20.30
CA LEU A 574 73.37 24.81 20.41
C LEU A 574 74.77 25.33 20.70
N ARG A 575 74.92 26.66 20.76
CA ARG A 575 76.19 27.34 21.08
C ARG A 575 77.31 27.02 20.10
N ALA A 576 76.96 26.91 18.83
CA ALA A 576 77.93 26.60 17.77
C ALA A 576 77.84 27.62 16.66
N GLN A 577 78.75 27.52 15.70
CA GLN A 577 78.84 28.44 14.57
C GLN A 577 78.81 27.68 13.23
N PRO A 578 77.96 28.11 12.30
CA PRO A 578 77.65 27.33 11.11
C PRO A 578 78.69 27.38 9.99
N VAL A 579 78.56 26.45 9.05
CA VAL A 579 79.28 26.47 7.78
C VAL A 579 78.25 26.35 6.66
N GLN A 580 77.82 27.47 6.11
CA GLN A 580 76.84 27.45 5.03
C GLN A 580 77.29 26.47 3.96
N VAL A 581 76.33 25.74 3.38
CA VAL A 581 76.63 24.80 2.31
C VAL A 581 75.36 24.43 1.57
N ALA A 582 75.28 24.78 0.28
CA ALA A 582 74.15 24.38 -0.55
C ALA A 582 74.22 22.89 -0.86
N GLU A 583 73.12 22.35 -1.37
CA GLU A 583 73.04 20.92 -1.68
C GLU A 583 73.99 20.54 -2.83
N GLY A 584 74.49 19.30 -2.79
CA GLY A 584 75.29 18.73 -3.85
C GLY A 584 76.76 19.15 -3.90
N SER A 585 77.04 20.36 -3.44
CA SER A 585 78.39 20.89 -3.41
C SER A 585 78.82 21.02 -1.95
N GLU A 586 79.18 19.89 -1.37
CA GLU A 586 79.40 19.74 0.06
C GLU A 586 80.74 19.03 0.34
N PRO A 587 81.60 19.59 1.20
CA PRO A 587 82.88 18.94 1.49
C PRO A 587 82.67 17.55 2.09
N ASP A 588 83.60 16.62 1.89
CA ASP A 588 83.34 15.22 2.31
C ASP A 588 83.82 14.89 3.74
N SER A 589 84.04 15.91 4.56
CA SER A 589 84.06 15.75 6.03
C SER A 589 82.62 15.64 6.50
N PHE A 590 81.74 16.38 5.83
CA PHE A 590 80.29 16.29 5.93
C PHE A 590 79.80 14.83 5.82
N TRP A 591 80.16 14.18 4.73
CA TRP A 591 79.68 12.83 4.41
C TRP A 591 80.27 11.75 5.32
N GLU A 592 81.51 11.96 5.75
CA GLU A 592 82.18 11.00 6.65
C GLU A 592 81.62 11.06 8.07
N ALA A 593 81.01 12.19 8.42
CA ALA A 593 80.31 12.35 9.70
C ALA A 593 79.02 11.52 9.74
N LEU A 594 78.41 11.32 8.57
CA LEU A 594 77.17 10.53 8.45
C LEU A 594 77.42 9.03 8.28
N GLY A 595 78.68 8.67 8.05
CA GLY A 595 79.06 7.28 7.91
C GLY A 595 78.78 6.74 6.51
N GLY A 596 78.95 7.60 5.49
CA GLY A 596 78.79 7.20 4.09
C GLY A 596 78.12 8.25 3.23
N LYS A 597 77.33 7.79 2.27
CA LYS A 597 76.61 8.66 1.33
C LYS A 597 75.63 7.80 0.55
N ALA A 598 74.34 8.14 0.63
CA ALA A 598 73.29 7.27 0.09
C ALA A 598 72.22 7.99 -0.72
N THR A 599 71.23 7.22 -1.16
CA THR A 599 69.99 7.74 -1.72
C THR A 599 69.46 8.90 -0.90
N TYR A 600 68.71 9.76 -1.57
CA TYR A 600 68.13 10.96 -0.97
C TYR A 600 66.64 10.80 -0.72
N ARG A 601 66.05 11.91 -0.30
CA ARG A 601 64.67 12.24 -0.63
C ARG A 601 64.72 13.56 -1.39
N THR A 602 64.24 13.56 -2.64
CA THR A 602 64.04 14.81 -3.39
C THR A 602 62.55 15.06 -3.60
N SER A 603 61.74 14.38 -2.80
CA SER A 603 60.28 14.44 -2.89
C SER A 603 59.78 15.85 -2.66
N PRO A 604 59.58 16.65 -3.71
CA PRO A 604 59.11 18.03 -3.52
C PRO A 604 57.71 17.94 -2.94
N ARG A 605 57.51 18.58 -1.81
CA ARG A 605 56.32 18.31 -1.01
C ARG A 605 55.04 18.75 -1.68
N LEU A 606 54.02 17.91 -1.57
CA LEU A 606 52.66 18.33 -1.83
C LEU A 606 52.40 19.49 -0.89
N LYS A 607 52.45 20.71 -1.41
CA LYS A 607 52.41 21.88 -0.55
C LYS A 607 50.99 22.43 -0.54
N ASP A 608 50.65 23.14 -1.60
CA ASP A 608 49.31 23.66 -1.78
C ASP A 608 48.37 22.49 -2.07
N LYS A 609 48.92 21.46 -2.72
CA LYS A 609 48.15 20.30 -3.18
C LYS A 609 47.81 19.28 -2.08
N LYS A 610 48.17 19.57 -0.83
CA LYS A 610 47.92 18.64 0.31
C LYS A 610 46.46 18.18 0.35
N MET A 611 45.57 19.16 0.38
CA MET A 611 44.13 18.98 0.43
C MET A 611 43.53 18.18 -0.75
N ASP A 612 44.10 18.35 -1.94
CA ASP A 612 43.65 17.62 -3.13
C ASP A 612 43.94 16.12 -3.03
N ALA A 613 45.13 15.80 -2.54
CA ALA A 613 45.58 14.42 -2.40
C ALA A 613 44.87 13.67 -1.27
N HIS A 614 44.55 14.43 -0.23
CA HIS A 614 43.94 13.91 1.00
C HIS A 614 42.91 14.88 1.46
N PRO A 615 41.76 14.88 0.78
CA PRO A 615 40.64 15.73 1.17
C PRO A 615 40.15 15.39 2.58
N PRO A 616 39.79 16.41 3.35
CA PRO A 616 39.14 16.21 4.64
C PRO A 616 37.88 15.41 4.50
N ARG A 617 37.53 14.66 5.53
CA ARG A 617 36.36 13.78 5.52
C ARG A 617 35.66 13.82 6.87
N LEU A 618 34.33 13.83 6.86
CA LEU A 618 33.52 13.88 8.08
C LEU A 618 32.84 12.53 8.39
N PHE A 619 33.08 12.01 9.60
CA PHE A 619 32.52 10.72 10.05
C PHE A 619 31.77 10.84 11.35
N ALA A 620 30.78 9.97 11.52
CA ALA A 620 30.14 9.76 12.82
C ALA A 620 30.81 8.57 13.50
N CYS A 621 30.78 8.57 14.82
CA CYS A 621 31.57 7.64 15.62
C CYS A 621 30.70 7.03 16.72
N SER A 622 30.82 5.73 16.92
CA SER A 622 29.95 5.00 17.88
C SER A 622 30.67 3.89 18.66
N ASN A 623 30.62 3.98 19.99
CA ASN A 623 31.10 2.92 20.90
C ASN A 623 29.93 2.05 21.41
N LYS A 624 29.01 1.71 20.50
CA LYS A 624 27.71 1.12 20.85
C LYS A 624 27.68 -0.42 20.79
N ILE A 625 27.48 -1.03 21.97
CA ILE A 625 27.50 -2.50 22.20
C ILE A 625 28.93 -3.08 21.98
N GLY A 626 29.88 -2.64 22.81
CA GLY A 626 31.29 -3.00 22.68
C GLY A 626 31.75 -3.11 21.23
N ARG A 627 31.21 -2.24 20.38
CA ARG A 627 31.35 -2.36 18.92
C ARG A 627 31.66 -0.98 18.30
N PHE A 628 32.86 -0.86 17.73
CA PHE A 628 33.36 0.38 17.13
C PHE A 628 33.02 0.49 15.64
N VAL A 629 32.10 1.41 15.33
CA VAL A 629 31.70 1.68 13.94
C VAL A 629 31.88 3.16 13.53
N ILE A 630 32.36 3.37 12.30
CA ILE A 630 32.45 4.69 11.67
C ILE A 630 31.61 4.74 10.40
N GLU A 631 30.72 5.72 10.31
CA GLU A 631 29.95 5.96 9.10
C GLU A 631 30.29 7.34 8.56
N GLU A 632 30.72 7.39 7.31
CA GLU A 632 31.00 8.65 6.64
C GLU A 632 29.70 9.39 6.36
N VAL A 633 29.67 10.67 6.74
CA VAL A 633 28.62 11.58 6.28
C VAL A 633 29.20 12.20 5.01
N PRO A 634 28.54 11.94 3.88
CA PRO A 634 29.04 12.39 2.59
C PRO A 634 28.51 13.76 2.20
N GLY A 635 29.16 14.36 1.20
CA GLY A 635 28.79 15.66 0.70
C GLY A 635 29.57 16.80 1.33
N GLU A 636 29.19 18.02 0.97
CA GLU A 636 29.80 19.22 1.53
C GLU A 636 29.53 19.24 3.02
N PHE A 637 30.49 19.73 3.81
CA PHE A 637 30.40 19.73 5.26
C PHE A 637 29.35 20.72 5.74
N MET A 638 28.51 20.25 6.65
CA MET A 638 27.39 21.03 7.14
C MET A 638 27.30 20.96 8.65
N GLN A 639 27.13 22.11 9.27
CA GLN A 639 26.90 22.20 10.70
C GLN A 639 25.72 21.34 11.16
N GLU A 640 24.68 21.28 10.31
CA GLU A 640 23.48 20.49 10.59
C GLU A 640 23.75 19.01 10.80
N ASP A 641 24.83 18.51 10.19
CA ASP A 641 25.22 17.08 10.31
C ASP A 641 25.90 16.76 11.66
N LEU A 642 26.30 17.80 12.37
CA LEU A 642 26.94 17.66 13.67
C LEU A 642 25.87 17.50 14.74
N ALA A 643 25.43 16.26 14.91
CA ALA A 643 24.31 15.94 15.80
C ALA A 643 24.74 16.13 17.24
N THR A 644 23.92 16.82 18.03
CA THR A 644 24.38 17.20 19.37
C THR A 644 24.53 15.99 20.30
N ASP A 645 24.08 14.83 19.86
CA ASP A 645 24.16 13.62 20.70
C ASP A 645 25.14 12.61 20.14
N ASP A 646 25.96 13.07 19.21
CA ASP A 646 26.92 12.21 18.52
C ASP A 646 28.35 12.64 18.86
N VAL A 647 29.27 11.72 18.62
CA VAL A 647 30.68 12.03 18.54
C VAL A 647 31.07 11.91 17.07
N MET A 648 31.63 12.97 16.52
CA MET A 648 32.02 13.02 15.11
C MET A 648 33.53 13.07 14.96
N LEU A 649 34.01 12.75 13.77
CA LEU A 649 35.41 12.85 13.40
C LEU A 649 35.58 13.65 12.10
N LEU A 650 36.28 14.77 12.20
CA LEU A 650 36.69 15.52 11.02
C LEU A 650 38.13 15.20 10.76
N ASP A 651 38.36 14.38 9.75
CA ASP A 651 39.67 13.94 9.37
C ASP A 651 40.18 14.83 8.24
N THR A 652 40.71 15.98 8.63
CA THR A 652 41.77 16.66 7.88
C THR A 652 42.82 15.57 7.75
N TRP A 653 43.76 15.66 6.83
CA TRP A 653 44.77 14.57 6.81
C TRP A 653 45.80 14.81 7.89
N ASP A 654 46.18 16.08 8.02
CA ASP A 654 47.23 16.54 8.94
C ASP A 654 46.96 16.17 10.38
N GLN A 655 45.69 15.98 10.67
CA GLN A 655 45.14 16.08 12.01
C GLN A 655 43.76 15.41 12.00
N VAL A 656 43.32 14.86 13.12
CA VAL A 656 41.97 14.33 13.24
C VAL A 656 41.26 15.05 14.38
N PHE A 657 40.31 15.90 14.04
CA PHE A 657 39.42 16.49 15.05
C PHE A 657 38.42 15.43 15.49
N VAL A 658 38.06 15.45 16.76
CA VAL A 658 36.93 14.70 17.24
C VAL A 658 36.06 15.69 17.96
N TRP A 659 34.89 15.93 17.36
CA TRP A 659 33.91 16.87 17.84
C TRP A 659 32.96 16.09 18.71
N VAL A 660 32.82 16.48 19.97
CA VAL A 660 31.95 15.74 20.88
C VAL A 660 30.73 16.58 21.19
N GLY A 661 29.57 16.02 20.88
CA GLY A 661 28.30 16.68 21.14
C GLY A 661 27.94 16.72 22.63
N LYS A 662 27.39 17.86 23.06
CA LYS A 662 26.95 18.08 24.44
C LYS A 662 26.13 16.89 25.03
N ASP A 663 25.10 16.45 24.30
CA ASP A 663 24.22 15.34 24.74
C ASP A 663 24.68 13.92 24.35
N SER A 664 25.96 13.75 24.08
CA SER A 664 26.47 12.40 23.80
C SER A 664 26.72 11.69 25.12
N GLN A 665 26.74 10.35 25.10
CA GLN A 665 26.93 9.57 26.32
C GLN A 665 28.32 9.81 26.94
N ASP A 666 28.41 9.70 28.27
CA ASP A 666 29.63 10.03 29.00
C ASP A 666 30.81 9.09 28.77
N GLU A 667 30.54 7.79 28.58
CA GLU A 667 31.59 6.83 28.22
C GLU A 667 32.21 7.19 26.85
N GLU A 668 31.37 7.56 25.89
CA GLU A 668 31.78 7.89 24.51
C GLU A 668 32.67 9.11 24.40
N LYS A 669 32.40 10.13 25.22
CA LYS A 669 33.14 11.38 25.17
C LYS A 669 34.38 11.37 26.06
N THR A 670 34.49 10.35 26.89
CA THR A 670 35.71 10.06 27.65
C THR A 670 36.69 9.28 26.79
N GLU A 671 36.13 8.43 25.93
CA GLU A 671 36.88 7.64 24.94
C GLU A 671 37.12 8.39 23.60
N ALA A 672 36.97 9.71 23.61
CA ALA A 672 37.11 10.50 22.40
C ALA A 672 38.47 10.28 21.74
N LEU A 673 39.54 10.49 22.49
CA LEU A 673 40.89 10.26 22.00
C LEU A 673 41.11 8.84 21.52
N THR A 674 40.64 7.88 22.33
CA THR A 674 40.80 6.46 21.99
C THR A 674 40.05 6.11 20.71
N SER A 675 38.91 6.76 20.50
CA SER A 675 38.07 6.52 19.32
C SER A 675 38.77 7.04 18.06
N ALA A 676 39.30 8.26 18.14
CA ALA A 676 40.14 8.80 17.09
C ALA A 676 41.33 7.88 16.71
N LYS A 677 41.97 7.28 17.72
CA LYS A 677 43.13 6.39 17.51
C LYS A 677 42.71 5.12 16.80
N ARG A 678 41.58 4.58 17.26
CA ARG A 678 41.03 3.37 16.67
C ARG A 678 40.83 3.64 15.18
N TYR A 679 40.22 4.77 14.88
CA TYR A 679 39.96 5.19 13.51
C TYR A 679 41.24 5.26 12.71
N ILE A 680 42.26 5.87 13.30
CA ILE A 680 43.55 6.04 12.64
C ILE A 680 44.29 4.70 12.42
N ASP A 681 44.23 3.82 13.42
CA ASP A 681 44.89 2.50 13.38
C ASP A 681 44.19 1.56 12.41
N THR A 682 42.89 1.81 12.24
CA THR A 682 41.99 1.00 11.40
C THR A 682 42.04 1.40 9.93
N ASP A 683 42.58 2.57 9.65
CA ASP A 683 42.55 3.11 8.31
C ASP A 683 43.31 2.20 7.33
N PRO A 684 42.65 1.82 6.24
CA PRO A 684 43.27 1.08 5.12
C PRO A 684 44.54 1.68 4.55
N ALA A 685 44.71 2.99 4.69
CA ALA A 685 45.91 3.67 4.21
C ALA A 685 47.15 3.31 5.03
N HIS A 686 46.95 2.61 6.13
CA HIS A 686 48.05 2.20 7.02
C HIS A 686 48.84 3.46 7.36
N ARG A 687 48.17 4.41 7.96
CA ARG A 687 48.70 5.77 8.08
C ARG A 687 49.39 6.03 9.41
N ASP A 688 50.11 7.15 9.44
CA ASP A 688 50.96 7.51 10.57
C ASP A 688 50.21 7.46 11.90
N ARG A 689 50.61 6.54 12.76
CA ARG A 689 49.97 6.35 14.06
C ARG A 689 50.23 7.52 15.02
N ARG A 690 51.12 8.43 14.62
CA ARG A 690 51.50 9.59 15.43
C ARG A 690 50.67 10.83 15.12
N THR A 691 49.81 10.71 14.12
CA THR A 691 48.93 11.78 13.67
C THR A 691 48.27 12.45 14.86
N PRO A 692 48.34 13.76 14.92
CA PRO A 692 47.75 14.49 16.04
C PRO A 692 46.24 14.40 16.05
N ILE A 693 45.69 14.21 17.23
CA ILE A 693 44.27 14.10 17.48
C ILE A 693 43.89 15.29 18.30
N THR A 694 42.77 15.91 17.97
CA THR A 694 42.37 17.15 18.60
C THR A 694 40.90 17.10 19.02
N VAL A 695 40.67 17.02 20.32
CA VAL A 695 39.31 16.93 20.85
C VAL A 695 38.72 18.32 21.03
N VAL A 696 37.59 18.51 20.39
CA VAL A 696 36.90 19.79 20.33
C VAL A 696 35.49 19.58 20.84
N LYS A 697 34.95 20.56 21.54
CA LYS A 697 33.64 20.44 22.20
C LYS A 697 32.59 21.33 21.57
N GLN A 698 31.38 20.81 21.44
CA GLN A 698 30.24 21.54 20.88
C GLN A 698 30.06 22.92 21.50
N GLY A 699 29.90 23.92 20.64
CA GLY A 699 29.76 25.31 21.06
C GLY A 699 31.08 26.01 21.33
N PHE A 700 32.18 25.27 21.27
CA PHE A 700 33.51 25.79 21.63
C PHE A 700 34.53 25.29 20.64
N GLU A 701 34.07 25.22 19.39
CA GLU A 701 34.88 24.76 18.28
C GLU A 701 35.88 25.86 17.93
N PRO A 702 37.13 25.48 17.65
CA PRO A 702 38.13 26.47 17.24
C PRO A 702 37.97 26.85 15.76
N PRO A 703 38.63 27.93 15.34
CA PRO A 703 38.55 28.38 13.95
C PRO A 703 39.00 27.36 12.93
N SER A 704 40.02 26.57 13.26
CA SER A 704 40.58 25.59 12.33
C SER A 704 39.64 24.41 12.11
N PHE A 705 38.62 24.32 12.95
CA PHE A 705 37.53 23.37 12.76
C PHE A 705 36.35 23.97 12.00
N VAL A 706 35.81 25.09 12.49
CA VAL A 706 34.64 25.73 11.87
C VAL A 706 34.95 26.28 10.49
N GLY A 707 36.22 26.56 10.24
CA GLY A 707 36.67 27.05 8.96
C GLY A 707 36.37 26.14 7.78
N TRP A 708 36.16 24.85 8.03
CA TRP A 708 35.84 23.87 7.00
C TRP A 708 34.35 23.86 6.63
N PHE A 709 33.54 24.56 7.43
CA PHE A 709 32.09 24.58 7.24
C PHE A 709 31.65 25.93 6.73
N LEU A 710 31.29 25.99 5.45
CA LEU A 710 30.98 27.27 4.80
C LEU A 710 29.95 28.09 5.55
N GLY A 711 28.78 27.51 5.81
CA GLY A 711 27.71 28.24 6.45
C GLY A 711 27.68 28.14 7.97
N TRP A 712 28.86 28.17 8.60
CA TRP A 712 28.90 28.05 10.06
C TRP A 712 28.16 29.21 10.72
N ASP A 713 27.33 28.87 11.69
CA ASP A 713 26.47 29.81 12.38
C ASP A 713 26.66 29.62 13.88
N ASP A 714 27.18 30.66 14.55
CA ASP A 714 27.46 30.60 15.98
C ASP A 714 26.21 30.40 16.84
N SER A 715 25.08 30.88 16.33
CA SER A 715 23.78 30.81 17.02
C SER A 715 22.98 29.55 16.68
N TYR A 716 23.48 28.74 15.76
CA TYR A 716 22.74 27.56 15.29
C TYR A 716 22.11 26.77 16.44
N TRP A 717 22.85 26.53 17.51
CA TRP A 717 22.31 25.71 18.61
C TRP A 717 21.59 26.53 19.68
N SER A 718 21.77 27.85 19.63
CA SER A 718 21.04 28.80 20.50
C SER A 718 19.51 28.61 20.46
N VAL A 719 19.00 28.21 19.30
CA VAL A 719 17.61 27.76 19.18
C VAL A 719 17.60 26.32 18.63
N ASP A 720 17.04 25.39 19.40
CA ASP A 720 16.99 23.97 19.05
C ASP A 720 16.63 23.77 17.58
N PRO A 721 17.49 23.09 16.83
CA PRO A 721 17.43 23.12 15.36
C PRO A 721 16.12 22.57 14.78
N LEU A 722 15.55 21.56 15.43
CA LEU A 722 14.27 20.98 15.02
C LEU A 722 13.10 21.96 15.15
N ASP A 723 13.06 22.72 16.24
CA ASP A 723 12.01 23.71 16.45
C ASP A 723 12.04 24.80 15.39
N ARG A 724 13.25 25.13 14.92
CA ARG A 724 13.43 26.13 13.88
C ARG A 724 12.94 25.59 12.54
N ALA A 725 13.29 24.35 12.24
CA ALA A 725 12.91 23.72 10.97
C ALA A 725 11.39 23.67 10.87
N LEU A 726 10.77 23.32 11.99
CA LEU A 726 9.31 23.20 12.11
C LEU A 726 8.61 24.56 12.01
N ALA A 727 9.32 25.60 12.42
CA ALA A 727 8.82 26.96 12.34
C ALA A 727 9.03 27.55 10.93
N GLU A 728 9.23 26.69 9.94
CA GLU A 728 9.28 27.08 8.54
C GLU A 728 8.25 26.32 7.70
N LEU A 729 7.90 25.11 8.15
CA LEU A 729 6.94 24.25 7.47
C LEU A 729 5.50 24.63 7.78
N ALA A 730 5.23 24.94 9.04
CA ALA A 730 3.93 25.45 9.45
C ALA A 730 4.01 26.95 9.72
N ALA A 731 4.72 27.67 8.84
CA ALA A 731 5.08 29.06 9.11
C ALA A 731 5.06 29.98 7.89
N VAL B 3 -34.10 28.98 0.03
CA VAL B 3 -33.23 28.17 -0.88
C VAL B 3 -33.69 26.69 -0.88
N GLU B 4 -33.76 26.11 0.34
CA GLU B 4 -34.19 24.71 0.60
C GLU B 4 -33.18 23.59 0.21
N HIS B 5 -32.41 23.84 -0.85
CA HIS B 5 -31.14 23.17 -1.24
C HIS B 5 -31.21 22.86 -2.74
N PRO B 6 -30.34 23.49 -3.54
CA PRO B 6 -30.41 23.40 -5.01
C PRO B 6 -30.46 21.99 -5.60
N GLU B 7 -29.84 21.01 -4.94
CA GLU B 7 -29.89 19.61 -5.36
C GLU B 7 -31.25 18.96 -5.05
N PHE B 8 -31.92 19.41 -3.99
CA PHE B 8 -33.33 19.02 -3.77
C PHE B 8 -34.22 19.28 -5.01
N LEU B 9 -34.00 20.37 -5.73
CA LEU B 9 -34.81 20.65 -6.94
C LEU B 9 -34.40 19.75 -8.12
N LYS B 10 -33.16 19.27 -8.12
CA LYS B 10 -32.69 18.32 -9.14
C LYS B 10 -33.19 16.92 -8.82
N ALA B 11 -33.77 16.74 -7.64
CA ALA B 11 -34.00 15.41 -7.08
C ALA B 11 -35.36 14.82 -7.36
N GLY B 12 -35.37 13.59 -7.86
CA GLY B 12 -36.58 12.78 -7.89
C GLY B 12 -37.58 13.25 -8.92
N LYS B 13 -37.05 13.85 -9.98
CA LYS B 13 -37.88 14.41 -11.02
C LYS B 13 -38.25 13.35 -12.04
N GLU B 14 -37.27 12.60 -12.54
CA GLU B 14 -37.55 11.46 -13.43
C GLU B 14 -37.04 10.12 -12.87
N PRO B 15 -37.50 9.00 -13.44
CA PRO B 15 -36.98 7.68 -13.04
C PRO B 15 -35.50 7.60 -13.32
N GLY B 16 -34.79 6.95 -12.41
CA GLY B 16 -33.34 6.91 -12.41
C GLY B 16 -32.76 6.84 -11.02
N LEU B 17 -31.44 6.95 -10.97
CA LEU B 17 -30.67 6.82 -9.76
C LEU B 17 -29.81 8.06 -9.63
N GLN B 18 -29.78 8.66 -8.46
CA GLN B 18 -28.98 9.86 -8.20
C GLN B 18 -28.14 9.67 -6.96
N ILE B 19 -26.84 9.91 -7.07
CA ILE B 19 -25.94 9.74 -5.93
C ILE B 19 -25.19 11.03 -5.66
N TRP B 20 -25.40 11.58 -4.46
CA TRP B 20 -24.60 12.68 -3.96
C TRP B 20 -23.69 12.16 -2.89
N ARG B 21 -22.50 12.71 -2.85
CA ARG B 21 -21.59 12.48 -1.75
C ARG B 21 -21.67 13.66 -0.79
N VAL B 22 -21.64 13.36 0.51
CA VAL B 22 -21.70 14.42 1.51
C VAL B 22 -20.34 15.02 1.69
N GLU B 23 -20.24 16.34 1.47
CA GLU B 23 -18.98 17.06 1.48
C GLU B 23 -19.15 18.34 2.29
N LYS B 24 -18.76 18.30 3.56
CA LYS B 24 -18.78 19.49 4.41
C LYS B 24 -20.20 20.07 4.48
N PHE B 25 -21.15 19.21 4.83
CA PHE B 25 -22.57 19.57 4.95
C PHE B 25 -23.17 20.14 3.66
N ASP B 26 -22.77 19.54 2.55
CA ASP B 26 -23.33 19.86 1.24
C ASP B 26 -23.49 18.58 0.41
N LEU B 27 -24.43 18.59 -0.52
CA LEU B 27 -24.63 17.47 -1.45
C LEU B 27 -23.92 17.74 -2.77
N VAL B 28 -22.90 16.95 -3.05
CA VAL B 28 -22.12 17.09 -4.27
C VAL B 28 -22.34 15.85 -5.12
N PRO B 29 -22.74 16.03 -6.38
CA PRO B 29 -23.08 14.88 -7.22
C PRO B 29 -21.86 14.07 -7.52
N VAL B 30 -21.93 12.78 -7.26
CA VAL B 30 -20.97 11.85 -7.83
C VAL B 30 -21.18 11.82 -9.34
N PRO B 31 -20.10 11.84 -10.14
CA PRO B 31 -20.26 11.72 -11.59
C PRO B 31 -20.92 10.38 -11.94
N PRO B 32 -21.83 10.33 -12.91
CA PRO B 32 -22.55 9.07 -13.19
C PRO B 32 -21.68 7.87 -13.59
N ASN B 33 -20.59 8.09 -14.28
CA ASN B 33 -19.69 6.99 -14.68
C ASN B 33 -18.97 6.32 -13.51
N LEU B 34 -18.96 6.96 -12.35
CA LEU B 34 -18.34 6.40 -11.15
C LEU B 34 -19.36 5.95 -10.11
N TYR B 35 -20.62 5.89 -10.48
CA TYR B 35 -21.63 5.31 -9.59
C TYR B 35 -21.17 3.94 -9.12
N GLY B 36 -21.33 3.64 -7.84
CA GLY B 36 -20.81 2.39 -7.30
C GLY B 36 -19.48 2.55 -6.60
N ASP B 37 -18.73 3.60 -6.95
CA ASP B 37 -17.53 4.01 -6.22
C ASP B 37 -18.01 4.73 -4.95
N PHE B 38 -17.40 4.39 -3.82
CA PHE B 38 -17.70 5.01 -2.53
C PHE B 38 -16.43 5.12 -1.68
N PHE B 39 -16.12 6.32 -1.21
CA PHE B 39 -15.02 6.49 -0.26
C PHE B 39 -15.37 5.96 1.13
N THR B 40 -14.41 5.32 1.74
CA THR B 40 -14.59 4.64 3.02
C THR B 40 -14.71 5.61 4.19
N GLY B 41 -14.17 6.81 4.02
CA GLY B 41 -14.24 7.81 5.06
C GLY B 41 -15.25 8.89 4.71
N ASP B 42 -16.27 8.55 3.94
CA ASP B 42 -17.30 9.49 3.55
C ASP B 42 -18.68 8.93 3.75
N ALA B 43 -19.67 9.80 3.63
CA ALA B 43 -21.05 9.37 3.65
C ALA B 43 -21.73 9.89 2.40
N TYR B 44 -22.79 9.21 1.97
CA TYR B 44 -23.46 9.56 0.72
C TYR B 44 -24.96 9.52 0.92
N VAL B 45 -25.66 10.16 -0.01
CA VAL B 45 -27.09 10.02 -0.11
C VAL B 45 -27.37 9.48 -1.49
N ILE B 46 -28.30 8.55 -1.57
CA ILE B 46 -28.64 7.88 -2.82
C ILE B 46 -30.14 7.89 -2.96
N LEU B 47 -30.62 8.45 -4.06
CA LEU B 47 -32.04 8.42 -4.36
C LEU B 47 -32.33 7.63 -5.64
N LYS B 48 -33.18 6.62 -5.49
CA LYS B 48 -33.63 5.78 -6.60
C LYS B 48 -35.11 6.11 -6.82
N THR B 49 -35.42 6.56 -8.03
CA THR B 49 -36.78 6.88 -8.39
C THR B 49 -37.29 5.84 -9.38
N VAL B 50 -38.36 5.16 -8.99
CA VAL B 50 -39.00 4.16 -9.82
C VAL B 50 -40.33 4.70 -10.34
N GLN B 51 -40.58 4.50 -11.64
CA GLN B 51 -41.90 4.78 -12.19
C GLN B 51 -42.88 3.67 -11.84
N LEU B 52 -43.87 4.01 -11.02
CA LEU B 52 -44.99 3.12 -10.77
C LEU B 52 -45.84 2.99 -12.02
N ARG B 53 -46.59 1.88 -12.12
CA ARG B 53 -47.31 1.54 -13.34
C ARG B 53 -48.42 2.55 -13.64
N ASN B 54 -48.98 3.12 -12.58
CA ASN B 54 -49.98 4.18 -12.73
C ASN B 54 -49.40 5.57 -13.03
N GLY B 55 -48.08 5.67 -13.23
CA GLY B 55 -47.43 6.91 -13.63
C GLY B 55 -46.87 7.76 -12.49
N ILE B 56 -47.50 7.64 -11.32
CA ILE B 56 -47.00 8.26 -10.08
C ILE B 56 -45.54 7.79 -9.77
N LEU B 57 -44.74 8.60 -9.08
CA LEU B 57 -43.32 8.25 -8.83
C LEU B 57 -43.09 7.61 -7.46
N GLN B 58 -42.05 6.79 -7.37
CA GLN B 58 -41.69 6.09 -6.14
C GLN B 58 -40.25 6.40 -5.78
N TYR B 59 -39.99 6.53 -4.48
CA TYR B 59 -38.68 6.92 -3.98
C TYR B 59 -38.12 5.99 -2.91
N ASP B 60 -36.93 5.46 -3.16
CA ASP B 60 -36.12 4.84 -2.11
C ASP B 60 -34.90 5.72 -1.80
N LEU B 61 -34.83 6.21 -0.57
CA LEU B 61 -33.75 7.05 -0.10
C LEU B 61 -32.82 6.28 0.79
N HIS B 62 -31.56 6.24 0.43
CA HIS B 62 -30.61 5.61 1.30
C HIS B 62 -29.54 6.59 1.59
N TYR B 63 -29.01 6.48 2.78
CA TYR B 63 -27.75 7.08 3.04
C TYR B 63 -26.80 5.94 3.38
N TRP B 64 -25.58 6.10 2.88
CA TRP B 64 -24.54 5.08 3.00
C TRP B 64 -23.40 5.63 3.85
N LEU B 65 -22.99 4.87 4.86
CA LEU B 65 -21.90 5.25 5.75
C LEU B 65 -20.65 4.35 5.62
N GLY B 66 -19.55 4.96 5.18
CA GLY B 66 -18.27 4.30 5.15
C GLY B 66 -17.78 3.89 6.53
N ASN B 67 -16.91 2.90 6.60
CA ASN B 67 -16.42 2.38 7.86
C ASN B 67 -15.55 3.38 8.58
N GLU B 68 -14.77 4.13 7.82
CA GLU B 68 -13.89 5.17 8.36
C GLU B 68 -14.60 6.53 8.40
N CYS B 69 -15.92 6.52 8.56
CA CYS B 69 -16.74 7.74 8.50
C CYS B 69 -16.69 8.58 9.78
N SER B 70 -16.68 9.90 9.62
CA SER B 70 -16.81 10.82 10.76
C SER B 70 -18.19 10.67 11.42
N GLN B 71 -18.28 11.10 12.68
CA GLN B 71 -19.57 11.19 13.39
C GLN B 71 -20.39 12.36 12.82
N ASP B 72 -19.68 13.37 12.30
CA ASP B 72 -20.29 14.55 11.69
C ASP B 72 -20.80 14.32 10.26
N GLU B 73 -19.97 13.72 9.39
CA GLU B 73 -20.36 13.47 7.99
C GLU B 73 -21.59 12.55 7.90
N SER B 74 -21.69 11.61 8.84
CA SER B 74 -22.81 10.67 8.86
C SER B 74 -24.08 11.27 9.47
N GLY B 75 -23.90 12.21 10.39
CA GLY B 75 -24.99 12.99 10.93
C GLY B 75 -25.61 13.84 9.83
N ALA B 76 -24.77 14.43 9.01
CA ALA B 76 -25.23 15.22 7.87
C ALA B 76 -25.98 14.39 6.84
N ALA B 77 -25.54 13.16 6.62
CA ALA B 77 -26.16 12.26 5.66
C ALA B 77 -27.58 11.94 6.12
N ALA B 78 -27.72 11.70 7.42
CA ALA B 78 -29.02 11.47 8.01
C ALA B 78 -29.91 12.70 7.92
N ILE B 79 -29.33 13.85 8.23
CA ILE B 79 -30.07 15.11 8.27
C ILE B 79 -30.63 15.36 6.88
N PHE B 80 -29.79 15.19 5.86
CA PHE B 80 -30.19 15.39 4.48
C PHE B 80 -31.23 14.39 4.05
N THR B 81 -31.07 13.15 4.49
CA THR B 81 -32.02 12.09 4.16
C THR B 81 -33.44 12.47 4.63
N VAL B 82 -33.55 12.78 5.92
CA VAL B 82 -34.80 13.25 6.54
C VAL B 82 -35.37 14.47 5.85
N GLN B 83 -34.50 15.44 5.57
CA GLN B 83 -34.90 16.70 4.93
C GLN B 83 -35.28 16.51 3.45
N LEU B 84 -34.68 15.52 2.80
CA LEU B 84 -34.98 15.23 1.40
C LEU B 84 -36.30 14.48 1.34
N ASP B 85 -36.53 13.61 2.32
CA ASP B 85 -37.79 12.89 2.43
C ASP B 85 -38.93 13.88 2.68
N ASP B 86 -38.67 14.86 3.54
CA ASP B 86 -39.63 15.93 3.81
C ASP B 86 -40.00 16.69 2.52
N TYR B 87 -38.99 17.05 1.74
CA TYR B 87 -39.19 17.78 0.49
C TYR B 87 -39.91 16.93 -0.57
N LEU B 88 -39.77 15.60 -0.45
CA LEU B 88 -40.47 14.66 -1.31
C LEU B 88 -41.81 14.23 -0.68
N ASN B 89 -42.34 15.11 0.17
CA ASN B 89 -43.68 15.01 0.73
C ASN B 89 -43.91 13.80 1.64
N GLY B 90 -42.81 13.30 2.20
CA GLY B 90 -42.85 12.23 3.19
C GLY B 90 -43.28 10.85 2.69
N ARG B 91 -43.16 10.61 1.39
CA ARG B 91 -43.61 9.35 0.81
C ARG B 91 -42.47 8.37 0.44
N ALA B 92 -41.22 8.82 0.61
CA ALA B 92 -40.06 7.97 0.36
C ALA B 92 -39.89 6.92 1.43
N VAL B 93 -39.40 5.76 1.01
CA VAL B 93 -38.91 4.72 1.90
C VAL B 93 -37.45 5.07 2.16
N GLN B 94 -37.03 5.01 3.43
CA GLN B 94 -35.69 5.47 3.84
C GLN B 94 -34.85 4.28 4.31
N HIS B 95 -33.56 4.32 4.00
CA HIS B 95 -32.69 3.22 4.38
C HIS B 95 -31.37 3.73 4.94
N ARG B 96 -30.91 3.11 6.03
CA ARG B 96 -29.55 3.32 6.54
C ARG B 96 -28.67 2.16 6.07
N GLU B 97 -27.65 2.48 5.28
CA GLU B 97 -26.78 1.47 4.68
C GLU B 97 -25.37 1.65 5.23
N VAL B 98 -24.71 0.55 5.55
CA VAL B 98 -23.37 0.61 6.13
C VAL B 98 -22.42 -0.23 5.29
N GLN B 99 -21.25 0.34 4.99
CA GLN B 99 -20.23 -0.34 4.21
C GLN B 99 -20.16 -1.81 4.61
N GLY B 100 -20.22 -2.68 3.60
CA GLY B 100 -20.09 -4.11 3.79
C GLY B 100 -21.36 -4.85 4.19
N PHE B 101 -22.42 -4.14 4.51
CA PHE B 101 -23.61 -4.72 5.11
C PHE B 101 -24.89 -4.11 4.59
N GLU B 102 -24.87 -3.65 3.34
CA GLU B 102 -25.96 -2.87 2.82
C GLU B 102 -27.07 -3.77 2.28
N SER B 103 -28.28 -3.22 2.18
CA SER B 103 -29.50 -3.98 1.82
C SER B 103 -29.49 -4.54 0.40
N ALA B 104 -30.35 -5.52 0.17
CA ALA B 104 -30.49 -6.16 -1.14
C ALA B 104 -30.97 -5.15 -2.19
N THR B 105 -31.85 -4.25 -1.78
CA THR B 105 -32.28 -3.16 -2.67
C THR B 105 -31.08 -2.32 -3.16
N PHE B 106 -30.36 -1.74 -2.20
CA PHE B 106 -29.20 -0.91 -2.50
C PHE B 106 -28.22 -1.59 -3.49
N LEU B 107 -27.85 -2.83 -3.18
CA LEU B 107 -26.82 -3.56 -3.92
C LEU B 107 -27.28 -3.84 -5.36
N GLY B 108 -28.59 -4.02 -5.52
CA GLY B 108 -29.19 -4.22 -6.82
C GLY B 108 -28.97 -3.08 -7.81
N TYR B 109 -28.78 -1.87 -7.29
CA TYR B 109 -28.49 -0.71 -8.13
C TYR B 109 -27.14 -0.82 -8.80
N PHE B 110 -26.28 -1.68 -8.29
CA PHE B 110 -24.90 -1.73 -8.76
C PHE B 110 -24.52 -3.15 -9.18
N LYS B 111 -24.80 -3.49 -10.42
CA LYS B 111 -24.62 -4.88 -10.86
C LYS B 111 -23.16 -5.20 -11.14
N SER B 112 -22.42 -4.24 -11.67
CA SER B 112 -20.97 -4.37 -11.79
C SER B 112 -20.22 -4.44 -10.45
N GLY B 113 -20.95 -4.18 -9.37
CA GLY B 113 -20.41 -4.25 -8.02
C GLY B 113 -20.09 -2.88 -7.44
N LEU B 114 -19.67 -2.89 -6.19
CA LEU B 114 -19.25 -1.68 -5.48
C LEU B 114 -17.73 -1.61 -5.41
N LYS B 115 -17.18 -0.41 -5.46
CA LYS B 115 -15.78 -0.17 -5.10
C LYS B 115 -15.69 0.62 -3.80
N TYR B 116 -15.10 0.02 -2.79
CA TYR B 116 -14.76 0.73 -1.57
C TYR B 116 -13.36 1.34 -1.69
N LYS B 117 -13.28 2.67 -1.69
CA LYS B 117 -12.02 3.38 -1.93
C LYS B 117 -11.39 3.88 -0.62
N LYS B 118 -10.06 3.96 -0.60
CA LYS B 118 -9.33 4.49 0.56
C LYS B 118 -9.41 6.01 0.56
N GLY B 119 -9.77 6.55 1.72
CA GLY B 119 -9.77 7.98 1.91
C GLY B 119 -11.15 8.60 1.85
N GLY B 120 -11.17 9.90 1.55
CA GLY B 120 -12.40 10.68 1.55
C GLY B 120 -12.12 12.17 1.54
N VAL B 121 -13.11 12.93 2.02
CA VAL B 121 -13.07 14.39 1.97
C VAL B 121 -11.97 14.96 2.85
N ALA B 122 -11.86 14.39 4.05
CA ALA B 122 -10.90 14.86 5.04
C ALA B 122 -9.46 14.58 4.64
N SER B 123 -9.28 13.58 3.78
CA SER B 123 -7.96 13.22 3.24
C SER B 123 -7.68 13.90 1.91
N GLY B 124 -8.64 14.67 1.42
CA GLY B 124 -8.47 15.45 0.20
C GLY B 124 -8.85 14.79 -1.13
N PHE B 125 -9.34 13.56 -1.07
CA PHE B 125 -9.70 12.82 -2.29
C PHE B 125 -11.10 13.12 -2.78
N LYS B 126 -11.26 13.13 -4.09
CA LYS B 126 -12.58 13.37 -4.69
C LYS B 126 -12.81 12.39 -5.83
N HIS B 127 -14.04 12.32 -6.32
CA HIS B 127 -14.31 11.51 -7.48
C HIS B 127 -14.15 12.36 -8.72
N VAL B 128 -12.99 12.87 -9.00
CA VAL B 128 -12.83 13.62 -10.24
C VAL B 128 -11.45 13.25 -10.67
N VAL B 129 -11.07 13.52 -11.91
CA VAL B 129 -9.76 13.07 -12.34
C VAL B 129 -9.27 13.65 -13.67
N PRO B 130 -8.39 14.64 -13.57
CA PRO B 130 -7.58 15.15 -14.67
C PRO B 130 -7.17 14.17 -15.77
N ASN B 131 -7.72 14.34 -16.98
CA ASN B 131 -7.16 13.68 -18.16
C ASN B 131 -5.66 13.69 -17.99
N GLU B 132 -5.03 12.51 -18.06
CA GLU B 132 -3.60 12.34 -17.82
C GLU B 132 -3.34 11.74 -16.43
N VAL B 133 -4.38 11.23 -15.76
CA VAL B 133 -4.22 10.81 -14.35
C VAL B 133 -3.30 9.59 -14.20
N VAL B 134 -2.44 9.71 -13.21
CA VAL B 134 -1.54 8.68 -12.79
C VAL B 134 -2.24 7.88 -11.72
N VAL B 135 -2.22 6.57 -11.82
CA VAL B 135 -2.85 5.76 -10.80
C VAL B 135 -2.04 4.49 -10.52
N GLN B 136 -2.01 4.14 -9.24
CA GLN B 136 -1.30 2.98 -8.74
C GLN B 136 -2.02 2.45 -7.50
N ARG B 137 -2.94 1.52 -7.71
CA ARG B 137 -3.72 0.98 -6.60
C ARG B 137 -3.99 -0.52 -6.72
N LEU B 138 -4.37 -1.12 -5.61
CA LEU B 138 -4.71 -2.52 -5.58
C LEU B 138 -6.13 -2.70 -5.08
N LEU B 139 -6.92 -3.45 -5.86
CA LEU B 139 -8.29 -3.79 -5.48
C LEU B 139 -8.35 -5.28 -5.18
N GLN B 140 -8.89 -5.62 -4.01
CA GLN B 140 -9.20 -7.01 -3.67
C GLN B 140 -10.67 -7.28 -3.99
N VAL B 141 -10.94 -8.27 -4.84
CA VAL B 141 -12.31 -8.58 -5.23
C VAL B 141 -12.87 -9.80 -4.50
N LYS B 142 -14.03 -9.60 -3.89
CA LYS B 142 -14.64 -10.54 -2.97
C LYS B 142 -16.14 -10.59 -3.24
N GLY B 143 -16.70 -11.78 -3.30
CA GLY B 143 -18.14 -11.96 -3.40
C GLY B 143 -18.59 -12.69 -4.65
N ARG B 144 -19.61 -13.51 -4.48
CA ARG B 144 -20.16 -14.32 -5.58
C ARG B 144 -21.43 -13.65 -6.13
N ARG B 145 -22.33 -13.33 -5.23
CA ARG B 145 -23.66 -12.81 -5.59
C ARG B 145 -23.60 -11.27 -5.64
N VAL B 146 -22.95 -10.69 -4.64
CA VAL B 146 -22.77 -9.24 -4.56
C VAL B 146 -21.26 -8.98 -4.53
N VAL B 147 -20.71 -8.42 -5.61
CA VAL B 147 -19.24 -8.30 -5.68
C VAL B 147 -18.78 -6.94 -5.18
N ARG B 148 -17.73 -6.99 -4.37
CA ARG B 148 -17.18 -5.83 -3.71
C ARG B 148 -15.66 -5.81 -3.93
N ALA B 149 -15.22 -4.85 -4.73
CA ALA B 149 -13.80 -4.55 -4.89
C ALA B 149 -13.34 -3.50 -3.87
N THR B 150 -12.54 -3.92 -2.88
CA THR B 150 -11.96 -3.01 -1.89
C THR B 150 -10.53 -2.60 -2.22
N GLU B 151 -10.28 -1.28 -2.29
CA GLU B 151 -8.92 -0.78 -2.35
C GLU B 151 -8.12 -1.20 -1.09
N VAL B 152 -7.00 -1.86 -1.34
CA VAL B 152 -6.11 -2.33 -0.29
C VAL B 152 -4.68 -1.82 -0.55
N PRO B 153 -3.80 -1.96 0.44
CA PRO B 153 -2.41 -1.56 0.28
C PRO B 153 -1.77 -2.25 -0.90
N VAL B 154 -0.93 -1.52 -1.62
CA VAL B 154 -0.25 -2.10 -2.76
C VAL B 154 0.91 -2.94 -2.26
N SER B 155 0.65 -4.22 -2.06
CA SER B 155 1.58 -5.13 -1.39
C SER B 155 1.15 -6.61 -1.47
N TRP B 156 2.12 -7.51 -1.54
CA TRP B 156 1.84 -8.95 -1.46
C TRP B 156 1.18 -9.35 -0.13
N GLU B 157 1.32 -8.51 0.90
CA GLU B 157 0.63 -8.75 2.17
C GLU B 157 -0.89 -8.61 2.08
N SER B 158 -1.40 -7.86 1.11
CA SER B 158 -2.85 -7.78 0.88
C SER B 158 -3.40 -9.03 0.21
N PHE B 159 -2.51 -9.81 -0.41
CA PHE B 159 -2.88 -10.92 -1.28
C PHE B 159 -3.17 -12.18 -0.49
N ASN B 160 -3.88 -13.10 -1.16
CA ASN B 160 -4.00 -14.49 -0.73
C ASN B 160 -4.15 -15.38 -1.96
N ASN B 161 -4.16 -16.69 -1.79
CA ASN B 161 -4.24 -17.60 -2.95
C ASN B 161 -5.67 -17.95 -3.38
N GLY B 162 -6.66 -17.40 -2.66
CA GLY B 162 -8.07 -17.70 -2.93
C GLY B 162 -8.79 -16.68 -3.80
N ASP B 163 -8.51 -15.39 -3.56
CA ASP B 163 -9.26 -14.30 -4.21
C ASP B 163 -8.65 -13.82 -5.50
N CYS B 164 -9.38 -12.97 -6.21
CA CYS B 164 -8.85 -12.21 -7.34
C CYS B 164 -8.51 -10.81 -6.89
N PHE B 165 -7.49 -10.23 -7.51
CA PHE B 165 -6.99 -8.90 -7.24
C PHE B 165 -6.78 -8.18 -8.53
N ILE B 166 -6.88 -6.86 -8.49
CA ILE B 166 -6.67 -6.06 -9.69
C ILE B 166 -5.64 -5.03 -9.34
N LEU B 167 -4.49 -5.09 -10.02
CA LEU B 167 -3.47 -4.08 -9.84
C LEU B 167 -3.66 -3.03 -10.91
N ASP B 168 -4.30 -1.94 -10.52
CA ASP B 168 -4.66 -0.86 -11.43
C ASP B 168 -3.52 0.14 -11.61
N LEU B 169 -2.85 0.06 -12.76
CA LEU B 169 -1.71 0.91 -13.08
C LEU B 169 -2.05 2.03 -14.08
N GLY B 170 -3.34 2.28 -14.29
CA GLY B 170 -3.81 3.39 -15.10
C GLY B 170 -4.10 3.00 -16.53
N ASN B 171 -3.08 3.07 -17.37
CA ASN B 171 -3.20 2.62 -18.77
C ASN B 171 -3.25 1.10 -18.87
N ASN B 172 -2.76 0.44 -17.84
CA ASN B 172 -2.72 -1.00 -17.80
C ASN B 172 -3.38 -1.48 -16.53
N ILE B 173 -4.31 -2.42 -16.68
CA ILE B 173 -5.01 -3.01 -15.55
C ILE B 173 -4.61 -4.46 -15.51
N TYR B 174 -4.07 -4.89 -14.37
CA TYR B 174 -3.57 -6.25 -14.20
C TYR B 174 -4.44 -7.06 -13.27
N GLN B 175 -5.28 -7.93 -13.83
CA GLN B 175 -6.12 -8.83 -13.04
C GLN B 175 -5.37 -10.11 -12.70
N TRP B 176 -5.20 -10.35 -11.42
CA TRP B 176 -4.51 -11.52 -10.90
C TRP B 176 -5.53 -12.39 -10.20
N CYS B 177 -5.46 -13.71 -10.40
CA CYS B 177 -6.39 -14.61 -9.75
C CYS B 177 -5.63 -15.73 -9.06
N GLY B 178 -5.91 -15.93 -7.78
CA GLY B 178 -5.22 -16.92 -6.96
C GLY B 178 -5.37 -18.32 -7.52
N SER B 179 -4.48 -19.21 -7.08
CA SER B 179 -4.45 -20.60 -7.55
C SER B 179 -5.70 -21.40 -7.09
N LYS B 180 -6.17 -21.12 -5.87
CA LYS B 180 -7.42 -21.70 -5.36
C LYS B 180 -8.65 -20.86 -5.73
N SER B 181 -8.54 -19.98 -6.71
CA SER B 181 -9.68 -19.15 -7.08
C SER B 181 -10.58 -19.92 -8.03
N ASN B 182 -11.88 -19.87 -7.77
CA ASN B 182 -12.84 -20.57 -8.62
C ASN B 182 -13.14 -19.73 -9.86
N ARG B 183 -13.57 -20.38 -10.94
CA ARG B 183 -13.73 -19.71 -12.24
C ARG B 183 -14.91 -18.71 -12.33
N PHE B 184 -15.92 -18.91 -11.50
CA PHE B 184 -17.05 -17.95 -11.41
C PHE B 184 -16.59 -16.63 -10.81
N GLU B 185 -15.80 -16.72 -9.75
CA GLU B 185 -15.22 -15.53 -9.13
C GLU B 185 -14.34 -14.77 -10.12
N ARG B 186 -13.61 -15.49 -10.96
CA ARG B 186 -12.78 -14.84 -11.98
C ARG B 186 -13.60 -14.06 -12.96
N LEU B 187 -14.71 -14.65 -13.37
CA LEU B 187 -15.63 -14.01 -14.31
C LEU B 187 -16.08 -12.66 -13.73
N LYS B 188 -16.36 -12.68 -12.43
CA LYS B 188 -16.80 -11.47 -11.73
C LYS B 188 -15.69 -10.41 -11.65
N ALA B 189 -14.48 -10.84 -11.26
CA ALA B 189 -13.34 -9.95 -11.18
C ALA B 189 -13.10 -9.33 -12.53
N THR B 190 -13.35 -10.10 -13.58
CA THR B 190 -13.28 -9.62 -14.95
C THR B 190 -14.28 -8.49 -15.24
N GLN B 191 -15.52 -8.63 -14.80
CA GLN B 191 -16.53 -7.60 -14.99
C GLN B 191 -16.05 -6.29 -14.37
N VAL B 192 -15.38 -6.40 -13.22
CA VAL B 192 -14.89 -5.24 -12.47
C VAL B 192 -13.77 -4.55 -13.24
N SER B 193 -12.86 -5.37 -13.78
CA SER B 193 -11.73 -4.91 -14.57
C SER B 193 -12.25 -4.18 -15.80
N LYS B 194 -13.18 -4.82 -16.50
CA LYS B 194 -13.85 -4.22 -17.65
C LYS B 194 -14.47 -2.89 -17.24
N GLY B 195 -15.08 -2.89 -16.07
CA GLY B 195 -15.77 -1.71 -15.55
C GLY B 195 -14.86 -0.51 -15.37
N ILE B 196 -13.69 -0.74 -14.81
CA ILE B 196 -12.71 0.30 -14.64
C ILE B 196 -12.29 0.82 -15.99
N ARG B 197 -12.05 -0.10 -16.93
CA ARG B 197 -11.62 0.29 -18.27
C ARG B 197 -12.69 1.16 -18.95
N ASP B 198 -13.94 0.73 -18.91
CA ASP B 198 -14.98 1.43 -19.66
C ASP B 198 -15.42 2.75 -19.02
N ASN B 199 -15.52 2.77 -17.69
CA ASN B 199 -16.16 3.87 -16.94
C ASN B 199 -15.21 4.93 -16.35
N GLU B 200 -14.14 4.49 -15.71
CA GLU B 200 -12.96 5.34 -15.54
C GLU B 200 -12.24 5.11 -16.88
N ARG B 201 -11.19 5.83 -17.19
CA ARG B 201 -10.40 5.56 -18.42
C ARG B 201 -11.05 5.77 -19.81
N SER B 202 -12.38 5.73 -19.94
CA SER B 202 -13.05 5.85 -21.25
C SER B 202 -12.61 4.80 -22.30
N GLY B 203 -12.60 3.54 -21.90
CA GLY B 203 -12.14 2.47 -22.77
C GLY B 203 -10.69 2.59 -23.26
N ARG B 204 -9.91 3.48 -22.64
CA ARG B 204 -8.56 3.79 -23.11
C ARG B 204 -7.53 3.07 -22.23
N ALA B 205 -7.69 1.76 -22.11
CA ALA B 205 -6.82 0.99 -21.23
C ALA B 205 -6.86 -0.50 -21.57
N GLN B 206 -5.75 -1.17 -21.27
CA GLN B 206 -5.51 -2.54 -21.68
C GLN B 206 -5.64 -3.41 -20.43
N VAL B 207 -6.73 -4.15 -20.35
CA VAL B 207 -6.87 -5.15 -19.30
C VAL B 207 -6.17 -6.41 -19.77
N SER B 208 -5.11 -6.79 -19.06
CA SER B 208 -4.53 -8.12 -19.21
C SER B 208 -4.77 -8.86 -17.90
N VAL B 209 -4.92 -10.18 -18.02
CA VAL B 209 -5.31 -11.03 -16.90
C VAL B 209 -4.39 -12.25 -16.76
N PHE B 210 -4.11 -12.61 -15.51
CA PHE B 210 -3.05 -13.54 -15.15
C PHE B 210 -3.48 -14.42 -14.02
N GLU B 211 -2.69 -15.47 -13.78
CA GLU B 211 -2.98 -16.42 -12.72
C GLU B 211 -1.77 -16.53 -11.82
N GLU B 212 -2.00 -16.84 -10.54
CA GLU B 212 -0.91 -16.95 -9.59
C GLU B 212 0.16 -17.83 -10.20
N GLY B 213 1.43 -17.44 -10.04
CA GLY B 213 2.55 -18.11 -10.68
C GLY B 213 3.07 -17.43 -11.95
N ALA B 214 2.18 -16.85 -12.75
CA ALA B 214 2.56 -16.18 -14.01
C ALA B 214 2.59 -14.65 -13.92
N GLU B 215 3.00 -14.14 -12.75
CA GLU B 215 2.93 -12.69 -12.50
C GLU B 215 3.90 -11.95 -13.43
N PRO B 216 3.38 -10.93 -14.13
CA PRO B 216 4.15 -10.20 -15.14
C PRO B 216 5.10 -9.14 -14.57
N GLU B 217 5.94 -8.62 -15.47
CA GLU B 217 7.02 -7.67 -15.15
C GLU B 217 6.49 -6.47 -14.37
N ALA B 218 5.47 -5.84 -14.92
CA ALA B 218 4.86 -4.67 -14.30
C ALA B 218 4.46 -4.96 -12.87
N MET B 219 3.89 -6.13 -12.65
CA MET B 219 3.39 -6.52 -11.34
C MET B 219 4.51 -6.74 -10.32
N LEU B 220 5.52 -7.50 -10.72
CA LEU B 220 6.66 -7.84 -9.86
C LEU B 220 7.57 -6.64 -9.63
N GLN B 221 7.45 -5.66 -10.51
CA GLN B 221 8.21 -4.45 -10.40
C GLN B 221 7.68 -3.67 -9.22
N VAL B 222 6.36 -3.40 -9.19
CA VAL B 222 5.79 -2.57 -8.12
C VAL B 222 5.61 -3.33 -6.81
N LEU B 223 5.57 -4.66 -6.88
CA LEU B 223 5.26 -5.48 -5.71
C LEU B 223 6.45 -6.21 -5.10
N GLY B 224 7.53 -6.36 -5.88
CA GLY B 224 8.69 -7.15 -5.46
C GLY B 224 8.50 -8.65 -5.72
N PRO B 225 9.39 -9.52 -5.23
CA PRO B 225 9.20 -10.97 -5.31
C PRO B 225 8.02 -11.49 -4.50
N LYS B 226 7.28 -12.42 -5.11
CA LYS B 226 6.07 -13.01 -4.51
C LYS B 226 6.48 -14.03 -3.45
N PRO B 227 5.97 -13.92 -2.23
CA PRO B 227 6.21 -14.94 -1.21
C PRO B 227 5.14 -16.05 -1.22
N THR B 228 5.17 -16.90 -0.21
CA THR B 228 4.10 -17.86 0.01
C THR B 228 2.91 -17.08 0.51
N LEU B 229 1.74 -17.38 -0.05
CA LEU B 229 0.53 -16.65 0.29
C LEU B 229 -0.39 -17.48 1.16
N PRO B 230 -1.18 -16.84 2.02
CA PRO B 230 -2.14 -17.57 2.84
C PRO B 230 -3.39 -18.03 2.09
N GLU B 231 -4.20 -18.82 2.78
CA GLU B 231 -5.54 -19.18 2.32
C GLU B 231 -6.41 -17.94 2.46
N ALA B 232 -7.44 -17.84 1.64
CA ALA B 232 -8.43 -16.77 1.77
C ALA B 232 -9.18 -16.91 3.08
N THR B 233 -9.91 -15.87 3.46
CA THR B 233 -10.71 -15.91 4.68
C THR B 233 -12.19 -16.03 4.36
N GLU B 234 -12.85 -16.95 5.08
CA GLU B 234 -14.29 -17.17 4.95
C GLU B 234 -15.05 -16.45 6.07
N ASN B 243 -32.29 -20.17 12.72
CA ASN B 243 -33.51 -19.59 13.27
C ASN B 243 -33.54 -18.06 13.07
N ARG B 244 -33.54 -17.63 11.82
CA ARG B 244 -33.83 -16.24 11.49
C ARG B 244 -35.15 -16.19 10.72
N LYS B 245 -36.23 -16.37 11.49
CA LYS B 245 -37.62 -16.36 10.96
C LYS B 245 -38.58 -15.67 11.93
N LEU B 246 -38.13 -15.48 13.17
CA LEU B 246 -38.94 -14.93 14.23
C LEU B 246 -38.60 -13.46 14.46
N ALA B 247 -39.64 -12.63 14.42
CA ALA B 247 -39.55 -11.21 14.70
C ALA B 247 -40.60 -10.81 15.73
N LYS B 248 -40.48 -9.59 16.23
CA LYS B 248 -41.43 -8.99 17.17
C LYS B 248 -41.77 -7.58 16.74
N LEU B 249 -42.98 -7.12 17.07
CA LEU B 249 -43.43 -5.77 16.74
C LEU B 249 -43.60 -4.95 18.01
N TYR B 250 -43.30 -3.65 17.91
CA TYR B 250 -43.20 -2.75 19.05
C TYR B 250 -43.80 -1.39 18.74
N LYS B 251 -44.44 -0.77 19.74
CA LYS B 251 -44.92 0.60 19.66
C LYS B 251 -43.78 1.49 20.13
N VAL B 252 -43.84 2.79 19.81
CA VAL B 252 -42.77 3.70 20.23
C VAL B 252 -43.23 5.20 20.26
N SER B 253 -43.17 5.80 21.45
CA SER B 253 -43.59 7.21 21.69
C SER B 253 -42.50 8.09 22.34
N ASN B 254 -41.74 8.83 21.53
CA ASN B 254 -40.64 9.70 22.02
C ASN B 254 -40.33 10.98 21.19
N GLY B 255 -39.47 11.83 21.73
CA GLY B 255 -38.94 13.01 21.03
C GLY B 255 -37.61 12.74 20.33
N ALA B 256 -36.71 12.08 21.06
CA ALA B 256 -35.41 11.55 20.57
C ALA B 256 -34.54 11.00 21.72
N GLY B 257 -34.77 11.51 22.93
CA GLY B 257 -34.14 11.02 24.17
C GLY B 257 -34.97 10.03 24.99
N PRO B 258 -36.10 10.48 25.58
CA PRO B 258 -36.90 9.62 26.46
C PRO B 258 -37.73 8.59 25.68
N MET B 259 -37.07 7.50 25.28
CA MET B 259 -37.66 6.52 24.35
C MET B 259 -38.55 5.51 25.07
N VAL B 260 -39.84 5.51 24.71
CA VAL B 260 -40.83 4.58 25.27
C VAL B 260 -41.08 3.45 24.27
N VAL B 261 -40.73 2.22 24.66
CA VAL B 261 -40.83 1.06 23.77
C VAL B 261 -41.71 -0.02 24.39
N SER B 262 -42.91 -0.18 23.85
CA SER B 262 -43.90 -1.14 24.38
C SER B 262 -44.20 -2.26 23.38
N LEU B 263 -43.99 -3.51 23.80
CA LEU B 263 -44.28 -4.67 22.95
C LEU B 263 -45.76 -4.74 22.58
N VAL B 264 -46.04 -4.86 21.28
CA VAL B 264 -47.41 -5.02 20.76
C VAL B 264 -47.72 -6.44 20.26
N ALA B 265 -46.74 -7.11 19.66
CA ALA B 265 -46.93 -8.49 19.19
C ALA B 265 -45.68 -9.31 19.44
N ASP B 266 -45.85 -10.46 20.07
CA ASP B 266 -44.71 -11.26 20.52
C ASP B 266 -44.16 -12.16 19.43
N GLU B 267 -45.02 -12.55 18.50
CA GLU B 267 -44.62 -13.44 17.42
C GLU B 267 -45.28 -13.08 16.10
N ASN B 268 -44.52 -13.23 15.03
CA ASN B 268 -45.04 -13.13 13.67
C ASN B 268 -45.57 -14.50 13.25
N PRO B 269 -46.57 -14.58 12.37
CA PRO B 269 -47.15 -13.44 11.63
C PRO B 269 -47.94 -12.46 12.48
N PHE B 270 -47.84 -11.18 12.13
CA PHE B 270 -48.46 -10.10 12.88
C PHE B 270 -49.82 -9.79 12.31
N ALA B 271 -50.66 -9.17 13.14
CA ALA B 271 -51.94 -8.64 12.69
C ALA B 271 -51.69 -7.30 12.04
N GLN B 272 -52.23 -7.10 10.84
CA GLN B 272 -52.13 -5.81 10.15
C GLN B 272 -52.81 -4.69 10.94
N GLY B 273 -53.87 -5.04 11.68
CA GLY B 273 -54.60 -4.08 12.50
C GLY B 273 -53.81 -3.54 13.70
N ALA B 274 -52.76 -4.25 14.12
CA ALA B 274 -51.86 -3.77 15.17
C ALA B 274 -51.15 -2.46 14.78
N LEU B 275 -50.96 -2.25 13.48
CA LEU B 275 -50.42 -0.99 12.96
C LEU B 275 -51.54 0.04 12.97
N ARG B 276 -51.37 1.09 13.77
CA ARG B 276 -52.41 2.10 13.94
C ARG B 276 -51.84 3.48 13.62
N SER B 277 -52.63 4.27 12.88
CA SER B 277 -52.17 5.55 12.26
C SER B 277 -51.69 6.63 13.24
N GLU B 278 -52.08 6.52 14.51
CA GLU B 278 -51.73 7.52 15.51
C GLU B 278 -50.28 7.35 15.95
N ASP B 279 -49.81 6.11 15.93
CA ASP B 279 -48.53 5.73 16.53
C ASP B 279 -47.41 5.44 15.51
N CYS B 280 -46.25 5.05 16.03
CA CYS B 280 -45.13 4.49 15.25
C CYS B 280 -44.68 3.19 15.84
N PHE B 281 -44.30 2.25 14.97
CA PHE B 281 -43.86 0.95 15.43
C PHE B 281 -42.47 0.61 14.90
N ILE B 282 -41.74 -0.22 15.64
CA ILE B 282 -40.56 -0.87 15.12
C ILE B 282 -40.85 -2.36 14.97
N LEU B 283 -40.59 -2.86 13.77
CA LEU B 283 -40.63 -4.29 13.48
C LEU B 283 -39.21 -4.80 13.66
N ASP B 284 -38.97 -5.46 14.79
CA ASP B 284 -37.64 -5.95 15.16
C ASP B 284 -37.35 -7.33 14.58
N HIS B 285 -36.63 -7.35 13.46
CA HIS B 285 -36.13 -8.58 12.83
C HIS B 285 -34.61 -8.57 12.98
N GLY B 286 -34.13 -8.10 14.14
CA GLY B 286 -32.71 -7.92 14.37
C GLY B 286 -31.88 -9.19 14.44
N LYS B 287 -32.54 -10.31 14.68
CA LYS B 287 -31.89 -11.61 14.55
C LYS B 287 -31.28 -11.80 13.16
N ASP B 288 -32.00 -11.36 12.14
CA ASP B 288 -31.57 -11.46 10.73
C ASP B 288 -30.93 -10.19 10.13
N GLY B 289 -30.54 -9.24 10.98
CA GLY B 289 -29.75 -8.10 10.55
C GLY B 289 -30.54 -6.90 10.06
N LYS B 290 -31.81 -6.81 10.44
CA LYS B 290 -32.73 -5.82 9.89
C LYS B 290 -33.76 -5.34 10.92
N ILE B 291 -34.03 -4.03 10.94
CA ILE B 291 -35.22 -3.49 11.60
C ILE B 291 -35.95 -2.49 10.72
N PHE B 292 -37.24 -2.33 10.98
CA PHE B 292 -38.08 -1.39 10.24
C PHE B 292 -38.74 -0.41 11.19
N VAL B 293 -38.87 0.85 10.78
CA VAL B 293 -39.71 1.80 11.49
C VAL B 293 -40.89 2.22 10.64
N TRP B 294 -42.09 1.86 11.10
CA TRP B 294 -43.33 2.20 10.42
C TRP B 294 -43.93 3.51 10.99
N LYS B 295 -44.14 4.49 10.12
CA LYS B 295 -44.64 5.81 10.49
C LYS B 295 -46.13 6.01 10.15
N GLY B 296 -47.00 5.86 11.16
CA GLY B 296 -48.42 6.17 11.05
C GLY B 296 -48.65 7.52 10.37
N LYS B 297 -49.75 7.64 9.63
CA LYS B 297 -49.91 8.82 8.76
C LYS B 297 -50.39 10.07 9.51
N GLN B 298 -50.79 9.91 10.77
CA GLN B 298 -51.08 11.06 11.65
C GLN B 298 -49.92 11.24 12.62
N ALA B 299 -49.54 10.15 13.29
CA ALA B 299 -48.25 10.05 14.01
C ALA B 299 -47.93 11.19 14.98
N ASN B 300 -47.36 12.27 14.42
CA ASN B 300 -46.78 13.41 15.18
C ASN B 300 -45.48 13.84 14.47
N MET B 301 -45.53 14.98 13.80
CA MET B 301 -44.43 15.43 12.94
C MET B 301 -43.02 15.29 13.55
N GLU B 302 -42.90 15.46 14.86
CA GLU B 302 -41.57 15.45 15.52
C GLU B 302 -41.02 14.03 15.73
N GLU B 303 -41.90 13.04 15.96
CA GLU B 303 -41.47 11.63 16.08
C GLU B 303 -41.42 10.85 14.74
N ARG B 304 -42.11 11.37 13.72
CA ARG B 304 -41.97 10.93 12.32
C ARG B 304 -40.59 11.33 11.81
N LYS B 305 -40.25 12.60 11.99
CA LYS B 305 -38.97 13.21 11.55
C LYS B 305 -37.74 12.65 12.28
N ALA B 306 -37.93 12.10 13.48
CA ALA B 306 -36.84 11.50 14.27
C ALA B 306 -36.83 9.96 14.25
N ALA B 307 -37.36 9.39 13.17
CA ALA B 307 -37.53 7.94 13.06
C ALA B 307 -36.18 7.22 12.91
N LEU B 308 -35.23 7.85 12.20
CA LEU B 308 -33.86 7.33 12.12
C LEU B 308 -33.18 7.31 13.49
N LYS B 309 -33.28 8.43 14.21
CA LYS B 309 -32.72 8.51 15.57
C LYS B 309 -33.36 7.48 16.51
N THR B 310 -34.66 7.26 16.33
CA THR B 310 -35.40 6.25 17.11
C THR B 310 -34.91 4.84 16.83
N ALA B 311 -34.56 4.60 15.57
CA ALA B 311 -34.06 3.32 15.11
C ALA B 311 -32.69 3.10 15.72
N SER B 312 -31.91 4.17 15.78
CA SER B 312 -30.58 4.17 16.41
C SER B 312 -30.71 3.76 17.87
N ASP B 313 -31.54 4.50 18.61
CA ASP B 313 -31.74 4.26 20.04
C ASP B 313 -32.22 2.83 20.32
N PHE B 314 -33.00 2.26 19.40
CA PHE B 314 -33.49 0.90 19.56
C PHE B 314 -32.37 -0.12 19.42
N ILE B 315 -31.46 0.12 18.48
CA ILE B 315 -30.33 -0.78 18.21
C ILE B 315 -29.35 -0.76 19.39
N SER B 316 -29.11 0.42 19.94
CA SER B 316 -28.31 0.59 21.16
C SER B 316 -28.93 -0.14 22.33
N LYS B 317 -30.21 0.13 22.56
CA LYS B 317 -30.97 -0.45 23.69
C LYS B 317 -31.10 -1.98 23.63
N MET B 318 -30.92 -2.56 22.45
CA MET B 318 -31.09 -4.00 22.24
C MET B 318 -29.77 -4.74 22.04
N ASP B 319 -28.68 -3.98 21.98
CA ASP B 319 -27.33 -4.50 21.71
C ASP B 319 -27.24 -5.32 20.40
N TYR B 320 -27.83 -4.75 19.36
CA TYR B 320 -27.64 -5.21 17.99
C TYR B 320 -26.45 -4.47 17.42
N PRO B 321 -25.78 -5.05 16.43
CA PRO B 321 -24.65 -4.40 15.77
C PRO B 321 -24.99 -3.02 15.18
N LYS B 322 -23.99 -2.15 15.10
CA LYS B 322 -24.15 -0.82 14.49
C LYS B 322 -24.65 -0.93 13.05
N GLN B 323 -24.18 -1.96 12.35
CA GLN B 323 -24.35 -2.12 10.90
C GLN B 323 -25.67 -2.81 10.50
N THR B 324 -26.43 -3.19 11.51
CA THR B 324 -27.83 -3.50 11.36
C THR B 324 -28.52 -2.54 10.39
N GLN B 325 -29.20 -3.12 9.40
CA GLN B 325 -29.93 -2.38 8.38
C GLN B 325 -31.17 -1.72 8.96
N VAL B 326 -31.58 -0.58 8.40
CA VAL B 326 -32.74 0.15 8.89
C VAL B 326 -33.57 0.70 7.73
N SER B 327 -34.88 0.45 7.77
CA SER B 327 -35.82 1.08 6.85
C SER B 327 -36.90 1.81 7.62
N VAL B 328 -37.27 3.00 7.16
CA VAL B 328 -38.46 3.67 7.66
C VAL B 328 -39.45 3.85 6.51
N LEU B 329 -40.60 3.20 6.66
CA LEU B 329 -41.68 3.25 5.70
C LEU B 329 -42.83 4.07 6.27
N PRO B 330 -43.46 4.89 5.44
CA PRO B 330 -44.70 5.56 5.84
C PRO B 330 -45.93 4.72 5.53
N GLU B 331 -46.94 4.80 6.39
CA GLU B 331 -48.25 4.17 6.15
C GLU B 331 -48.65 4.36 4.68
N GLY B 332 -49.05 3.25 4.04
CA GLY B 332 -49.39 3.24 2.61
C GLY B 332 -48.24 3.14 1.61
N GLY B 333 -47.01 3.32 2.07
CA GLY B 333 -45.82 3.27 1.21
C GLY B 333 -44.94 2.06 1.53
N GLU B 334 -45.57 1.05 2.13
CA GLU B 334 -44.88 -0.13 2.64
C GLU B 334 -44.25 -0.95 1.50
N THR B 335 -43.18 -1.67 1.84
CA THR B 335 -42.48 -2.54 0.87
C THR B 335 -42.87 -3.99 1.09
N PRO B 336 -42.65 -4.85 0.09
CA PRO B 336 -42.85 -6.29 0.24
C PRO B 336 -42.09 -6.87 1.42
N LEU B 337 -40.82 -6.52 1.56
CA LEU B 337 -40.02 -7.04 2.67
C LEU B 337 -40.77 -6.82 3.98
N PHE B 338 -41.29 -5.60 4.16
CA PHE B 338 -42.04 -5.24 5.39
C PHE B 338 -43.35 -5.98 5.48
N ARG B 339 -44.09 -5.93 4.39
CA ARG B 339 -45.44 -6.48 4.33
C ARG B 339 -45.45 -7.98 4.58
N GLN B 340 -44.34 -8.65 4.30
CA GLN B 340 -44.22 -10.12 4.41
C GLN B 340 -44.51 -10.62 5.83
N PHE B 341 -44.19 -9.79 6.84
CA PHE B 341 -44.30 -10.19 8.24
C PHE B 341 -45.73 -10.24 8.78
N PHE B 342 -46.71 -9.90 7.96
CA PHE B 342 -48.10 -9.78 8.40
C PHE B 342 -49.01 -10.83 7.80
N LYS B 343 -50.20 -10.98 8.40
CA LYS B 343 -51.08 -12.14 8.20
C LYS B 343 -51.77 -12.12 6.83
N ASN B 344 -52.61 -11.12 6.59
CA ASN B 344 -53.23 -10.96 5.27
C ASN B 344 -53.30 -9.52 4.94
N TRP B 345 -52.23 -9.04 4.33
CA TRP B 345 -52.17 -7.65 3.98
C TRP B 345 -53.21 -7.35 2.92
N ARG B 346 -53.95 -6.27 3.14
CA ARG B 346 -54.90 -5.73 2.18
C ARG B 346 -54.82 -4.22 2.22
N ASP B 347 -55.24 -3.58 1.14
CA ASP B 347 -55.49 -2.14 1.19
C ASP B 347 -56.63 -1.73 0.23
N PRO B 348 -57.84 -1.54 0.78
CA PRO B 348 -59.01 -0.99 0.06
C PRO B 348 -58.83 -0.04 -1.14
N ASP B 349 -57.91 0.93 -1.08
CA ASP B 349 -57.72 1.83 -2.23
C ASP B 349 -57.24 1.08 -3.49
N GLN B 350 -56.50 -0.01 -3.29
CA GLN B 350 -55.87 -0.77 -4.39
C GLN B 350 -56.67 -1.98 -4.90
N THR B 351 -58.01 -1.89 -4.81
CA THR B 351 -58.91 -2.81 -5.54
C THR B 351 -58.75 -2.48 -7.01
N GLU B 352 -58.96 -1.19 -7.28
CA GLU B 352 -58.79 -0.62 -8.61
C GLU B 352 -57.52 0.21 -8.67
N GLY B 353 -56.98 0.26 -9.88
CA GLY B 353 -55.80 1.06 -10.18
C GLY B 353 -54.80 0.20 -10.92
N LEU B 354 -53.82 0.87 -11.53
CA LEU B 354 -52.73 0.18 -12.21
C LEU B 354 -51.60 -0.07 -11.21
N GLY B 355 -51.26 -1.34 -11.03
CA GLY B 355 -50.24 -1.72 -10.06
C GLY B 355 -50.59 -1.34 -8.63
N LEU B 356 -49.56 -1.30 -7.79
CA LEU B 356 -49.69 -0.92 -6.39
C LEU B 356 -48.90 0.36 -6.12
N ALA B 357 -48.76 0.71 -4.83
CA ALA B 357 -48.04 1.92 -4.40
C ALA B 357 -46.52 1.75 -4.33
N TYR B 358 -46.06 0.52 -4.38
CA TYR B 358 -44.62 0.23 -4.43
C TYR B 358 -44.35 -0.78 -5.53
N LEU B 359 -43.23 -0.58 -6.23
CA LEU B 359 -42.78 -1.48 -7.27
C LEU B 359 -41.29 -1.74 -7.10
N SER B 360 -40.97 -2.90 -6.53
CA SER B 360 -39.58 -3.31 -6.29
C SER B 360 -38.69 -3.06 -7.49
N SER B 361 -37.57 -2.40 -7.25
CA SER B 361 -36.70 -1.91 -8.30
C SER B 361 -36.28 -2.96 -9.32
N HIS B 362 -35.94 -4.14 -8.82
CA HIS B 362 -35.45 -5.24 -9.69
C HIS B 362 -36.47 -5.84 -10.70
N ILE B 363 -37.77 -5.51 -10.56
CA ILE B 363 -38.77 -5.89 -11.56
C ILE B 363 -39.50 -4.68 -12.15
N ALA B 364 -38.92 -3.50 -11.97
CA ALA B 364 -39.54 -2.25 -12.40
C ALA B 364 -39.53 -2.10 -13.92
N HIS B 365 -38.56 -2.75 -14.54
CA HIS B 365 -38.36 -2.71 -15.98
C HIS B 365 -39.13 -3.80 -16.71
N VAL B 366 -39.79 -4.67 -15.96
CA VAL B 366 -40.45 -5.83 -16.57
C VAL B 366 -41.76 -5.45 -17.24
N GLU B 367 -41.82 -5.71 -18.55
CA GLU B 367 -43.02 -5.51 -19.34
C GLU B 367 -44.06 -6.57 -19.01
N ARG B 368 -45.23 -6.12 -18.57
CA ARG B 368 -46.30 -7.04 -18.23
C ARG B 368 -46.97 -7.50 -19.50
N VAL B 369 -47.04 -8.81 -19.69
CA VAL B 369 -47.71 -9.35 -20.86
C VAL B 369 -48.81 -10.24 -20.35
N PRO B 370 -50.03 -9.91 -20.71
CA PRO B 370 -51.19 -10.74 -20.35
C PRO B 370 -51.28 -12.01 -21.18
N PHE B 371 -51.96 -13.00 -20.60
CA PHE B 371 -51.98 -14.33 -21.20
C PHE B 371 -52.82 -14.36 -22.45
N ASP B 372 -52.29 -15.05 -23.45
CA ASP B 372 -52.92 -15.20 -24.75
C ASP B 372 -52.50 -16.55 -25.34
N ALA B 373 -53.37 -17.55 -25.25
CA ALA B 373 -53.07 -18.91 -25.71
C ALA B 373 -52.50 -18.91 -27.13
N ALA B 374 -53.11 -18.13 -28.00
CA ALA B 374 -52.68 -17.98 -29.39
C ALA B 374 -51.17 -17.71 -29.50
N THR B 375 -50.71 -16.69 -28.79
CA THR B 375 -49.31 -16.23 -28.90
C THR B 375 -48.36 -16.69 -27.78
N LEU B 376 -48.77 -17.66 -26.97
CA LEU B 376 -47.93 -18.11 -25.84
C LEU B 376 -46.62 -18.76 -26.28
N HIS B 377 -46.69 -19.55 -27.34
CA HIS B 377 -45.50 -20.20 -27.90
C HIS B 377 -44.44 -19.18 -28.31
N THR B 378 -44.88 -17.96 -28.47
CA THR B 378 -44.08 -16.88 -29.01
C THR B 378 -43.26 -16.12 -27.96
N SER B 379 -43.51 -16.39 -26.67
CA SER B 379 -43.10 -15.48 -25.59
C SER B 379 -42.77 -16.22 -24.28
N THR B 380 -41.49 -16.23 -23.92
CA THR B 380 -41.08 -16.80 -22.63
C THR B 380 -41.52 -15.92 -21.47
N ALA B 381 -41.55 -14.61 -21.70
CA ALA B 381 -42.03 -13.65 -20.69
C ALA B 381 -43.42 -14.02 -20.17
N MET B 382 -44.31 -14.34 -21.11
CA MET B 382 -45.68 -14.72 -20.79
C MET B 382 -45.73 -16.01 -20.00
N ALA B 383 -44.97 -16.98 -20.48
CA ALA B 383 -44.80 -18.27 -19.83
C ALA B 383 -44.44 -18.08 -18.37
N ALA B 384 -43.42 -17.27 -18.13
CA ALA B 384 -42.93 -17.00 -16.78
C ALA B 384 -43.96 -16.33 -15.90
N GLN B 385 -44.66 -15.37 -16.46
CA GLN B 385 -45.53 -14.49 -15.67
C GLN B 385 -46.84 -15.15 -15.27
N HIS B 386 -47.22 -16.18 -16.01
CA HIS B 386 -48.45 -16.94 -15.75
C HIS B 386 -48.21 -18.40 -15.39
N GLY B 387 -46.94 -18.79 -15.31
CA GLY B 387 -46.53 -20.13 -14.89
C GLY B 387 -46.89 -21.26 -15.84
N MET B 388 -46.84 -20.96 -17.13
CA MET B 388 -47.29 -21.85 -18.20
C MET B 388 -46.15 -22.14 -19.13
N ASP B 389 -45.62 -23.35 -19.10
CA ASP B 389 -44.55 -23.70 -20.01
C ASP B 389 -45.08 -23.93 -21.43
N ASP B 390 -46.37 -24.25 -21.54
CA ASP B 390 -47.05 -24.31 -22.83
C ASP B 390 -48.59 -24.39 -22.68
N ASP B 391 -49.31 -24.52 -23.79
CA ASP B 391 -50.79 -24.48 -23.75
C ASP B 391 -51.45 -25.59 -22.93
N GLY B 392 -50.75 -26.71 -22.79
CA GLY B 392 -51.18 -27.83 -21.94
C GLY B 392 -51.76 -29.01 -22.68
N THR B 393 -51.51 -29.07 -23.98
CA THR B 393 -52.16 -30.03 -24.87
C THR B 393 -51.23 -31.15 -25.30
N GLY B 394 -50.06 -31.20 -24.69
CA GLY B 394 -49.06 -32.20 -25.00
C GLY B 394 -49.42 -33.55 -24.44
N GLN B 395 -48.68 -34.56 -24.87
CA GLN B 395 -48.96 -35.94 -24.45
C GLN B 395 -48.59 -36.11 -23.01
N LYS B 396 -49.36 -36.92 -22.31
CA LYS B 396 -49.09 -37.16 -20.91
C LYS B 396 -49.50 -38.55 -20.43
N GLN B 397 -48.68 -39.11 -19.56
CA GLN B 397 -49.00 -40.32 -18.79
C GLN B 397 -49.31 -39.90 -17.37
N ILE B 398 -50.42 -40.36 -16.82
CA ILE B 398 -50.70 -40.19 -15.39
C ILE B 398 -50.67 -41.53 -14.70
N TRP B 399 -50.06 -41.57 -13.54
CA TRP B 399 -49.92 -42.77 -12.74
C TRP B 399 -50.39 -42.51 -11.32
N ARG B 400 -50.84 -43.57 -10.67
CA ARG B 400 -51.16 -43.55 -9.26
C ARG B 400 -50.12 -44.41 -8.54
N VAL B 401 -49.70 -43.99 -7.36
CA VAL B 401 -48.75 -44.80 -6.61
C VAL B 401 -49.53 -45.71 -5.70
N GLU B 402 -49.33 -47.01 -5.89
CA GLU B 402 -49.82 -48.01 -4.97
C GLU B 402 -48.62 -48.84 -4.52
N GLY B 403 -48.28 -48.77 -3.25
CA GLY B 403 -47.16 -49.52 -2.71
C GLY B 403 -45.84 -48.91 -3.13
N SER B 404 -45.04 -49.68 -3.86
CA SER B 404 -43.79 -49.20 -4.47
C SER B 404 -43.88 -49.18 -6.01
N ASN B 405 -45.09 -49.04 -6.54
CA ASN B 405 -45.32 -49.09 -7.98
C ASN B 405 -46.07 -47.92 -8.54
N LYS B 406 -45.77 -47.58 -9.79
CA LYS B 406 -46.57 -46.66 -10.59
C LYS B 406 -47.62 -47.49 -11.30
N VAL B 407 -48.87 -47.04 -11.26
CA VAL B 407 -49.97 -47.81 -11.83
C VAL B 407 -50.77 -46.92 -12.78
N PRO B 408 -50.81 -47.24 -14.08
CA PRO B 408 -51.50 -46.37 -15.05
C PRO B 408 -52.91 -46.01 -14.60
N VAL B 409 -53.20 -44.73 -14.54
CA VAL B 409 -54.55 -44.27 -14.29
C VAL B 409 -55.37 -44.49 -15.55
N ASP B 410 -56.63 -44.87 -15.35
CA ASP B 410 -57.62 -45.07 -16.41
C ASP B 410 -57.86 -43.76 -17.19
N PRO B 411 -57.53 -43.73 -18.49
CA PRO B 411 -57.62 -42.51 -19.29
C PRO B 411 -58.95 -41.78 -19.25
N ALA B 412 -60.02 -42.50 -18.91
CA ALA B 412 -61.33 -41.89 -18.77
C ALA B 412 -61.38 -40.87 -17.62
N THR B 413 -60.70 -41.18 -16.51
CA THR B 413 -60.66 -40.31 -15.32
C THR B 413 -59.56 -39.24 -15.31
N TYR B 414 -58.76 -39.13 -16.36
CA TYR B 414 -57.72 -38.10 -16.44
C TYR B 414 -58.26 -36.71 -16.11
N GLY B 415 -57.69 -36.09 -15.08
CA GLY B 415 -58.19 -34.83 -14.56
C GLY B 415 -58.81 -35.00 -13.19
N GLN B 416 -59.09 -36.24 -12.81
CA GLN B 416 -59.65 -36.54 -11.50
C GLN B 416 -58.56 -37.08 -10.59
N PHE B 417 -58.36 -36.40 -9.48
CA PHE B 417 -57.33 -36.77 -8.53
C PHE B 417 -57.95 -36.95 -7.18
N TYR B 418 -57.61 -38.05 -6.52
CA TYR B 418 -58.19 -38.41 -5.23
C TYR B 418 -57.18 -38.12 -4.12
N GLY B 419 -57.66 -37.49 -3.06
CA GLY B 419 -56.81 -37.04 -1.97
C GLY B 419 -56.20 -38.10 -1.09
N GLY B 420 -56.62 -39.36 -1.25
CA GLY B 420 -56.02 -40.50 -0.57
C GLY B 420 -54.88 -41.11 -1.36
N ASP B 421 -54.67 -40.61 -2.57
CA ASP B 421 -53.59 -41.05 -3.43
C ASP B 421 -52.52 -40.00 -3.62
N SER B 422 -51.38 -40.47 -4.09
CA SER B 422 -50.36 -39.62 -4.68
C SER B 422 -50.14 -40.08 -6.11
N TYR B 423 -49.95 -39.14 -7.01
CA TYR B 423 -49.82 -39.45 -8.42
C TYR B 423 -48.51 -38.92 -8.98
N ILE B 424 -48.08 -39.49 -10.09
CA ILE B 424 -47.08 -38.82 -10.88
C ILE B 424 -47.57 -38.69 -12.33
N ILE B 425 -47.35 -37.51 -12.89
CA ILE B 425 -47.66 -37.18 -14.29
C ILE B 425 -46.37 -36.94 -15.06
N LEU B 426 -46.26 -37.56 -16.23
CA LEU B 426 -45.20 -37.23 -17.16
C LEU B 426 -45.77 -36.44 -18.35
N TYR B 427 -45.31 -35.21 -18.51
CA TYR B 427 -45.82 -34.31 -19.54
C TYR B 427 -44.70 -33.92 -20.50
N ASN B 428 -44.99 -33.93 -21.79
CA ASN B 428 -44.07 -33.38 -22.80
C ASN B 428 -44.53 -32.00 -23.23
N TYR B 429 -43.64 -31.01 -23.13
CA TYR B 429 -44.02 -29.64 -23.43
C TYR B 429 -43.34 -29.08 -24.69
N ARG B 430 -44.09 -28.27 -25.43
CA ARG B 430 -43.62 -27.59 -26.64
C ARG B 430 -43.94 -26.10 -26.55
N HIS B 431 -42.92 -25.29 -26.72
CA HIS B 431 -43.03 -23.84 -26.73
C HIS B 431 -42.29 -23.30 -27.98
N GLY B 432 -42.51 -23.96 -29.12
CA GLY B 432 -41.73 -23.76 -30.33
C GLY B 432 -40.22 -23.70 -30.08
N SER B 433 -39.80 -22.53 -29.61
CA SER B 433 -38.44 -22.25 -29.06
C SER B 433 -37.80 -23.41 -28.26
N ARG B 434 -38.58 -24.03 -27.39
CA ARG B 434 -38.07 -25.02 -26.44
C ARG B 434 -38.97 -26.23 -26.35
N GLN B 435 -38.34 -27.39 -26.26
CA GLN B 435 -39.04 -28.62 -25.93
C GLN B 435 -38.44 -29.19 -24.64
N GLY B 436 -39.23 -30.00 -23.96
CA GLY B 436 -38.77 -30.66 -22.75
C GLY B 436 -39.84 -31.51 -22.12
N GLN B 437 -39.56 -31.95 -20.89
CA GLN B 437 -40.48 -32.78 -20.15
C GLN B 437 -40.67 -32.23 -18.74
N ILE B 438 -41.90 -32.30 -18.23
CA ILE B 438 -42.17 -32.02 -16.83
C ILE B 438 -42.73 -33.27 -16.18
N ILE B 439 -42.25 -33.56 -14.98
CA ILE B 439 -42.82 -34.60 -14.15
C ILE B 439 -43.46 -33.94 -12.95
N TYR B 440 -44.78 -34.01 -12.85
CA TYR B 440 -45.51 -33.53 -11.67
C TYR B 440 -45.74 -34.67 -10.69
N ASN B 441 -45.38 -34.44 -9.44
CA ASN B 441 -45.68 -35.36 -8.35
C ASN B 441 -46.74 -34.70 -7.49
N TRP B 442 -48.00 -35.07 -7.71
CA TRP B 442 -49.12 -34.59 -6.92
C TRP B 442 -49.27 -35.48 -5.68
N GLN B 443 -49.32 -34.85 -4.50
CA GLN B 443 -49.33 -35.56 -3.23
C GLN B 443 -50.62 -35.23 -2.49
N GLY B 444 -51.52 -36.20 -2.40
CA GLY B 444 -52.78 -36.04 -1.71
C GLY B 444 -52.62 -35.65 -0.25
N ALA B 445 -53.49 -34.79 0.24
CA ALA B 445 -53.47 -34.34 1.64
C ALA B 445 -53.81 -35.45 2.63
N GLN B 446 -54.48 -36.49 2.11
CA GLN B 446 -54.86 -37.66 2.90
C GLN B 446 -54.08 -38.93 2.49
N SER B 447 -53.10 -38.80 1.60
CA SER B 447 -52.29 -39.96 1.19
C SER B 447 -51.44 -40.43 2.36
N THR B 448 -51.26 -41.74 2.49
CA THR B 448 -50.47 -42.30 3.57
C THR B 448 -49.05 -41.86 3.37
N GLN B 449 -48.30 -41.73 4.46
CA GLN B 449 -46.91 -41.23 4.41
C GLN B 449 -46.00 -42.10 3.54
N ASP B 450 -46.13 -43.40 3.64
CA ASP B 450 -45.29 -44.31 2.86
C ASP B 450 -45.53 -44.14 1.35
N GLU B 451 -46.77 -43.85 0.98
CA GLU B 451 -47.14 -43.68 -0.43
C GLU B 451 -46.70 -42.31 -0.96
N VAL B 452 -46.86 -41.27 -0.15
CA VAL B 452 -46.37 -39.95 -0.49
C VAL B 452 -44.88 -40.02 -0.80
N ALA B 453 -44.12 -40.51 0.18
CA ALA B 453 -42.68 -40.68 0.07
C ALA B 453 -42.28 -41.57 -1.12
N ALA B 454 -43.06 -42.62 -1.35
CA ALA B 454 -42.82 -43.53 -2.45
C ALA B 454 -42.94 -42.77 -3.74
N SER B 455 -44.01 -41.98 -3.85
CA SER B 455 -44.24 -41.19 -5.05
C SER B 455 -43.06 -40.25 -5.36
N ALA B 456 -42.45 -39.70 -4.31
CA ALA B 456 -41.33 -38.79 -4.45
C ALA B 456 -40.08 -39.51 -5.00
N ILE B 457 -39.74 -40.67 -4.42
CA ILE B 457 -38.60 -41.47 -4.87
C ILE B 457 -38.85 -41.95 -6.28
N LEU B 458 -40.09 -42.32 -6.60
CA LEU B 458 -40.43 -42.83 -7.92
C LEU B 458 -40.37 -41.73 -8.98
N THR B 459 -40.69 -40.52 -8.56
CA THR B 459 -40.61 -39.33 -9.40
C THR B 459 -39.16 -39.06 -9.75
N ALA B 460 -38.34 -39.04 -8.70
CA ALA B 460 -36.89 -38.87 -8.79
C ALA B 460 -36.25 -39.95 -9.68
N GLN B 461 -36.75 -41.17 -9.57
CA GLN B 461 -36.24 -42.27 -10.36
C GLN B 461 -36.62 -42.10 -11.82
N LEU B 462 -37.84 -41.68 -12.09
CA LEU B 462 -38.30 -41.48 -13.45
C LEU B 462 -37.45 -40.40 -14.11
N ASP B 463 -37.12 -39.36 -13.35
CA ASP B 463 -36.22 -38.30 -13.79
C ASP B 463 -34.88 -38.88 -14.26
N GLU B 464 -34.29 -39.73 -13.42
CA GLU B 464 -33.01 -40.36 -13.70
C GLU B 464 -33.05 -41.28 -14.93
N GLU B 465 -34.09 -42.13 -15.02
CA GLU B 465 -34.25 -43.06 -16.14
C GLU B 465 -34.50 -42.32 -17.44
N LEU B 466 -34.97 -41.08 -17.33
CA LEU B 466 -35.33 -40.27 -18.49
C LEU B 466 -34.22 -39.31 -18.87
N GLY B 467 -33.05 -39.47 -18.26
CA GLY B 467 -31.85 -38.78 -18.69
C GLY B 467 -31.38 -37.63 -17.80
N GLY B 468 -32.15 -37.31 -16.77
CA GLY B 468 -31.83 -36.20 -15.87
C GLY B 468 -32.43 -34.87 -16.31
N THR B 469 -32.90 -34.80 -17.55
CA THR B 469 -33.35 -33.55 -18.19
C THR B 469 -34.69 -32.98 -17.72
N PRO B 470 -35.67 -33.81 -17.38
CA PRO B 470 -37.00 -33.28 -17.12
C PRO B 470 -37.08 -32.40 -15.90
N VAL B 471 -37.94 -31.40 -16.02
CA VAL B 471 -38.34 -30.60 -14.88
C VAL B 471 -39.04 -31.56 -13.91
N GLN B 472 -38.90 -31.27 -12.64
CA GLN B 472 -39.39 -32.13 -11.57
C GLN B 472 -40.13 -31.25 -10.56
N SER B 473 -41.44 -31.43 -10.48
CA SER B 473 -42.28 -30.51 -9.75
C SER B 473 -43.11 -31.22 -8.68
N ARG B 474 -42.87 -30.93 -7.41
CA ARG B 474 -43.72 -31.43 -6.32
C ARG B 474 -44.89 -30.49 -6.09
N VAL B 475 -46.09 -31.02 -6.13
CA VAL B 475 -47.26 -30.23 -5.74
C VAL B 475 -48.04 -30.94 -4.67
N VAL B 476 -48.70 -30.16 -3.83
CA VAL B 476 -49.52 -30.69 -2.76
C VAL B 476 -50.96 -30.29 -3.01
N GLN B 477 -51.89 -31.21 -2.75
CA GLN B 477 -53.32 -30.98 -2.89
C GLN B 477 -53.72 -29.59 -2.39
N GLY B 478 -54.51 -28.89 -3.20
CA GLY B 478 -55.01 -27.57 -2.89
C GLY B 478 -54.22 -26.40 -3.44
N LYS B 479 -52.91 -26.57 -3.58
CA LYS B 479 -52.02 -25.54 -4.12
C LYS B 479 -51.44 -26.02 -5.44
N GLU B 480 -52.33 -26.23 -6.39
CA GLU B 480 -51.97 -26.70 -7.71
C GLU B 480 -51.41 -25.55 -8.54
N PRO B 481 -50.30 -25.76 -9.23
CA PRO B 481 -49.75 -24.71 -10.10
C PRO B 481 -50.57 -24.52 -11.38
N ALA B 482 -50.42 -23.38 -12.03
CA ALA B 482 -51.22 -23.03 -13.21
C ALA B 482 -51.16 -24.07 -14.36
N HIS B 483 -49.97 -24.58 -14.59
CA HIS B 483 -49.71 -25.42 -15.73
C HIS B 483 -50.33 -26.82 -15.60
N LEU B 484 -50.30 -27.36 -14.38
CA LEU B 484 -50.90 -28.66 -14.11
C LEU B 484 -52.43 -28.63 -14.25
N MET B 485 -53.05 -27.53 -13.85
CA MET B 485 -54.50 -27.37 -14.00
C MET B 485 -54.93 -27.38 -15.44
N SER B 486 -54.05 -26.92 -16.32
CA SER B 486 -54.43 -26.75 -17.72
C SER B 486 -54.00 -27.90 -18.63
N LEU B 487 -53.69 -29.07 -18.06
CA LEU B 487 -53.26 -30.22 -18.85
C LEU B 487 -54.41 -31.06 -19.37
N PHE B 488 -55.65 -30.62 -19.11
CA PHE B 488 -56.82 -31.47 -19.30
C PHE B 488 -57.80 -30.97 -20.35
N GLY B 489 -57.27 -30.39 -21.42
CA GLY B 489 -58.10 -29.72 -22.42
C GLY B 489 -58.71 -28.50 -21.78
N GLY B 490 -59.98 -28.27 -22.04
CA GLY B 490 -60.71 -27.23 -21.33
C GLY B 490 -61.43 -27.75 -20.10
N LYS B 491 -61.24 -29.03 -19.79
CA LYS B 491 -61.81 -29.63 -18.58
C LYS B 491 -61.08 -29.08 -17.35
N PRO B 492 -61.76 -29.02 -16.22
CA PRO B 492 -61.11 -28.64 -14.96
C PRO B 492 -60.37 -29.79 -14.31
N MET B 493 -59.40 -29.45 -13.49
CA MET B 493 -58.69 -30.44 -12.67
C MET B 493 -59.55 -30.68 -11.45
N ILE B 494 -60.03 -31.91 -11.29
CA ILE B 494 -60.89 -32.27 -10.18
C ILE B 494 -60.06 -32.89 -9.08
N VAL B 495 -60.20 -32.37 -7.86
CA VAL B 495 -59.48 -32.88 -6.71
C VAL B 495 -60.48 -33.22 -5.63
N TYR B 496 -60.63 -34.51 -5.35
CA TYR B 496 -61.50 -34.98 -4.28
C TYR B 496 -60.72 -35.02 -2.98
N LYS B 497 -61.37 -34.61 -1.88
CA LYS B 497 -60.74 -34.61 -0.57
C LYS B 497 -60.71 -36.04 -0.02
N GLY B 498 -61.67 -36.84 -0.46
CA GLY B 498 -61.84 -38.21 0.01
C GLY B 498 -60.73 -39.21 -0.29
N GLY B 499 -61.13 -40.47 -0.40
CA GLY B 499 -60.22 -41.60 -0.46
C GLY B 499 -59.52 -41.79 -1.79
N THR B 500 -59.58 -43.00 -2.32
CA THR B 500 -58.69 -43.42 -3.41
C THR B 500 -59.42 -43.82 -4.70
N SER B 501 -58.67 -44.17 -5.73
CA SER B 501 -59.23 -44.59 -7.02
C SER B 501 -58.58 -45.88 -7.52
N ARG B 502 -58.10 -46.68 -6.60
CA ARG B 502 -57.48 -47.95 -6.93
C ARG B 502 -58.54 -49.04 -6.92
N GLU B 503 -58.12 -50.26 -7.26
CA GLU B 503 -58.91 -51.50 -7.12
C GLU B 503 -60.28 -51.34 -6.44
N GLY B 504 -60.47 -52.00 -5.31
CA GLY B 504 -61.59 -51.74 -4.43
C GLY B 504 -61.08 -50.91 -3.28
N GLY B 505 -60.60 -49.72 -3.63
CA GLY B 505 -60.39 -48.66 -2.67
C GLY B 505 -61.78 -48.17 -2.30
N GLN B 506 -62.68 -48.18 -3.30
CA GLN B 506 -64.11 -47.91 -3.12
C GLN B 506 -64.36 -46.83 -2.05
N THR B 507 -65.34 -47.03 -1.18
CA THR B 507 -65.84 -46.04 -0.23
C THR B 507 -66.51 -44.96 -1.03
N ALA B 508 -67.81 -44.81 -0.83
CA ALA B 508 -68.58 -43.89 -1.63
C ALA B 508 -68.61 -42.51 -0.96
N PRO B 509 -69.20 -41.53 -1.65
CA PRO B 509 -69.51 -40.21 -1.11
C PRO B 509 -69.70 -39.96 0.38
N ALA B 510 -69.52 -38.68 0.68
CA ALA B 510 -70.12 -38.02 1.81
C ALA B 510 -71.44 -37.49 1.26
N SER B 511 -72.49 -37.46 2.07
CA SER B 511 -73.81 -37.03 1.60
C SER B 511 -73.77 -35.60 1.05
N THR B 512 -73.13 -34.70 1.80
CA THR B 512 -72.99 -33.30 1.42
C THR B 512 -71.51 -32.94 1.14
N ARG B 513 -71.26 -32.42 -0.06
CA ARG B 513 -69.90 -32.08 -0.49
C ARG B 513 -69.87 -30.68 -1.12
N LEU B 514 -68.82 -29.91 -0.81
CA LEU B 514 -68.60 -28.60 -1.42
C LEU B 514 -67.36 -28.62 -2.30
N PHE B 515 -67.40 -27.90 -3.42
CA PHE B 515 -66.26 -27.75 -4.30
C PHE B 515 -66.02 -26.28 -4.61
N GLN B 516 -64.81 -25.83 -4.35
CA GLN B 516 -64.38 -24.51 -4.79
C GLN B 516 -63.77 -24.65 -6.18
N VAL B 517 -64.15 -23.75 -7.09
CA VAL B 517 -63.67 -23.82 -8.47
C VAL B 517 -62.95 -22.54 -8.83
N ARG B 518 -61.63 -22.56 -8.70
CA ARG B 518 -60.82 -21.39 -8.92
C ARG B 518 -60.17 -21.45 -10.27
N ALA B 519 -60.00 -20.30 -10.91
CA ALA B 519 -59.39 -20.22 -12.23
C ALA B 519 -58.02 -19.55 -12.17
N SER B 520 -57.25 -19.74 -13.22
CA SER B 520 -55.92 -19.16 -13.32
C SER B 520 -55.87 -18.15 -14.45
N SER B 521 -54.73 -17.46 -14.57
CA SER B 521 -54.43 -16.56 -15.69
C SER B 521 -54.72 -17.18 -17.07
N SER B 522 -54.35 -18.45 -17.21
CA SER B 522 -54.46 -19.19 -18.48
C SER B 522 -55.88 -19.47 -18.92
N GLY B 523 -56.81 -19.36 -17.98
CA GLY B 523 -58.21 -19.68 -18.22
C GLY B 523 -58.55 -21.07 -17.75
N ALA B 524 -57.55 -21.81 -17.27
CA ALA B 524 -57.77 -23.15 -16.72
C ALA B 524 -58.38 -23.06 -15.32
N THR B 525 -59.08 -24.12 -14.92
CA THR B 525 -59.67 -24.19 -13.58
C THR B 525 -59.31 -25.45 -12.85
N ARG B 526 -59.33 -25.37 -11.54
CA ARG B 526 -59.28 -26.54 -10.67
C ARG B 526 -60.52 -26.52 -9.79
N ALA B 527 -61.10 -27.68 -9.57
CA ALA B 527 -62.15 -27.82 -8.58
C ALA B 527 -61.59 -28.61 -7.42
N VAL B 528 -61.54 -27.99 -6.26
CA VAL B 528 -61.02 -28.61 -5.05
C VAL B 528 -62.15 -28.89 -4.10
N GLU B 529 -62.20 -30.09 -3.55
CA GLU B 529 -63.19 -30.41 -2.55
C GLU B 529 -62.73 -29.88 -1.20
N ILE B 530 -63.61 -29.13 -0.56
CA ILE B 530 -63.35 -28.52 0.74
C ILE B 530 -64.47 -28.86 1.73
N ILE B 531 -64.27 -28.48 2.98
CA ILE B 531 -65.27 -28.70 4.02
C ILE B 531 -66.49 -27.84 3.67
N PRO B 532 -67.71 -28.40 3.68
CA PRO B 532 -68.89 -27.65 3.27
C PRO B 532 -69.40 -26.69 4.33
N LYS B 533 -68.83 -25.49 4.35
CA LYS B 533 -69.19 -24.44 5.30
C LYS B 533 -69.46 -23.13 4.57
N ALA B 534 -70.18 -22.23 5.22
CA ALA B 534 -70.52 -20.94 4.64
C ALA B 534 -69.31 -20.02 4.63
N GLY B 535 -68.52 -20.06 5.70
CA GLY B 535 -67.30 -19.29 5.82
C GLY B 535 -66.12 -19.90 5.08
N ALA B 536 -66.41 -20.60 3.99
CA ALA B 536 -65.40 -21.05 3.04
C ALA B 536 -65.79 -20.63 1.62
N LEU B 537 -66.92 -19.94 1.52
CA LEU B 537 -67.38 -19.38 0.25
C LEU B 537 -66.52 -18.19 -0.09
N ASN B 538 -66.38 -17.96 -1.39
CA ASN B 538 -65.43 -17.00 -1.91
C ASN B 538 -66.05 -16.30 -3.10
N SER B 539 -66.10 -14.98 -3.05
CA SER B 539 -66.80 -14.17 -4.03
C SER B 539 -66.22 -14.24 -5.45
N ASN B 540 -64.98 -14.73 -5.58
CA ASN B 540 -64.27 -14.74 -6.87
C ASN B 540 -64.36 -16.05 -7.65
N ASP B 541 -64.97 -17.06 -7.06
CA ASP B 541 -65.01 -18.38 -7.64
C ASP B 541 -66.41 -18.88 -7.88
N ALA B 542 -66.50 -19.93 -8.68
CA ALA B 542 -67.71 -20.72 -8.77
C ALA B 542 -67.60 -21.81 -7.73
N PHE B 543 -68.73 -22.15 -7.12
CA PHE B 543 -68.80 -23.28 -6.20
C PHE B 543 -69.86 -24.28 -6.66
N VAL B 544 -69.70 -25.51 -6.22
CA VAL B 544 -70.64 -26.58 -6.51
C VAL B 544 -70.91 -27.30 -5.22
N LEU B 545 -72.18 -27.32 -4.82
CA LEU B 545 -72.61 -27.97 -3.59
C LEU B 545 -73.51 -29.14 -3.92
N LYS B 546 -72.96 -30.35 -3.86
CA LYS B 546 -73.76 -31.56 -4.08
C LYS B 546 -74.43 -31.96 -2.77
N THR B 547 -75.75 -32.12 -2.84
CA THR B 547 -76.58 -32.46 -1.69
C THR B 547 -77.59 -33.54 -2.10
N PRO B 548 -77.94 -34.47 -1.20
CA PRO B 548 -78.83 -35.58 -1.57
C PRO B 548 -80.04 -35.11 -2.36
N SER B 549 -80.64 -34.01 -1.91
CA SER B 549 -81.73 -33.33 -2.62
C SER B 549 -81.36 -33.00 -4.08
N ALA B 550 -80.67 -31.86 -4.28
CA ALA B 550 -80.22 -31.43 -5.61
C ALA B 550 -78.82 -30.78 -5.56
N ALA B 551 -78.36 -30.22 -6.68
CA ALA B 551 -77.00 -29.67 -6.78
C ALA B 551 -76.99 -28.21 -7.21
N TYR B 552 -76.26 -27.40 -6.45
CA TYR B 552 -76.20 -25.93 -6.65
C TYR B 552 -74.93 -25.49 -7.35
N LEU B 553 -75.08 -24.60 -8.32
CA LEU B 553 -73.95 -23.98 -9.01
C LEU B 553 -73.87 -22.53 -8.63
N TRP B 554 -73.36 -22.28 -7.43
CA TRP B 554 -73.17 -20.93 -6.93
C TRP B 554 -72.06 -20.23 -7.70
N VAL B 555 -72.38 -19.14 -8.40
CA VAL B 555 -71.40 -18.36 -9.14
C VAL B 555 -71.34 -16.94 -8.57
N GLY B 556 -70.20 -16.62 -7.96
CA GLY B 556 -70.03 -15.37 -7.23
C GLY B 556 -69.98 -14.12 -8.10
N ALA B 557 -70.10 -12.98 -7.43
CA ALA B 557 -70.14 -11.67 -8.10
C ALA B 557 -68.87 -11.41 -8.89
N GLY B 558 -67.73 -11.63 -8.24
CA GLY B 558 -66.42 -11.43 -8.86
C GLY B 558 -66.03 -12.47 -9.88
N ALA B 559 -66.77 -13.58 -9.94
CA ALA B 559 -66.44 -14.69 -10.85
C ALA B 559 -66.62 -14.35 -12.31
N SER B 560 -66.10 -15.21 -13.18
CA SER B 560 -66.12 -15.01 -14.63
C SER B 560 -66.65 -16.24 -15.36
N GLU B 561 -66.64 -16.18 -16.69
CA GLU B 561 -67.11 -17.30 -17.52
C GLU B 561 -66.32 -18.59 -17.25
N ALA B 562 -65.03 -18.44 -16.96
CA ALA B 562 -64.08 -19.55 -16.87
C ALA B 562 -64.41 -20.53 -15.75
N GLU B 563 -64.76 -20.00 -14.58
CA GLU B 563 -65.11 -20.83 -13.44
C GLU B 563 -66.55 -21.30 -13.50
N LYS B 564 -67.42 -20.52 -14.16
CA LYS B 564 -68.80 -20.94 -14.44
C LYS B 564 -68.73 -22.25 -15.22
N THR B 565 -68.06 -22.19 -16.37
CA THR B 565 -67.93 -23.31 -17.28
C THR B 565 -67.16 -24.48 -16.65
N GLY B 566 -66.17 -24.16 -15.82
CA GLY B 566 -65.38 -25.17 -15.15
C GLY B 566 -66.16 -25.90 -14.09
N ALA B 567 -67.05 -25.16 -13.44
CA ALA B 567 -67.90 -25.71 -12.38
C ALA B 567 -68.98 -26.64 -12.94
N GLN B 568 -69.49 -26.34 -14.12
CA GLN B 568 -70.54 -27.19 -14.71
C GLN B 568 -69.96 -28.40 -15.42
N GLU B 569 -68.68 -28.35 -15.77
CA GLU B 569 -67.97 -29.50 -16.33
C GLU B 569 -67.61 -30.50 -15.22
N LEU B 570 -67.52 -30.00 -14.00
CA LEU B 570 -67.38 -30.85 -12.81
C LEU B 570 -68.67 -31.57 -12.52
N LEU B 571 -69.79 -30.87 -12.74
CA LEU B 571 -71.12 -31.42 -12.42
C LEU B 571 -71.48 -32.59 -13.33
N ARG B 572 -71.10 -32.50 -14.59
CA ARG B 572 -71.24 -33.62 -15.52
C ARG B 572 -70.53 -34.86 -14.99
N VAL B 573 -69.31 -34.67 -14.48
CA VAL B 573 -68.53 -35.77 -13.91
C VAL B 573 -69.18 -36.32 -12.64
N LEU B 574 -69.82 -35.44 -11.87
CA LEU B 574 -70.52 -35.81 -10.65
C LEU B 574 -71.90 -36.41 -10.91
N ARG B 575 -72.31 -36.45 -12.18
CA ARG B 575 -73.58 -37.03 -12.63
C ARG B 575 -74.79 -36.35 -11.99
N ALA B 576 -74.73 -35.03 -11.87
CA ALA B 576 -75.81 -34.23 -11.30
C ALA B 576 -76.16 -33.06 -12.21
N GLN B 577 -77.24 -32.38 -11.87
CA GLN B 577 -77.76 -31.28 -12.67
C GLN B 577 -77.87 -30.01 -11.81
N PRO B 578 -77.37 -28.88 -12.33
CA PRO B 578 -77.18 -27.68 -11.52
C PRO B 578 -78.42 -26.84 -11.26
N VAL B 579 -78.31 -25.94 -10.30
CA VAL B 579 -79.29 -24.88 -10.08
C VAL B 579 -78.54 -23.56 -10.06
N GLN B 580 -78.49 -22.87 -11.20
CA GLN B 580 -77.80 -21.59 -11.28
C GLN B 580 -78.27 -20.67 -10.15
N VAL B 581 -77.34 -19.92 -9.58
CA VAL B 581 -77.67 -18.99 -8.50
C VAL B 581 -76.53 -17.99 -8.35
N ALA B 582 -76.82 -16.71 -8.58
CA ALA B 582 -75.86 -15.64 -8.33
C ALA B 582 -75.69 -15.40 -6.83
N GLU B 583 -74.64 -14.68 -6.46
CA GLU B 583 -74.33 -14.42 -5.06
C GLU B 583 -75.40 -13.54 -4.42
N GLY B 584 -75.63 -13.76 -3.12
CA GLY B 584 -76.53 -12.93 -2.32
C GLY B 584 -78.01 -13.21 -2.43
N SER B 585 -78.43 -13.68 -3.60
CA SER B 585 -79.84 -14.00 -3.86
C SER B 585 -79.95 -15.51 -4.04
N GLU B 586 -79.91 -16.21 -2.90
CA GLU B 586 -79.78 -17.66 -2.85
C GLU B 586 -80.85 -18.25 -1.93
N PRO B 587 -81.57 -19.27 -2.36
CA PRO B 587 -82.60 -19.89 -1.51
C PRO B 587 -81.98 -20.47 -0.24
N ASP B 588 -82.72 -20.55 0.87
CA ASP B 588 -82.10 -20.95 2.14
C ASP B 588 -82.19 -22.46 2.45
N SER B 589 -82.40 -23.26 1.41
CA SER B 589 -82.06 -24.69 1.46
C SER B 589 -80.55 -24.81 1.26
N PHE B 590 -80.03 -23.93 0.42
CA PHE B 590 -78.60 -23.69 0.22
C PHE B 590 -77.85 -23.54 1.55
N TRP B 591 -78.31 -22.57 2.35
CA TRP B 591 -77.64 -22.21 3.60
C TRP B 591 -77.79 -23.28 4.68
N GLU B 592 -78.92 -23.97 4.68
CA GLU B 592 -79.17 -25.03 5.68
C GLU B 592 -78.32 -26.26 5.39
N ALA B 593 -77.89 -26.41 4.15
CA ALA B 593 -76.96 -27.48 3.75
C ALA B 593 -75.55 -27.25 4.29
N LEU B 594 -75.19 -25.98 4.48
CA LEU B 594 -73.87 -25.60 5.02
C LEU B 594 -73.85 -25.57 6.55
N GLY B 595 -75.03 -25.67 7.18
CA GLY B 595 -75.13 -25.69 8.63
C GLY B 595 -75.11 -24.32 9.24
N GLY B 596 -75.73 -23.37 8.55
CA GLY B 596 -75.81 -22.01 9.03
C GLY B 596 -75.57 -20.98 7.95
N LYS B 597 -74.93 -19.89 8.33
CA LYS B 597 -74.63 -18.80 7.41
C LYS B 597 -73.69 -17.84 8.11
N ALA B 598 -72.53 -17.59 7.52
CA ALA B 598 -71.46 -16.86 8.21
C ALA B 598 -70.80 -15.79 7.36
N THR B 599 -69.78 -15.17 7.96
CA THR B 599 -68.84 -14.30 7.26
C THR B 599 -68.39 -14.94 5.94
N TYR B 600 -68.01 -14.09 5.02
CA TYR B 600 -67.57 -14.50 3.68
C TYR B 600 -66.07 -14.36 3.52
N ARG B 601 -65.64 -14.58 2.28
CA ARG B 601 -64.48 -13.93 1.73
C ARG B 601 -64.97 -13.14 0.53
N THR B 602 -64.80 -11.83 0.53
CA THR B 602 -65.03 -11.01 -0.66
C THR B 602 -63.73 -10.45 -1.20
N SER B 603 -62.62 -11.05 -0.76
CA SER B 603 -61.27 -10.63 -1.10
C SER B 603 -61.02 -10.66 -2.61
N PRO B 604 -61.26 -9.56 -3.32
CA PRO B 604 -61.05 -9.57 -4.77
C PRO B 604 -59.57 -9.80 -5.01
N ARG B 605 -59.25 -10.84 -5.76
CA ARG B 605 -57.89 -11.34 -5.81
C ARG B 605 -56.93 -10.37 -6.45
N LEU B 606 -55.76 -10.27 -5.84
CA LEU B 606 -54.61 -9.68 -6.48
C LEU B 606 -54.41 -10.48 -7.75
N LYS B 607 -54.83 -9.93 -8.87
CA LYS B 607 -54.85 -10.69 -10.12
C LYS B 607 -53.61 -10.34 -10.92
N ASP B 608 -53.67 -9.20 -11.59
CA ASP B 608 -52.54 -8.69 -12.35
C ASP B 608 -51.45 -8.22 -11.39
N LYS B 609 -51.89 -7.77 -10.22
CA LYS B 609 -51.02 -7.21 -9.19
C LYS B 609 -50.23 -8.25 -8.36
N LYS B 610 -50.36 -9.53 -8.66
CA LYS B 610 -49.70 -10.61 -7.91
C LYS B 610 -48.20 -10.32 -7.74
N MET B 611 -47.56 -10.10 -8.88
CA MET B 611 -46.13 -9.82 -8.99
C MET B 611 -45.67 -8.58 -8.23
N ASP B 612 -46.51 -7.56 -8.19
CA ASP B 612 -46.20 -6.32 -7.45
C ASP B 612 -46.14 -6.53 -5.94
N ALA B 613 -47.08 -7.30 -5.42
CA ALA B 613 -47.17 -7.59 -3.99
C ALA B 613 -46.07 -8.53 -3.51
N HIS B 614 -45.69 -9.43 -4.40
CA HIS B 614 -44.75 -10.48 -4.08
C HIS B 614 -43.85 -10.70 -5.30
N PRO B 615 -42.92 -9.78 -5.49
CA PRO B 615 -41.96 -9.88 -6.59
C PRO B 615 -41.09 -11.15 -6.49
N PRO B 616 -40.79 -11.76 -7.62
CA PRO B 616 -39.85 -12.88 -7.67
C PRO B 616 -38.50 -12.47 -7.11
N ARG B 617 -37.80 -13.43 -6.52
CA ARG B 617 -36.51 -13.18 -5.90
C ARG B 617 -35.56 -14.31 -6.18
N LEU B 618 -34.30 -13.99 -6.46
CA LEU B 618 -33.27 -15.00 -6.78
C LEU B 618 -32.30 -15.21 -5.63
N PHE B 619 -32.13 -16.44 -5.19
CA PHE B 619 -31.20 -16.79 -4.08
C PHE B 619 -30.20 -17.88 -4.45
N ALA B 620 -29.03 -17.83 -3.83
CA ALA B 620 -28.09 -18.96 -3.86
C ALA B 620 -28.29 -19.82 -2.62
N CYS B 621 -27.99 -21.10 -2.75
CA CYS B 621 -28.38 -22.11 -1.77
C CYS B 621 -27.20 -23.01 -1.44
N SER B 622 -26.98 -23.27 -0.15
CA SER B 622 -25.80 -24.01 0.31
C SER B 622 -26.09 -24.98 1.46
N ASN B 623 -25.74 -26.26 1.25
CA ASN B 623 -25.76 -27.30 2.28
C ASN B 623 -24.35 -27.56 2.87
N LYS B 624 -23.61 -26.47 3.08
CA LYS B 624 -22.16 -26.53 3.37
C LYS B 624 -21.83 -26.54 4.88
N ILE B 625 -21.24 -27.66 5.33
CA ILE B 625 -20.91 -27.95 6.75
C ILE B 625 -22.18 -28.07 7.61
N GLY B 626 -22.99 -29.08 7.29
CA GLY B 626 -24.29 -29.32 7.93
C GLY B 626 -25.03 -28.04 8.26
N ARG B 627 -24.89 -27.03 7.39
CA ARG B 627 -25.32 -25.66 7.66
C ARG B 627 -26.05 -25.06 6.43
N PHE B 628 -27.35 -24.79 6.62
CA PHE B 628 -28.23 -24.26 5.57
C PHE B 628 -28.28 -22.73 5.51
N VAL B 629 -27.67 -22.17 4.46
CA VAL B 629 -27.65 -20.73 4.24
C VAL B 629 -28.23 -20.33 2.87
N ILE B 630 -28.97 -19.22 2.87
CA ILE B 630 -29.47 -18.59 1.64
C ILE B 630 -28.95 -17.16 1.54
N GLU B 631 -28.35 -16.81 0.41
CA GLU B 631 -27.93 -15.45 0.15
C GLU B 631 -28.64 -14.92 -1.09
N GLU B 632 -29.35 -13.82 -0.93
CA GLU B 632 -30.05 -13.21 -2.04
C GLU B 632 -29.04 -12.60 -3.02
N VAL B 633 -29.21 -12.90 -4.30
CA VAL B 633 -28.49 -12.18 -5.36
C VAL B 633 -29.43 -11.05 -5.76
N PRO B 634 -28.99 -9.81 -5.56
CA PRO B 634 -29.85 -8.65 -5.80
C PRO B 634 -29.73 -8.11 -7.19
N GLY B 635 -30.70 -7.27 -7.54
CA GLY B 635 -30.76 -6.62 -8.82
C GLY B 635 -31.65 -7.35 -9.80
N GLU B 636 -31.64 -6.87 -11.05
CA GLU B 636 -32.32 -7.54 -12.15
C GLU B 636 -31.72 -8.93 -12.36
N PHE B 637 -32.58 -9.89 -12.71
CA PHE B 637 -32.15 -11.28 -12.88
C PHE B 637 -31.27 -11.45 -14.09
N MET B 638 -30.17 -12.18 -13.88
CA MET B 638 -29.15 -12.33 -14.91
C MET B 638 -28.69 -13.77 -15.02
N GLN B 639 -28.65 -14.28 -16.24
CA GLN B 639 -28.13 -15.61 -16.49
C GLN B 639 -26.73 -15.81 -15.94
N GLU B 640 -25.92 -14.76 -15.98
CA GLU B 640 -24.54 -14.78 -15.48
C GLU B 640 -24.43 -15.11 -14.00
N ASP B 641 -25.47 -14.79 -13.24
CA ASP B 641 -25.49 -15.05 -11.79
C ASP B 641 -25.76 -16.51 -11.48
N LEU B 642 -26.25 -17.26 -12.46
CA LEU B 642 -26.54 -18.67 -12.32
C LEU B 642 -25.24 -19.44 -12.45
N ALA B 643 -24.54 -19.60 -11.33
CA ALA B 643 -23.21 -20.22 -11.32
C ALA B 643 -23.33 -21.72 -11.55
N THR B 644 -22.53 -22.26 -12.46
CA THR B 644 -22.74 -23.65 -12.86
C THR B 644 -22.40 -24.63 -11.74
N ASP B 645 -21.83 -24.15 -10.64
CA ASP B 645 -21.50 -25.05 -9.52
C ASP B 645 -22.33 -24.77 -8.28
N ASP B 646 -23.41 -24.03 -8.47
CA ASP B 646 -24.29 -23.63 -7.39
C ASP B 646 -25.65 -24.29 -7.54
N VAL B 647 -26.40 -24.32 -6.44
CA VAL B 647 -27.83 -24.55 -6.46
C VAL B 647 -28.49 -23.21 -6.17
N MET B 648 -29.37 -22.76 -7.05
CA MET B 648 -30.08 -21.49 -6.91
C MET B 648 -31.57 -21.68 -6.65
N LEU B 649 -32.20 -20.65 -6.11
CA LEU B 649 -33.64 -20.62 -5.89
C LEU B 649 -34.26 -19.38 -6.52
N LEU B 650 -35.14 -19.58 -7.50
CA LEU B 650 -35.96 -18.51 -8.06
C LEU B 650 -37.33 -18.62 -7.43
N ASP B 651 -37.61 -17.71 -6.52
CA ASP B 651 -38.84 -17.68 -5.77
C ASP B 651 -39.78 -16.67 -6.39
N THR B 652 -40.42 -17.10 -7.46
CA THR B 652 -41.74 -16.61 -7.86
C THR B 652 -42.52 -16.73 -6.57
N TRP B 653 -43.66 -16.08 -6.38
CA TRP B 653 -44.39 -16.34 -5.13
C TRP B 653 -45.20 -17.63 -5.24
N ASP B 654 -45.79 -17.81 -6.41
CA ASP B 654 -46.68 -18.93 -6.76
C ASP B 654 -46.03 -20.28 -6.62
N GLN B 655 -44.71 -20.27 -6.68
CA GLN B 655 -43.91 -21.43 -7.01
C GLN B 655 -42.46 -21.12 -6.63
N VAL B 656 -41.67 -22.13 -6.27
CA VAL B 656 -40.24 -21.95 -6.04
C VAL B 656 -39.46 -22.86 -6.97
N PHE B 657 -38.84 -22.29 -7.99
CA PHE B 657 -37.87 -23.03 -8.81
C PHE B 657 -36.58 -23.27 -8.03
N VAL B 658 -35.98 -24.43 -8.22
CA VAL B 658 -34.63 -24.65 -7.75
C VAL B 658 -33.82 -25.07 -8.97
N TRP B 659 -32.90 -24.20 -9.35
CA TRP B 659 -32.08 -24.40 -10.53
C TRP B 659 -30.79 -25.05 -10.05
N VAL B 660 -30.48 -26.24 -10.54
CA VAL B 660 -29.30 -26.97 -10.08
C VAL B 660 -28.25 -26.96 -11.17
N GLY B 661 -27.08 -26.43 -10.81
CA GLY B 661 -25.95 -26.34 -11.72
C GLY B 661 -25.26 -27.66 -11.96
N LYS B 662 -24.90 -27.90 -13.20
CA LYS B 662 -24.23 -29.13 -13.64
C LYS B 662 -23.08 -29.53 -12.72
N ASP B 663 -22.19 -28.60 -12.42
CA ASP B 663 -21.02 -28.86 -11.56
C ASP B 663 -21.22 -28.64 -10.06
N SER B 664 -22.45 -28.73 -9.58
CA SER B 664 -22.70 -28.64 -8.13
C SER B 664 -22.49 -30.00 -7.49
N GLN B 665 -22.25 -30.03 -6.18
CA GLN B 665 -22.00 -31.30 -5.48
C GLN B 665 -23.24 -32.21 -5.50
N ASP B 666 -23.01 -33.52 -5.49
CA ASP B 666 -24.08 -34.52 -5.64
C ASP B 666 -25.05 -34.60 -4.46
N GLU B 667 -24.55 -34.41 -3.25
CA GLU B 667 -25.43 -34.35 -2.07
C GLU B 667 -26.39 -33.17 -2.16
N GLU B 668 -25.89 -32.03 -2.65
CA GLU B 668 -26.65 -30.78 -2.76
C GLU B 668 -27.80 -30.85 -3.77
N LYS B 669 -27.56 -31.52 -4.88
CA LYS B 669 -28.55 -31.58 -5.95
C LYS B 669 -29.53 -32.74 -5.78
N THR B 670 -29.23 -33.61 -4.81
CA THR B 670 -30.16 -34.66 -4.36
C THR B 670 -31.12 -34.05 -3.33
N GLU B 671 -30.60 -33.13 -2.52
CA GLU B 671 -31.36 -32.38 -1.53
C GLU B 671 -32.04 -31.11 -2.10
N ALA B 672 -32.17 -31.02 -3.42
CA ALA B 672 -32.74 -29.84 -4.05
C ALA B 672 -34.16 -29.53 -3.56
N LEU B 673 -35.04 -30.52 -3.60
CA LEU B 673 -36.39 -30.39 -3.05
C LEU B 673 -36.40 -30.05 -1.57
N THR B 674 -35.57 -30.74 -0.79
CA THR B 674 -35.47 -30.52 0.66
C THR B 674 -34.99 -29.09 0.96
N SER B 675 -34.08 -28.60 0.13
CA SER B 675 -33.51 -27.26 0.29
C SER B 675 -34.57 -26.22 0.05
N ALA B 676 -35.33 -26.39 -1.02
CA ALA B 676 -36.48 -25.52 -1.31
C ALA B 676 -37.49 -25.48 -0.17
N LYS B 677 -37.75 -26.63 0.46
CA LYS B 677 -38.69 -26.72 1.58
C LYS B 677 -38.18 -25.99 2.77
N ARG B 678 -36.90 -26.20 3.07
CA ARG B 678 -36.25 -25.53 4.19
C ARG B 678 -36.43 -24.04 4.01
N TYR B 679 -36.19 -23.56 2.79
CA TYR B 679 -36.33 -22.15 2.45
C TYR B 679 -37.74 -21.68 2.70
N ILE B 680 -38.71 -22.47 2.28
CA ILE B 680 -40.11 -22.11 2.41
C ILE B 680 -40.55 -22.13 3.89
N ASP B 681 -40.09 -23.12 4.64
CA ASP B 681 -40.45 -23.28 6.06
C ASP B 681 -39.79 -22.21 6.92
N THR B 682 -38.65 -21.72 6.43
CA THR B 682 -37.82 -20.74 7.12
C THR B 682 -38.28 -19.31 6.88
N ASP B 683 -39.10 -19.11 5.85
CA ASP B 683 -39.50 -17.77 5.45
C ASP B 683 -40.25 -17.04 6.60
N PRO B 684 -39.78 -15.84 6.95
CA PRO B 684 -40.45 -14.94 7.90
C PRO B 684 -41.93 -14.67 7.62
N ALA B 685 -42.33 -14.76 6.35
CA ALA B 685 -43.73 -14.55 5.97
C ALA B 685 -44.65 -15.66 6.48
N HIS B 686 -44.06 -16.72 7.04
CA HIS B 686 -44.80 -17.87 7.58
C HIS B 686 -45.76 -18.35 6.49
N ARG B 687 -45.18 -18.73 5.37
CA ARG B 687 -45.96 -18.91 4.13
C ARG B 687 -46.39 -20.36 3.88
N ASP B 688 -47.30 -20.50 2.94
CA ASP B 688 -47.94 -21.77 2.65
C ASP B 688 -46.91 -22.88 2.42
N ARG B 689 -46.90 -23.85 3.32
CA ARG B 689 -45.97 -24.97 3.28
C ARG B 689 -46.26 -25.94 2.11
N ARG B 690 -47.38 -25.71 1.43
CA ARG B 690 -47.80 -26.54 0.30
C ARG B 690 -47.33 -25.98 -1.05
N THR B 691 -46.73 -24.80 -1.01
CA THR B 691 -46.22 -24.11 -2.19
C THR B 691 -45.45 -25.07 -3.06
N PRO B 692 -45.77 -25.09 -4.35
CA PRO B 692 -45.12 -26.03 -5.26
C PRO B 692 -43.65 -25.72 -5.48
N ILE B 693 -42.86 -26.77 -5.50
CA ILE B 693 -41.43 -26.69 -5.72
C ILE B 693 -41.14 -27.34 -7.06
N THR B 694 -40.29 -26.69 -7.83
CA THR B 694 -40.02 -27.16 -9.18
C THR B 694 -38.52 -27.22 -9.42
N VAL B 695 -37.99 -28.44 -9.53
CA VAL B 695 -36.58 -28.63 -9.77
C VAL B 695 -36.27 -28.61 -11.25
N VAL B 696 -35.36 -27.71 -11.61
CA VAL B 696 -34.99 -27.42 -12.98
C VAL B 696 -33.48 -27.60 -13.11
N LYS B 697 -33.02 -28.12 -14.23
CA LYS B 697 -31.60 -28.46 -14.43
C LYS B 697 -30.94 -27.58 -15.47
N GLN B 698 -29.71 -27.19 -15.18
CA GLN B 698 -28.91 -26.32 -16.06
C GLN B 698 -28.88 -26.81 -17.50
N GLY B 699 -29.14 -25.91 -18.43
CA GLY B 699 -29.21 -26.23 -19.83
C GLY B 699 -30.55 -26.77 -20.27
N PHE B 700 -31.44 -27.02 -19.32
CA PHE B 700 -32.74 -27.66 -19.60
C PHE B 700 -33.87 -26.93 -18.86
N GLU B 701 -33.68 -25.63 -18.76
CA GLU B 701 -34.59 -24.76 -18.07
C GLU B 701 -35.85 -24.61 -18.90
N PRO B 702 -37.02 -24.67 -18.26
CA PRO B 702 -38.27 -24.47 -18.99
C PRO B 702 -38.50 -22.98 -19.26
N PRO B 703 -39.46 -22.67 -20.15
CA PRO B 703 -39.79 -21.27 -20.48
C PRO B 703 -40.24 -20.44 -19.28
N SER B 704 -41.00 -21.04 -18.38
CA SER B 704 -41.52 -20.31 -17.22
C SER B 704 -40.42 -19.91 -16.24
N PHE B 705 -39.24 -20.47 -16.42
CA PHE B 705 -38.05 -20.08 -15.69
C PHE B 705 -37.23 -19.04 -16.45
N VAL B 706 -36.87 -19.33 -17.69
CA VAL B 706 -36.01 -18.44 -18.49
C VAL B 706 -36.72 -17.15 -18.85
N GLY B 707 -38.04 -17.21 -18.83
CA GLY B 707 -38.86 -16.04 -19.11
C GLY B 707 -38.71 -14.89 -18.14
N TRP B 708 -38.12 -15.15 -16.96
CA TRP B 708 -37.82 -14.10 -16.00
C TRP B 708 -36.49 -13.39 -16.23
N PHE B 709 -35.68 -13.92 -17.15
CA PHE B 709 -34.34 -13.39 -17.42
C PHE B 709 -34.31 -12.73 -18.79
N LEU B 710 -34.28 -11.41 -18.82
CA LEU B 710 -34.43 -10.66 -20.08
C LEU B 710 -33.52 -11.13 -21.21
N GLY B 711 -32.23 -11.23 -20.95
CA GLY B 711 -31.29 -11.60 -21.99
C GLY B 711 -30.91 -13.06 -22.05
N TRP B 712 -31.87 -13.96 -21.87
CA TRP B 712 -31.55 -15.39 -21.86
C TRP B 712 -30.99 -15.82 -23.19
N ASP B 713 -29.90 -16.58 -23.13
CA ASP B 713 -29.17 -17.01 -24.29
C ASP B 713 -28.96 -18.53 -24.18
N ASP B 714 -29.54 -19.27 -25.13
CA ASP B 714 -29.47 -20.73 -25.13
C ASP B 714 -28.05 -21.26 -25.28
N SER B 715 -27.21 -20.50 -25.96
CA SER B 715 -25.82 -20.86 -26.22
C SER B 715 -24.85 -20.38 -25.15
N TYR B 716 -25.34 -19.64 -24.17
CA TYR B 716 -24.47 -19.04 -23.15
C TYR B 716 -23.43 -20.01 -22.58
N TRP B 717 -23.82 -21.24 -22.29
CA TRP B 717 -22.87 -22.20 -21.70
C TRP B 717 -22.13 -23.03 -22.74
N SER B 718 -22.63 -23.01 -23.98
CA SER B 718 -21.98 -23.66 -25.12
C SER B 718 -20.51 -23.28 -25.25
N VAL B 719 -20.19 -22.04 -24.90
CA VAL B 719 -18.79 -21.59 -24.76
C VAL B 719 -18.59 -21.11 -23.32
N ASP B 720 -17.67 -21.75 -22.61
CA ASP B 720 -17.37 -21.43 -21.20
C ASP B 720 -17.33 -19.92 -20.97
N PRO B 721 -18.15 -19.41 -20.06
CA PRO B 721 -18.43 -17.96 -19.98
C PRO B 721 -17.20 -17.09 -19.65
N LEU B 722 -16.27 -17.62 -18.87
CA LEU B 722 -15.02 -16.95 -18.55
C LEU B 722 -14.13 -16.75 -19.77
N ASP B 723 -13.98 -17.78 -20.60
CA ASP B 723 -13.17 -17.72 -21.82
C ASP B 723 -13.71 -16.67 -22.80
N ARG B 724 -15.01 -16.49 -22.81
CA ARG B 724 -15.65 -15.49 -23.66
C ARG B 724 -15.37 -14.08 -23.15
N ALA B 725 -15.47 -13.90 -21.84
CA ALA B 725 -15.25 -12.61 -21.20
C ALA B 725 -13.82 -12.16 -21.46
N LEU B 726 -12.90 -13.10 -21.35
CA LEU B 726 -11.47 -12.88 -21.56
C LEU B 726 -11.15 -12.59 -23.01
N ALA B 727 -11.96 -13.14 -23.90
CA ALA B 727 -11.81 -12.90 -25.34
C ALA B 727 -12.46 -11.57 -25.75
N GLU B 728 -12.68 -10.68 -24.78
CA GLU B 728 -13.13 -9.30 -25.03
C GLU B 728 -12.18 -8.26 -24.44
N LEU B 729 -11.46 -8.65 -23.39
CA LEU B 729 -10.50 -7.78 -22.71
C LEU B 729 -9.15 -7.72 -23.42
N ALA B 730 -8.69 -8.87 -23.88
CA ALA B 730 -7.47 -8.95 -24.67
C ALA B 730 -7.83 -9.17 -26.15
N ALA B 731 -8.86 -8.48 -26.64
CA ALA B 731 -9.47 -8.80 -27.94
C ALA B 731 -9.96 -7.59 -28.73
PG ATP C . 54.78 14.16 5.34
O1G ATP C . 55.33 14.18 6.72
O2G ATP C . 53.50 13.28 5.32
O3G ATP C . 54.45 15.58 4.85
PB ATP C . 56.16 14.09 2.91
O1B ATP C . 57.08 13.21 2.11
O2B ATP C . 56.54 15.58 2.90
O3B ATP C . 55.94 13.52 4.40
PA ATP C . 54.67 14.96 0.81
O1A ATP C . 53.94 16.26 0.92
O2A ATP C . 56.04 15.02 0.13
O3A ATP C . 54.70 14.15 2.24
O5' ATP C . 53.69 13.90 0.10
C5' ATP C . 52.40 13.85 0.72
C4' ATP C . 51.93 12.46 1.10
O4' ATP C . 50.80 12.10 0.31
C3' ATP C . 52.90 11.33 0.86
O3' ATP C . 52.57 10.27 1.75
C2' ATP C . 52.74 10.99 -0.59
O2' ATP C . 52.91 9.63 -0.87
C1' ATP C . 51.32 11.46 -0.86
N9 ATP C . 51.41 12.24 -2.10
C8 ATP C . 52.40 13.06 -2.64
N7 ATP C . 52.01 13.46 -3.87
C5 ATP C . 50.80 12.89 -4.14
C6 ATP C . 49.95 12.96 -5.23
N6 ATP C . 50.35 13.53 -6.36
N1 ATP C . 48.76 12.25 -5.17
C2 ATP C . 48.42 11.50 -4.07
N3 ATP C . 49.26 11.43 -2.99
C4 ATP C . 50.43 12.12 -3.04
PG ATP D . -53.96 -17.08 -2.60
O1G ATP D . -54.25 -18.55 -2.60
O2G ATP D . -52.66 -16.78 -1.83
O3G ATP D . -53.91 -16.45 -4.02
PB ATP D . -55.87 -15.07 -2.21
O1B ATP D . -56.65 -14.46 -1.08
O2B ATP D . -56.60 -15.10 -3.55
O3B ATP D . -55.20 -16.48 -1.77
PA ATP D . -55.09 -12.73 -3.11
O1A ATP D . -54.58 -12.58 -4.52
O2A ATP D . -56.54 -12.38 -2.83
O3A ATP D . -54.62 -14.12 -2.44
O5' ATP D . -54.12 -11.87 -2.14
C5' ATP D . -52.73 -12.13 -2.38
C4' ATP D . -51.96 -12.45 -1.11
O4' ATP D . -51.02 -11.39 -0.91
C3' ATP D . -52.77 -12.48 0.16
O3' ATP D . -52.08 -13.31 1.09
C2' ATP D . -52.87 -11.04 0.61
O2' ATP D . -52.81 -10.89 2.01
C1' ATP D . -51.63 -10.42 -0.04
N9 ATP D . -52.12 -9.17 -0.65
C8 ATP D . -53.34 -8.86 -1.24
N7 ATP D . -53.32 -7.53 -1.61
C5 ATP D . -52.11 -7.03 -1.23
C6 ATP D . -51.57 -5.78 -1.34
N6 ATP D . -52.38 -4.79 -1.73
N1 ATP D . -50.30 -5.54 -0.86
C2 ATP D . -49.60 -6.58 -0.27
N3 ATP D . -50.13 -7.83 -0.15
C4 ATP D . -51.37 -8.04 -0.62
#